data_5ML1
#
_entry.id   5ML1
#
loop_
_entity.id
_entity.type
_entity.pdbx_description
1 polymer 'Putative metallothionein'
2 non-polymer 'CADMIUM ION'
#
_entity_poly.entity_id   1
_entity_poly.type   'polypeptide(L)'
_entity_poly.pdbx_seq_one_letter_code
;GSMSSVFGAGCTDVCKQTPCGCATSGCNCTDDCKCQSCKYGAGCTDTCKQTPCGCGSGCNCKEDCRCQSCSTACKCAAGS
CKCGKGCTGPDSCKCDRSCSCK
;
_entity_poly.pdbx_strand_id   A
#
# COMPACT_ATOMS: atom_id res chain seq x y z
N GLY A 1 0.15 13.71 -8.47
CA GLY A 1 1.47 13.38 -9.08
C GLY A 1 1.81 11.90 -8.95
N SER A 2 1.01 11.06 -9.58
CA SER A 2 1.21 9.64 -9.52
C SER A 2 0.42 8.95 -10.63
N MET A 3 0.62 7.66 -10.77
CA MET A 3 -0.08 6.89 -11.80
C MET A 3 -1.52 6.63 -11.37
N SER A 4 -2.44 6.88 -12.27
CA SER A 4 -3.84 6.65 -12.01
C SER A 4 -4.16 5.18 -12.22
N SER A 5 -4.02 4.41 -11.17
CA SER A 5 -4.25 2.99 -11.24
C SER A 5 -4.91 2.51 -9.97
N VAL A 6 -5.81 1.56 -10.10
CA VAL A 6 -6.46 0.95 -8.96
C VAL A 6 -5.88 -0.44 -8.74
N PHE A 7 -5.03 -0.86 -9.68
CA PHE A 7 -4.40 -2.16 -9.62
C PHE A 7 -2.91 -2.01 -9.35
N GLY A 8 -2.27 -3.12 -9.05
CA GLY A 8 -0.85 -3.10 -8.78
C GLY A 8 -0.03 -3.60 -9.95
N ALA A 9 0.67 -4.70 -9.75
CA ALA A 9 1.53 -5.24 -10.79
C ALA A 9 1.29 -6.73 -10.96
N GLY A 10 0.15 -7.18 -10.47
CA GLY A 10 -0.19 -8.58 -10.55
C GLY A 10 -1.41 -8.90 -9.73
N CYS A 11 -2.51 -8.27 -10.07
CA CYS A 11 -3.77 -8.49 -9.38
C CYS A 11 -4.50 -9.68 -9.96
N THR A 12 -5.30 -10.32 -9.15
CA THR A 12 -6.09 -11.46 -9.60
C THR A 12 -7.32 -11.00 -10.33
N ASP A 13 -8.01 -11.92 -10.99
CA ASP A 13 -9.25 -11.60 -11.66
C ASP A 13 -10.33 -11.36 -10.62
N VAL A 14 -10.09 -11.89 -9.43
CA VAL A 14 -10.97 -11.71 -8.29
C VAL A 14 -10.96 -10.24 -7.86
N CYS A 15 -9.83 -9.58 -8.10
CA CYS A 15 -9.70 -8.16 -7.81
C CYS A 15 -10.37 -7.35 -8.91
N LYS A 16 -10.40 -7.93 -10.11
CA LYS A 16 -11.04 -7.30 -11.25
C LYS A 16 -12.56 -7.42 -11.16
N GLN A 17 -13.06 -8.13 -10.14
CA GLN A 17 -14.50 -8.30 -9.91
C GLN A 17 -15.18 -6.96 -9.61
N THR A 18 -16.48 -7.01 -9.43
CA THR A 18 -17.27 -5.83 -9.13
C THR A 18 -18.56 -6.25 -8.43
N PRO A 19 -18.65 -6.04 -7.09
CA PRO A 19 -17.59 -5.42 -6.29
C PRO A 19 -16.36 -6.32 -6.17
N CYS A 20 -15.29 -5.78 -5.64
CA CYS A 20 -14.05 -6.51 -5.51
C CYS A 20 -14.28 -7.80 -4.71
N GLY A 21 -13.91 -8.92 -5.30
CA GLY A 21 -14.19 -10.19 -4.70
C GLY A 21 -13.14 -10.66 -3.72
N CYS A 22 -12.02 -9.95 -3.64
CA CYS A 22 -10.94 -10.35 -2.72
C CYS A 22 -11.39 -10.29 -1.27
N ALA A 23 -12.46 -9.57 -1.00
CA ALA A 23 -12.99 -9.46 0.34
C ALA A 23 -13.98 -10.59 0.61
N THR A 24 -14.21 -11.40 -0.41
CA THR A 24 -15.14 -12.49 -0.32
C THR A 24 -14.44 -13.81 -0.65
N SER A 25 -13.47 -13.77 -1.54
CA SER A 25 -12.79 -14.97 -2.00
C SER A 25 -11.30 -14.98 -1.65
N GLY A 26 -10.86 -14.01 -0.87
CA GLY A 26 -9.48 -13.97 -0.48
C GLY A 26 -8.64 -13.15 -1.44
N CYS A 27 -7.62 -12.55 -0.92
CA CYS A 27 -6.73 -11.69 -1.68
C CYS A 27 -5.43 -12.41 -2.06
N ASN A 28 -4.93 -12.15 -3.27
CA ASN A 28 -3.67 -12.77 -3.76
C ASN A 28 -2.89 -11.78 -4.63
N CYS A 29 -3.07 -10.50 -4.40
CA CYS A 29 -2.44 -9.47 -5.23
C CYS A 29 -1.00 -9.15 -4.83
N THR A 30 -0.41 -8.20 -5.55
CA THR A 30 0.96 -7.79 -5.35
C THR A 30 1.07 -6.61 -4.37
N ASP A 31 2.30 -6.22 -4.07
CA ASP A 31 2.60 -5.16 -3.09
C ASP A 31 2.38 -3.76 -3.68
N ASP A 32 1.88 -3.70 -4.88
CA ASP A 32 1.64 -2.41 -5.55
C ASP A 32 0.16 -2.14 -5.72
N CYS A 33 -0.64 -3.08 -5.23
CA CYS A 33 -2.10 -3.00 -5.36
C CYS A 33 -2.66 -1.71 -4.77
N LYS A 34 -3.05 -0.78 -5.64
CA LYS A 34 -3.60 0.52 -5.24
C LYS A 34 -5.08 0.40 -4.89
N CYS A 35 -5.53 -0.80 -4.57
CA CYS A 35 -6.92 -1.02 -4.33
C CYS A 35 -7.19 -0.94 -2.84
N GLN A 36 -7.67 0.21 -2.40
CA GLN A 36 -7.94 0.47 -0.98
C GLN A 36 -9.05 -0.44 -0.42
N SER A 37 -9.65 -1.25 -1.28
CA SER A 37 -10.79 -2.06 -0.90
C SER A 37 -10.44 -3.51 -0.50
N CYS A 38 -9.54 -4.16 -1.23
CA CYS A 38 -9.28 -5.57 -0.96
C CYS A 38 -8.26 -5.78 0.15
N LYS A 39 -7.22 -4.97 0.17
CA LYS A 39 -6.14 -5.14 1.14
C LYS A 39 -6.46 -4.47 2.50
N TYR A 40 -7.65 -3.89 2.58
CA TYR A 40 -8.07 -3.20 3.79
C TYR A 40 -8.51 -4.21 4.83
N GLY A 41 -8.43 -3.83 6.09
CA GLY A 41 -8.77 -4.74 7.16
C GLY A 41 -7.53 -5.35 7.78
N ALA A 42 -6.65 -5.86 6.94
CA ALA A 42 -5.42 -6.50 7.40
C ALA A 42 -4.21 -5.65 7.06
N GLY A 43 -4.44 -4.37 6.82
CA GLY A 43 -3.35 -3.51 6.46
C GLY A 43 -3.49 -2.11 6.99
N CYS A 44 -4.69 -1.68 7.18
CA CYS A 44 -4.96 -0.30 7.55
C CYS A 44 -5.76 -0.20 8.82
N THR A 45 -6.18 0.99 9.12
CA THR A 45 -7.01 1.27 10.23
C THR A 45 -7.97 2.38 9.87
N ASP A 46 -8.98 2.57 10.68
CA ASP A 46 -10.00 3.59 10.44
C ASP A 46 -9.41 4.99 10.62
N THR A 47 -8.22 5.05 11.20
CA THR A 47 -7.54 6.30 11.43
C THR A 47 -6.71 6.74 10.19
N CYS A 48 -6.42 5.80 9.31
CA CYS A 48 -5.62 6.10 8.12
C CYS A 48 -6.49 6.65 6.99
N LYS A 49 -7.66 6.06 6.82
CA LYS A 49 -8.57 6.42 5.73
C LYS A 49 -9.29 7.75 5.97
N GLN A 50 -9.00 8.38 7.11
CA GLN A 50 -9.65 9.64 7.46
C GLN A 50 -9.47 10.69 6.36
N THR A 51 -8.32 10.63 5.69
CA THR A 51 -8.00 11.53 4.59
C THR A 51 -7.75 12.96 5.10
N PRO A 52 -6.50 13.46 4.99
CA PRO A 52 -5.39 12.72 4.40
C PRO A 52 -5.03 11.50 5.22
N CYS A 53 -4.88 11.72 6.52
CA CYS A 53 -4.54 10.65 7.43
C CYS A 53 -4.64 11.15 8.86
N GLY A 54 -5.22 10.35 9.74
CA GLY A 54 -5.31 10.73 11.12
C GLY A 54 -4.26 10.05 11.98
N CYS A 55 -3.57 9.06 11.41
CA CYS A 55 -2.53 8.36 12.14
C CYS A 55 -1.37 9.29 12.45
N GLY A 56 -0.59 9.63 11.43
CA GLY A 56 0.56 10.50 11.62
C GLY A 56 1.56 9.90 12.60
N SER A 57 1.72 10.53 13.75
CA SER A 57 2.63 10.06 14.76
C SER A 57 1.90 9.16 15.78
N GLY A 58 0.64 8.87 15.49
CA GLY A 58 -0.16 8.00 16.33
C GLY A 58 -0.92 7.00 15.48
N CYS A 59 -0.19 6.06 14.92
CA CYS A 59 -0.76 5.08 14.01
C CYS A 59 -1.38 3.89 14.73
N ASN A 60 -2.37 3.28 14.08
CA ASN A 60 -3.06 2.11 14.62
C ASN A 60 -3.33 1.10 13.53
N CYS A 61 -2.50 1.13 12.49
CA CYS A 61 -2.67 0.23 11.34
C CYS A 61 -2.20 -1.19 11.65
N LYS A 62 -2.21 -2.01 10.62
CA LYS A 62 -1.84 -3.39 10.74
C LYS A 62 -0.38 -3.58 10.32
N GLU A 63 -0.15 -3.64 9.01
CA GLU A 63 1.20 -3.82 8.46
C GLU A 63 1.15 -3.69 6.94
N ASP A 64 0.03 -4.09 6.33
CA ASP A 64 -0.19 -3.97 4.88
C ASP A 64 -0.67 -2.55 4.54
N CYS A 65 0.07 -1.56 4.99
CA CYS A 65 -0.27 -0.18 4.72
C CYS A 65 0.61 0.39 3.64
N ARG A 66 0.01 1.12 2.71
CA ARG A 66 0.73 1.66 1.57
C ARG A 66 0.86 3.17 1.67
N CYS A 67 0.65 3.67 2.85
CA CYS A 67 0.71 5.09 3.11
C CYS A 67 2.05 5.46 3.71
N GLN A 68 2.64 6.54 3.24
CA GLN A 68 3.93 6.99 3.77
C GLN A 68 3.74 8.13 4.75
N SER A 69 2.50 8.35 5.17
CA SER A 69 2.19 9.41 6.09
C SER A 69 2.30 8.91 7.52
N CYS A 70 1.89 7.67 7.76
CA CYS A 70 1.97 7.10 9.08
C CYS A 70 3.09 6.09 9.20
N SER A 71 3.36 5.37 8.11
CA SER A 71 4.44 4.41 8.08
C SER A 71 5.78 5.12 8.26
N THR A 72 6.76 4.42 8.79
CA THR A 72 8.06 5.04 9.05
C THR A 72 8.88 5.13 7.79
N ALA A 73 9.72 6.17 7.74
CA ALA A 73 10.57 6.44 6.61
C ALA A 73 11.41 5.23 6.25
N CYS A 74 11.33 4.86 5.01
CA CYS A 74 12.12 3.76 4.48
C CYS A 74 13.58 4.11 4.46
N LYS A 75 14.40 3.09 4.34
CA LYS A 75 15.83 3.30 4.23
C LYS A 75 16.24 3.46 2.78
N CYS A 76 15.26 3.74 1.94
CA CYS A 76 15.48 3.96 0.55
C CYS A 76 16.16 5.30 0.32
N ALA A 77 17.26 5.27 -0.40
CA ALA A 77 18.08 6.44 -0.66
C ALA A 77 19.28 6.04 -1.51
N ALA A 78 19.66 6.88 -2.46
CA ALA A 78 20.83 6.63 -3.31
C ALA A 78 20.77 5.26 -4.00
N GLY A 79 19.59 4.91 -4.48
CA GLY A 79 19.41 3.63 -5.16
C GLY A 79 19.20 2.46 -4.21
N SER A 80 18.61 2.73 -3.06
CA SER A 80 18.36 1.69 -2.09
C SER A 80 16.87 1.31 -2.01
N CYS A 81 16.23 1.18 -3.16
CA CYS A 81 14.85 0.70 -3.22
C CYS A 81 14.82 -0.52 -4.14
N LYS A 82 15.23 -1.65 -3.61
CA LYS A 82 15.43 -2.89 -4.38
C LYS A 82 14.15 -3.55 -4.87
N CYS A 83 13.00 -3.02 -4.53
CA CYS A 83 11.76 -3.66 -4.92
C CYS A 83 11.56 -3.55 -6.42
N GLY A 84 12.14 -2.53 -7.01
CA GLY A 84 12.05 -2.36 -8.44
C GLY A 84 11.41 -1.05 -8.81
N LYS A 85 10.78 -0.43 -7.84
CA LYS A 85 10.15 0.86 -8.06
C LYS A 85 11.24 1.90 -8.25
N GLY A 86 12.13 1.95 -7.30
CA GLY A 86 13.25 2.86 -7.37
C GLY A 86 12.89 4.24 -6.90
N CYS A 87 12.08 4.30 -5.87
CA CYS A 87 11.62 5.55 -5.31
C CYS A 87 12.75 6.22 -4.56
N THR A 88 13.57 5.40 -3.89
CA THR A 88 14.73 5.87 -3.14
C THR A 88 14.38 7.02 -2.20
N GLY A 89 13.36 6.81 -1.41
CA GLY A 89 12.91 7.83 -0.50
C GLY A 89 11.45 7.68 -0.15
N PRO A 90 11.06 7.99 1.10
CA PRO A 90 9.67 7.83 1.57
C PRO A 90 8.69 8.72 0.83
N ASP A 91 9.14 9.91 0.46
CA ASP A 91 8.30 10.88 -0.24
C ASP A 91 7.96 10.42 -1.64
N SER A 92 8.83 9.61 -2.22
CA SER A 92 8.62 9.10 -3.57
C SER A 92 8.06 7.69 -3.51
N CYS A 93 8.14 7.09 -2.34
CA CYS A 93 7.70 5.72 -2.13
C CYS A 93 6.19 5.60 -2.24
N LYS A 94 5.76 4.56 -2.90
CA LYS A 94 4.33 4.27 -3.03
C LYS A 94 4.08 2.79 -2.74
N CYS A 95 5.00 2.21 -1.96
CA CYS A 95 4.94 0.79 -1.60
C CYS A 95 4.31 0.61 -0.21
N ASP A 96 4.30 -0.62 0.30
CA ASP A 96 3.74 -0.89 1.63
C ASP A 96 4.83 -1.18 2.66
N ARG A 97 4.40 -1.47 3.89
CA ARG A 97 5.32 -1.65 5.02
C ARG A 97 5.90 -3.06 5.07
N SER A 98 5.49 -3.89 4.17
CA SER A 98 5.97 -5.24 4.10
C SER A 98 6.44 -5.56 2.69
N CYS A 99 6.90 -4.53 1.98
CA CYS A 99 7.35 -4.67 0.62
C CYS A 99 8.79 -5.20 0.58
N SER A 100 9.39 -5.20 -0.60
CA SER A 100 10.74 -5.68 -0.76
C SER A 100 11.74 -4.68 -0.18
N CYS A 101 11.46 -3.39 -0.35
CA CYS A 101 12.34 -2.35 0.17
C CYS A 101 12.25 -2.27 1.69
N LYS A 102 11.02 -2.28 2.19
CA LYS A 102 10.75 -2.19 3.60
C LYS A 102 10.12 -3.48 4.09
N GLY A 1 14.85 -11.36 -8.13
CA GLY A 1 13.72 -11.71 -7.19
C GLY A 1 13.60 -10.71 -6.05
N SER A 2 13.82 -9.44 -6.34
CA SER A 2 13.74 -8.41 -5.32
C SER A 2 12.29 -8.14 -4.94
N MET A 3 11.40 -8.30 -5.91
CA MET A 3 9.98 -8.09 -5.67
C MET A 3 9.15 -9.04 -6.52
N SER A 4 8.00 -9.39 -6.02
CA SER A 4 7.10 -10.28 -6.70
C SER A 4 6.08 -9.47 -7.49
N SER A 5 5.39 -10.11 -8.42
CA SER A 5 4.35 -9.46 -9.17
C SER A 5 3.18 -9.16 -8.25
N VAL A 6 2.68 -7.93 -8.32
CA VAL A 6 1.60 -7.52 -7.44
C VAL A 6 0.26 -8.14 -7.87
N PHE A 7 0.01 -8.19 -9.16
CA PHE A 7 -1.22 -8.75 -9.66
C PHE A 7 -1.12 -10.25 -9.81
N GLY A 8 -2.23 -10.91 -9.57
CA GLY A 8 -2.28 -12.34 -9.68
C GLY A 8 -2.55 -12.80 -11.09
N ALA A 9 -3.50 -13.70 -11.23
CA ALA A 9 -3.83 -14.26 -12.52
C ALA A 9 -5.26 -13.92 -12.89
N GLY A 10 -5.91 -13.19 -12.00
CA GLY A 10 -7.27 -12.81 -12.22
C GLY A 10 -7.68 -11.68 -11.32
N CYS A 11 -6.95 -10.58 -11.39
CA CYS A 11 -7.28 -9.42 -10.59
C CYS A 11 -8.36 -8.61 -11.26
N THR A 12 -9.02 -7.79 -10.49
CA THR A 12 -10.05 -6.93 -11.00
C THR A 12 -9.41 -5.69 -11.61
N ASP A 13 -10.20 -4.92 -12.31
CA ASP A 13 -9.74 -3.66 -12.85
C ASP A 13 -9.75 -2.63 -11.74
N VAL A 14 -10.35 -3.03 -10.64
CA VAL A 14 -10.44 -2.21 -9.46
C VAL A 14 -9.16 -2.36 -8.63
N CYS A 15 -8.46 -3.47 -8.86
CA CYS A 15 -7.22 -3.75 -8.17
C CYS A 15 -6.08 -2.94 -8.78
N LYS A 16 -6.29 -2.53 -10.03
CA LYS A 16 -5.30 -1.72 -10.74
C LYS A 16 -5.43 -0.26 -10.31
N GLN A 17 -6.39 -0.01 -9.42
CA GLN A 17 -6.56 1.32 -8.85
C GLN A 17 -5.46 1.59 -7.85
N THR A 18 -5.34 2.83 -7.46
CA THR A 18 -4.35 3.22 -6.48
C THR A 18 -4.76 4.58 -5.89
N PRO A 19 -5.21 4.61 -4.63
CA PRO A 19 -5.25 3.43 -3.74
C PRO A 19 -6.18 2.37 -4.27
N CYS A 20 -5.83 1.13 -3.99
CA CYS A 20 -6.59 0.00 -4.46
C CYS A 20 -8.06 0.18 -4.15
N GLY A 21 -8.87 0.09 -5.19
CA GLY A 21 -10.26 0.35 -5.07
C GLY A 21 -11.04 -0.77 -4.44
N CYS A 22 -10.44 -1.93 -4.32
CA CYS A 22 -11.12 -3.09 -3.73
C CYS A 22 -11.46 -2.85 -2.26
N ALA A 23 -10.87 -1.82 -1.68
CA ALA A 23 -11.13 -1.47 -0.30
C ALA A 23 -12.40 -0.64 -0.16
N THR A 24 -12.89 -0.11 -1.27
CA THR A 24 -14.07 0.71 -1.25
C THR A 24 -15.13 0.23 -2.26
N SER A 25 -14.70 -0.52 -3.26
CA SER A 25 -15.60 -0.98 -4.30
C SER A 25 -15.75 -2.50 -4.25
N GLY A 26 -15.16 -3.12 -3.24
CA GLY A 26 -15.26 -4.55 -3.10
C GLY A 26 -14.19 -5.28 -3.87
N CYS A 27 -13.77 -6.41 -3.33
CA CYS A 27 -12.76 -7.22 -3.97
C CYS A 27 -13.41 -8.36 -4.75
N ASN A 28 -12.72 -8.83 -5.78
CA ASN A 28 -13.22 -9.94 -6.60
C ASN A 28 -12.04 -10.66 -7.27
N CYS A 29 -10.85 -10.44 -6.76
CA CYS A 29 -9.65 -11.05 -7.33
C CYS A 29 -9.53 -12.50 -6.93
N THR A 30 -8.69 -13.24 -7.63
CA THR A 30 -8.44 -14.61 -7.30
C THR A 30 -7.35 -14.70 -6.24
N ASP A 31 -7.15 -15.89 -5.67
CA ASP A 31 -6.14 -16.08 -4.61
C ASP A 31 -4.74 -15.81 -5.12
N ASP A 32 -4.55 -15.85 -6.43
CA ASP A 32 -3.25 -15.63 -7.02
C ASP A 32 -2.83 -14.16 -6.84
N CYS A 33 -3.79 -13.32 -6.45
CA CYS A 33 -3.54 -11.92 -6.19
C CYS A 33 -2.53 -11.76 -5.05
N LYS A 34 -1.45 -11.05 -5.32
CA LYS A 34 -0.40 -10.85 -4.33
C LYS A 34 -0.38 -9.40 -3.87
N CYS A 35 -1.47 -8.71 -4.09
CA CYS A 35 -1.56 -7.32 -3.73
C CYS A 35 -1.88 -7.15 -2.25
N GLN A 36 -0.98 -6.48 -1.54
CA GLN A 36 -1.15 -6.24 -0.11
C GLN A 36 -2.16 -5.12 0.13
N SER A 37 -2.54 -4.44 -0.93
CA SER A 37 -3.41 -3.30 -0.83
C SER A 37 -4.88 -3.70 -0.68
N CYS A 38 -5.34 -4.70 -1.45
CA CYS A 38 -6.72 -5.12 -1.33
C CYS A 38 -6.84 -6.22 -0.28
N LYS A 39 -5.69 -6.71 0.17
CA LYS A 39 -5.64 -7.71 1.24
C LYS A 39 -5.41 -7.03 2.58
N TYR A 40 -5.75 -5.73 2.64
CA TYR A 40 -5.54 -4.94 3.84
C TYR A 40 -6.33 -5.51 5.03
N GLY A 41 -5.95 -5.09 6.22
CA GLY A 41 -6.55 -5.61 7.42
C GLY A 41 -5.49 -6.33 8.22
N ALA A 42 -4.65 -7.05 7.51
CA ALA A 42 -3.50 -7.71 8.10
C ALA A 42 -2.31 -6.75 8.08
N GLY A 43 -2.63 -5.50 7.78
CA GLY A 43 -1.63 -4.48 7.68
C GLY A 43 -2.14 -3.13 8.14
N CYS A 44 -3.36 -3.10 8.67
CA CYS A 44 -3.99 -1.83 9.02
C CYS A 44 -4.68 -1.90 10.35
N THR A 45 -5.41 -0.85 10.65
CA THR A 45 -6.15 -0.74 11.86
C THR A 45 -7.38 0.14 11.60
N ASP A 46 -8.27 0.22 12.57
CA ASP A 46 -9.48 1.02 12.45
C ASP A 46 -9.13 2.52 12.45
N THR A 47 -7.95 2.83 12.92
CA THR A 47 -7.49 4.19 13.01
C THR A 47 -6.93 4.70 11.65
N CYS A 48 -6.58 3.78 10.77
CA CYS A 48 -6.03 4.16 9.47
C CYS A 48 -7.13 4.40 8.44
N LYS A 49 -8.23 3.67 8.59
CA LYS A 49 -9.35 3.77 7.66
C LYS A 49 -10.22 5.00 7.94
N GLN A 50 -9.76 5.86 8.82
CA GLN A 50 -10.50 7.06 9.17
C GLN A 50 -10.31 8.12 8.10
N THR A 51 -10.90 9.28 8.33
CA THR A 51 -10.81 10.37 7.39
C THR A 51 -10.38 11.66 8.10
N PRO A 52 -9.23 12.24 7.70
CA PRO A 52 -8.38 11.70 6.64
C PRO A 52 -7.64 10.45 7.09
N CYS A 53 -7.18 10.46 8.34
CA CYS A 53 -6.48 9.34 8.92
C CYS A 53 -6.18 9.62 10.39
N GLY A 54 -6.51 8.68 11.25
CA GLY A 54 -6.27 8.86 12.66
C GLY A 54 -4.86 8.48 13.06
N CYS A 55 -4.24 7.60 12.27
CA CYS A 55 -2.88 7.15 12.54
C CYS A 55 -1.86 8.27 12.37
N GLY A 56 -2.31 9.41 11.88
CA GLY A 56 -1.45 10.56 11.75
C GLY A 56 -1.12 11.15 13.11
N SER A 57 -1.94 10.83 14.11
CA SER A 57 -1.72 11.28 15.47
C SER A 57 -1.48 10.08 16.39
N GLY A 58 -1.43 8.89 15.82
CA GLY A 58 -1.22 7.68 16.58
C GLY A 58 -1.53 6.44 15.77
N CYS A 59 -0.50 5.90 15.13
CA CYS A 59 -0.65 4.72 14.29
C CYS A 59 -0.85 3.45 15.13
N ASN A 60 -1.62 2.52 14.62
CA ASN A 60 -1.91 1.29 15.34
C ASN A 60 -2.07 0.13 14.35
N CYS A 61 -1.48 0.27 13.16
CA CYS A 61 -1.58 -0.75 12.12
C CYS A 61 -0.81 -2.01 12.45
N LYS A 62 -0.72 -2.91 11.48
CA LYS A 62 -0.03 -4.16 11.67
C LYS A 62 1.37 -4.08 11.10
N GLU A 63 1.46 -4.16 9.77
CA GLU A 63 2.72 -4.12 9.07
C GLU A 63 2.50 -3.93 7.57
N ASP A 64 1.53 -4.65 7.03
CA ASP A 64 1.19 -4.56 5.61
C ASP A 64 0.39 -3.29 5.31
N CYS A 65 0.93 -2.17 5.70
CA CYS A 65 0.28 -0.90 5.44
C CYS A 65 0.98 -0.14 4.34
N ARG A 66 0.24 0.20 3.32
CA ARG A 66 0.76 0.95 2.18
C ARG A 66 0.24 2.37 2.18
N CYS A 67 -0.17 2.83 3.34
CA CYS A 67 -0.64 4.19 3.47
C CYS A 67 0.52 5.13 3.59
N GLN A 68 0.48 6.22 2.87
CA GLN A 68 1.56 7.18 2.89
C GLN A 68 1.28 8.31 3.88
N SER A 69 0.22 8.18 4.64
CA SER A 69 -0.16 9.19 5.58
C SER A 69 0.44 8.93 6.96
N CYS A 70 0.46 7.68 7.38
CA CYS A 70 0.98 7.36 8.70
C CYS A 70 2.27 6.55 8.64
N SER A 71 2.66 6.12 7.46
CA SER A 71 3.89 5.37 7.28
C SER A 71 5.12 6.22 7.63
N THR A 72 6.24 5.55 7.82
CA THR A 72 7.48 6.20 8.20
C THR A 72 8.07 7.01 7.04
N ALA A 73 9.02 7.86 7.35
CA ALA A 73 9.66 8.68 6.35
C ALA A 73 10.51 7.82 5.44
N CYS A 74 10.08 7.71 4.20
CA CYS A 74 10.76 6.93 3.19
C CYS A 74 12.12 7.58 2.86
N LYS A 75 13.10 6.77 2.50
CA LYS A 75 14.44 7.28 2.19
C LYS A 75 14.56 7.70 0.73
N CYS A 76 13.53 7.49 0.00
CA CYS A 76 13.50 7.89 -1.37
C CYS A 76 13.21 9.38 -1.45
N ALA A 77 13.93 10.08 -2.32
CA ALA A 77 13.78 11.54 -2.44
C ALA A 77 14.57 12.06 -3.62
N ALA A 78 14.17 13.22 -4.13
CA ALA A 78 14.85 13.87 -5.26
C ALA A 78 15.05 12.92 -6.43
N GLY A 79 13.95 12.34 -6.90
CA GLY A 79 14.02 11.40 -8.01
C GLY A 79 14.88 10.20 -7.70
N SER A 80 14.75 9.66 -6.50
CA SER A 80 15.56 8.52 -6.11
C SER A 80 14.71 7.45 -5.43
N CYS A 81 14.25 6.51 -6.22
CA CYS A 81 13.51 5.37 -5.73
C CYS A 81 14.24 4.08 -6.14
N LYS A 82 14.16 3.05 -5.32
CA LYS A 82 14.82 1.79 -5.63
C LYS A 82 13.82 0.64 -5.70
N CYS A 83 12.57 0.99 -5.86
CA CYS A 83 11.52 0.00 -6.00
C CYS A 83 11.11 -0.13 -7.47
N GLY A 84 10.82 1.00 -8.09
CA GLY A 84 10.41 0.99 -9.47
C GLY A 84 9.26 1.92 -9.75
N LYS A 85 8.46 2.17 -8.71
CA LYS A 85 7.31 3.07 -8.84
C LYS A 85 7.79 4.47 -9.14
N GLY A 86 8.63 4.94 -8.27
CA GLY A 86 9.14 6.27 -8.37
C GLY A 86 8.37 7.20 -7.49
N CYS A 87 8.31 6.87 -6.22
CA CYS A 87 7.55 7.66 -5.25
C CYS A 87 8.35 8.87 -4.82
N THR A 88 9.67 8.66 -4.70
CA THR A 88 10.61 9.69 -4.31
C THR A 88 10.24 10.33 -2.97
N GLY A 89 9.68 9.53 -2.08
CA GLY A 89 9.32 10.00 -0.78
C GLY A 89 7.99 9.48 -0.31
N PRO A 90 7.72 9.52 1.01
CA PRO A 90 6.45 9.05 1.59
C PRO A 90 5.28 9.90 1.11
N ASP A 91 5.59 11.07 0.56
CA ASP A 91 4.57 11.97 0.03
C ASP A 91 3.79 11.30 -1.09
N SER A 92 4.45 10.43 -1.82
CA SER A 92 3.81 9.76 -2.95
C SER A 92 4.08 8.24 -2.91
N CYS A 93 4.45 7.73 -1.74
CA CYS A 93 4.72 6.31 -1.59
C CYS A 93 3.42 5.54 -1.42
N LYS A 94 2.96 4.95 -2.50
CA LYS A 94 1.73 4.17 -2.48
C LYS A 94 2.06 2.71 -2.16
N CYS A 95 3.22 2.50 -1.57
CA CYS A 95 3.72 1.18 -1.25
C CYS A 95 3.68 0.92 0.24
N ASP A 96 3.72 -0.35 0.59
CA ASP A 96 3.74 -0.78 1.96
C ASP A 96 5.00 -0.33 2.66
N ARG A 97 4.94 -0.26 3.96
CA ARG A 97 6.04 0.22 4.77
C ARG A 97 7.19 -0.79 4.79
N SER A 98 6.93 -1.95 4.31
CA SER A 98 7.91 -3.00 4.28
C SER A 98 8.15 -3.41 2.83
N CYS A 99 8.13 -2.44 1.93
CA CYS A 99 8.27 -2.72 0.51
C CYS A 99 9.75 -2.78 0.08
N SER A 100 9.98 -2.85 -1.24
CA SER A 100 11.32 -2.97 -1.80
C SER A 100 12.11 -1.70 -1.56
N CYS A 101 11.43 -0.57 -1.51
CA CYS A 101 12.08 0.68 -1.21
C CYS A 101 11.99 0.94 0.29
N LYS A 102 10.86 0.59 0.86
CA LYS A 102 10.61 0.74 2.26
C LYS A 102 11.03 -0.49 3.04
N GLY A 1 11.88 -10.38 -16.41
CA GLY A 1 12.97 -11.07 -15.65
C GLY A 1 12.56 -11.37 -14.21
N SER A 2 12.00 -10.37 -13.55
CA SER A 2 11.57 -10.53 -12.17
C SER A 2 10.20 -9.87 -11.96
N MET A 3 9.20 -10.70 -11.69
CA MET A 3 7.84 -10.21 -11.47
C MET A 3 7.12 -11.05 -10.44
N SER A 4 6.09 -10.48 -9.86
CA SER A 4 5.29 -11.17 -8.87
C SER A 4 3.82 -11.11 -9.26
N SER A 5 3.12 -12.21 -9.10
CA SER A 5 1.72 -12.26 -9.42
C SER A 5 0.88 -11.69 -8.31
N VAL A 6 0.61 -10.39 -8.41
CA VAL A 6 -0.21 -9.71 -7.43
C VAL A 6 -1.68 -10.04 -7.68
N PHE A 7 -2.00 -10.41 -8.90
CA PHE A 7 -3.35 -10.76 -9.26
C PHE A 7 -3.55 -12.26 -9.16
N GLY A 8 -4.78 -12.66 -8.93
CA GLY A 8 -5.09 -14.07 -8.86
C GLY A 8 -5.47 -14.60 -10.21
N ALA A 9 -6.66 -14.24 -10.64
CA ALA A 9 -7.19 -14.65 -11.91
C ALA A 9 -8.42 -13.84 -12.21
N GLY A 10 -9.38 -13.90 -11.30
CA GLY A 10 -10.61 -13.16 -11.48
C GLY A 10 -10.60 -11.85 -10.73
N CYS A 11 -9.53 -11.09 -10.90
CA CYS A 11 -9.42 -9.79 -10.26
C CYS A 11 -10.21 -8.78 -11.07
N THR A 12 -10.79 -7.83 -10.39
CA THR A 12 -11.59 -6.82 -11.06
C THR A 12 -10.74 -5.65 -11.53
N ASP A 13 -11.35 -4.78 -12.33
CA ASP A 13 -10.69 -3.55 -12.79
C ASP A 13 -10.43 -2.66 -11.60
N VAL A 14 -11.23 -2.86 -10.57
CA VAL A 14 -11.12 -2.11 -9.34
C VAL A 14 -9.85 -2.52 -8.58
N CYS A 15 -9.40 -3.75 -8.80
CA CYS A 15 -8.21 -4.26 -8.16
C CYS A 15 -6.98 -3.71 -8.88
N LYS A 16 -7.15 -3.41 -10.16
CA LYS A 16 -6.06 -2.89 -10.99
C LYS A 16 -5.95 -1.37 -10.83
N GLN A 17 -6.69 -0.83 -9.86
CA GLN A 17 -6.65 0.61 -9.58
C GLN A 17 -5.38 0.98 -8.84
N THR A 18 -5.23 2.25 -8.55
CA THR A 18 -4.06 2.77 -7.86
C THR A 18 -4.41 4.09 -7.14
N PRO A 19 -4.60 4.05 -5.80
CA PRO A 19 -4.52 2.82 -5.01
C PRO A 19 -5.67 1.87 -5.32
N CYS A 20 -5.52 0.62 -4.91
CA CYS A 20 -6.53 -0.40 -5.13
C CYS A 20 -7.88 0.07 -4.64
N GLY A 21 -8.87 0.06 -5.52
CA GLY A 21 -10.14 0.59 -5.18
C GLY A 21 -11.01 -0.38 -4.42
N CYS A 22 -10.62 -1.65 -4.38
CA CYS A 22 -11.41 -2.64 -3.64
C CYS A 22 -11.44 -2.31 -2.15
N ALA A 23 -10.40 -1.63 -1.68
CA ALA A 23 -10.29 -1.29 -0.26
C ALA A 23 -11.00 0.01 0.04
N THR A 24 -11.65 0.55 -0.96
CA THR A 24 -12.36 1.78 -0.83
C THR A 24 -13.80 1.63 -1.37
N SER A 25 -13.94 0.84 -2.41
CA SER A 25 -15.23 0.67 -3.07
C SER A 25 -15.80 -0.75 -2.89
N GLY A 26 -15.02 -1.64 -2.29
CA GLY A 26 -15.49 -2.99 -2.10
C GLY A 26 -14.79 -3.98 -3.00
N CYS A 27 -14.57 -5.17 -2.51
CA CYS A 27 -13.89 -6.21 -3.27
C CYS A 27 -14.89 -7.10 -4.00
N ASN A 28 -14.44 -7.70 -5.10
CA ASN A 28 -15.28 -8.60 -5.88
C ASN A 28 -14.40 -9.65 -6.57
N CYS A 29 -13.19 -9.83 -6.07
CA CYS A 29 -12.26 -10.79 -6.64
C CYS A 29 -12.54 -12.20 -6.15
N THR A 30 -11.88 -13.15 -6.76
CA THR A 30 -12.00 -14.53 -6.36
C THR A 30 -10.93 -14.84 -5.33
N ASP A 31 -10.97 -16.04 -4.77
CA ASP A 31 -10.01 -16.44 -3.74
C ASP A 31 -8.65 -16.79 -4.33
N ASP A 32 -8.48 -16.46 -5.60
CA ASP A 32 -7.23 -16.69 -6.29
C ASP A 32 -6.36 -15.47 -6.14
N CYS A 33 -6.99 -14.37 -5.74
CA CYS A 33 -6.33 -13.08 -5.61
C CYS A 33 -5.18 -13.11 -4.61
N LYS A 34 -4.09 -12.44 -4.97
CA LYS A 34 -2.89 -12.39 -4.14
C LYS A 34 -2.57 -10.95 -3.73
N CYS A 35 -3.47 -10.03 -4.01
CA CYS A 35 -3.22 -8.64 -3.74
C CYS A 35 -3.28 -8.31 -2.27
N GLN A 36 -2.29 -7.61 -1.78
CA GLN A 36 -2.22 -7.21 -0.38
C GLN A 36 -2.93 -5.87 -0.19
N SER A 37 -3.55 -5.38 -1.24
CA SER A 37 -4.21 -4.10 -1.22
C SER A 37 -5.69 -4.23 -0.90
N CYS A 38 -6.39 -5.06 -1.66
CA CYS A 38 -7.82 -5.23 -1.47
C CYS A 38 -8.10 -6.15 -0.31
N LYS A 39 -7.23 -7.12 -0.12
CA LYS A 39 -7.33 -8.06 0.97
C LYS A 39 -6.70 -7.47 2.22
N TYR A 40 -7.06 -6.23 2.52
CA TYR A 40 -6.53 -5.53 3.67
C TYR A 40 -6.95 -6.20 4.98
N GLY A 41 -6.13 -6.04 5.98
CA GLY A 41 -6.37 -6.66 7.26
C GLY A 41 -5.08 -7.16 7.85
N ALA A 42 -4.23 -7.68 6.99
CA ALA A 42 -2.91 -8.16 7.39
C ALA A 42 -1.88 -7.06 7.22
N GLY A 43 -2.36 -5.83 7.08
CA GLY A 43 -1.48 -4.72 6.87
C GLY A 43 -1.96 -3.42 7.48
N CYS A 44 -3.18 -3.40 7.97
CA CYS A 44 -3.79 -2.16 8.46
C CYS A 44 -4.43 -2.31 9.81
N THR A 45 -5.01 -1.22 10.28
CA THR A 45 -5.71 -1.16 11.51
C THR A 45 -6.94 -0.26 11.35
N ASP A 46 -7.75 -0.16 12.38
CA ASP A 46 -8.97 0.64 12.35
C ASP A 46 -8.64 2.14 12.36
N THR A 47 -7.45 2.47 12.78
CA THR A 47 -7.05 3.85 12.91
C THR A 47 -6.57 4.45 11.57
N CYS A 48 -6.04 3.61 10.68
CA CYS A 48 -5.50 4.07 9.40
C CYS A 48 -6.62 4.42 8.41
N LYS A 49 -7.71 3.68 8.47
CA LYS A 49 -8.83 3.84 7.53
C LYS A 49 -9.54 5.18 7.74
N GLN A 50 -9.14 5.92 8.76
CA GLN A 50 -9.74 7.18 9.07
C GLN A 50 -9.26 8.25 8.13
N THR A 51 -9.92 9.39 8.16
CA THR A 51 -9.57 10.50 7.32
C THR A 51 -9.23 11.74 8.16
N PRO A 52 -8.09 12.38 7.85
CA PRO A 52 -7.17 11.95 6.79
C PRO A 52 -6.50 10.63 7.13
N CYS A 53 -6.17 10.48 8.40
CA CYS A 53 -5.61 9.26 8.92
C CYS A 53 -5.45 9.39 10.42
N GLY A 54 -5.98 8.43 11.16
CA GLY A 54 -5.86 8.47 12.59
C GLY A 54 -4.48 8.03 13.06
N CYS A 55 -3.84 7.16 12.29
CA CYS A 55 -2.52 6.62 12.64
C CYS A 55 -1.45 7.69 12.71
N GLY A 56 -1.72 8.85 12.14
CA GLY A 56 -0.79 9.95 12.22
C GLY A 56 -0.56 10.38 13.66
N SER A 57 -1.52 10.08 14.51
CA SER A 57 -1.44 10.43 15.93
C SER A 57 -1.37 9.15 16.79
N GLY A 58 -1.08 8.02 16.14
CA GLY A 58 -1.02 6.76 16.86
C GLY A 58 -1.29 5.58 15.96
N CYS A 59 -0.24 5.08 15.33
CA CYS A 59 -0.36 3.95 14.41
C CYS A 59 -0.45 2.63 15.17
N ASN A 60 -1.15 1.67 14.58
CA ASN A 60 -1.31 0.34 15.17
C ASN A 60 -1.55 -0.69 14.06
N CYS A 61 -1.01 -0.40 12.87
CA CYS A 61 -1.16 -1.29 11.71
C CYS A 61 -0.38 -2.59 11.87
N LYS A 62 -0.31 -3.36 10.80
CA LYS A 62 0.36 -4.65 10.84
C LYS A 62 1.76 -4.51 10.23
N GLU A 63 1.81 -4.46 8.90
CA GLU A 63 3.06 -4.30 8.19
C GLU A 63 2.78 -4.08 6.70
N ASP A 64 1.78 -4.74 6.19
CA ASP A 64 1.41 -4.61 4.78
C ASP A 64 0.55 -3.38 4.53
N CYS A 65 0.96 -2.26 5.09
CA CYS A 65 0.24 -1.01 4.92
C CYS A 65 0.75 -0.28 3.69
N ARG A 66 -0.17 0.25 2.91
CA ARG A 66 0.16 0.96 1.70
C ARG A 66 0.11 2.46 1.94
N CYS A 67 0.14 2.85 3.20
CA CYS A 67 0.08 4.24 3.56
C CYS A 67 1.41 4.71 4.13
N GLN A 68 2.02 5.64 3.45
CA GLN A 68 3.28 6.20 3.90
C GLN A 68 3.05 7.41 4.77
N SER A 69 1.80 7.65 5.10
CA SER A 69 1.44 8.76 5.94
C SER A 69 1.67 8.39 7.39
N CYS A 70 1.56 7.11 7.70
CA CYS A 70 1.78 6.66 9.05
C CYS A 70 2.98 5.71 9.15
N SER A 71 3.40 5.12 8.02
CA SER A 71 4.59 4.26 8.02
C SER A 71 5.84 5.08 8.38
N THR A 72 6.91 4.41 8.79
CA THR A 72 8.13 5.14 9.17
C THR A 72 8.80 5.80 7.96
N ALA A 73 9.52 6.88 8.23
CA ALA A 73 10.18 7.68 7.20
C ALA A 73 11.15 6.86 6.37
N CYS A 74 10.95 6.92 5.08
CA CYS A 74 11.82 6.24 4.13
C CYS A 74 13.16 6.91 3.99
N LYS A 75 14.06 6.24 3.29
CA LYS A 75 15.39 6.75 3.01
C LYS A 75 15.40 7.49 1.70
N CYS A 76 14.24 7.62 1.12
CA CYS A 76 14.13 8.35 -0.09
C CYS A 76 14.16 9.83 0.22
N ALA A 77 15.25 10.45 -0.14
CA ALA A 77 15.44 11.87 0.10
C ALA A 77 16.65 12.35 -0.65
N ALA A 78 16.62 13.60 -1.09
CA ALA A 78 17.74 14.24 -1.79
C ALA A 78 18.14 13.49 -3.08
N GLY A 79 17.25 12.64 -3.58
CA GLY A 79 17.55 11.89 -4.77
C GLY A 79 17.94 10.45 -4.49
N SER A 80 17.90 10.06 -3.23
CA SER A 80 18.29 8.70 -2.83
C SER A 80 17.13 7.70 -3.00
N CYS A 81 16.21 8.01 -3.89
CA CYS A 81 15.11 7.13 -4.20
C CYS A 81 15.59 5.96 -5.06
N LYS A 82 15.48 4.72 -4.56
CA LYS A 82 15.90 3.57 -5.36
C LYS A 82 14.78 2.54 -5.52
N CYS A 83 13.54 2.96 -5.39
CA CYS A 83 12.43 2.04 -5.62
C CYS A 83 11.91 2.21 -7.04
N GLY A 84 12.09 3.41 -7.59
CA GLY A 84 11.67 3.66 -8.95
C GLY A 84 10.59 4.72 -9.06
N LYS A 85 10.02 5.12 -7.93
CA LYS A 85 8.95 6.11 -7.93
C LYS A 85 9.46 7.52 -8.14
N GLY A 86 10.73 7.75 -7.82
CA GLY A 86 11.30 9.08 -7.95
C GLY A 86 10.56 10.07 -7.10
N CYS A 87 10.26 9.66 -5.88
CA CYS A 87 9.47 10.47 -4.98
C CYS A 87 10.35 11.25 -4.03
N THR A 88 11.38 10.59 -3.52
CA THR A 88 12.36 11.19 -2.62
C THR A 88 11.70 11.89 -1.42
N GLY A 89 10.94 11.12 -0.67
CA GLY A 89 10.30 11.65 0.52
C GLY A 89 9.06 10.87 0.89
N PRO A 90 8.79 10.69 2.20
CA PRO A 90 7.64 9.91 2.66
C PRO A 90 6.31 10.58 2.33
N ASP A 91 6.35 11.87 2.07
CA ASP A 91 5.14 12.62 1.72
C ASP A 91 4.87 12.49 0.23
N SER A 92 5.89 12.14 -0.53
CA SER A 92 5.78 12.02 -1.96
C SER A 92 5.72 10.55 -2.38
N CYS A 93 6.10 9.68 -1.44
CA CYS A 93 6.09 8.24 -1.68
C CYS A 93 4.65 7.79 -1.97
N LYS A 94 4.53 6.74 -2.76
CA LYS A 94 3.20 6.17 -3.09
C LYS A 94 3.30 4.66 -3.20
N CYS A 95 3.74 4.02 -2.14
CA CYS A 95 3.92 2.59 -2.11
C CYS A 95 3.78 2.05 -0.69
N ASP A 96 3.96 0.74 -0.52
CA ASP A 96 3.85 0.12 0.79
C ASP A 96 5.14 0.26 1.57
N ARG A 97 5.11 -0.16 2.82
CA ARG A 97 6.26 0.02 3.70
C ARG A 97 7.24 -1.14 3.60
N SER A 98 7.13 -1.93 2.57
CA SER A 98 8.00 -3.05 2.39
C SER A 98 8.54 -3.06 0.95
N CYS A 99 8.43 -1.91 0.29
CA CYS A 99 8.89 -1.76 -1.08
C CYS A 99 10.42 -1.81 -1.15
N SER A 100 10.98 -1.64 -2.34
CA SER A 100 12.42 -1.72 -2.55
C SER A 100 13.18 -0.63 -1.78
N CYS A 101 12.50 0.47 -1.48
CA CYS A 101 13.11 1.55 -0.74
C CYS A 101 13.25 1.20 0.74
N LYS A 102 12.32 0.39 1.23
CA LYS A 102 12.34 -0.07 2.61
C LYS A 102 13.18 -1.33 2.75
N GLY A 1 12.73 -3.36 -12.14
CA GLY A 1 13.34 -4.69 -12.46
C GLY A 1 12.98 -5.75 -11.45
N SER A 2 12.28 -5.34 -10.41
CA SER A 2 11.86 -6.24 -9.37
C SER A 2 10.38 -6.04 -9.08
N MET A 3 9.58 -7.00 -9.48
CA MET A 3 8.15 -6.91 -9.28
C MET A 3 7.53 -8.28 -9.09
N SER A 4 6.73 -8.42 -8.06
CA SER A 4 6.06 -9.66 -7.77
C SER A 4 4.66 -9.65 -8.40
N SER A 5 4.21 -10.82 -8.85
CA SER A 5 2.89 -10.94 -9.45
C SER A 5 1.80 -10.61 -8.43
N VAL A 6 1.07 -9.54 -8.69
CA VAL A 6 0.03 -9.11 -7.77
C VAL A 6 -1.27 -9.88 -7.99
N PHE A 7 -1.56 -10.24 -9.23
CA PHE A 7 -2.78 -10.96 -9.53
C PHE A 7 -2.66 -12.43 -9.18
N GLY A 8 -3.75 -13.01 -8.74
CA GLY A 8 -3.75 -14.40 -8.37
C GLY A 8 -4.03 -15.29 -9.54
N ALA A 9 -5.26 -15.27 -10.00
CA ALA A 9 -5.70 -16.08 -11.11
C ALA A 9 -7.06 -15.62 -11.58
N GLY A 10 -7.99 -15.57 -10.65
CA GLY A 10 -9.32 -15.15 -10.98
C GLY A 10 -9.62 -13.77 -10.48
N CYS A 11 -8.74 -12.82 -10.78
CA CYS A 11 -8.96 -11.44 -10.38
C CYS A 11 -9.96 -10.79 -11.32
N THR A 12 -10.82 -9.98 -10.79
CA THR A 12 -11.81 -9.31 -11.59
C THR A 12 -11.27 -8.01 -12.15
N ASP A 13 -12.04 -7.38 -13.02
CA ASP A 13 -11.67 -6.10 -13.59
C ASP A 13 -11.72 -5.03 -12.49
N VAL A 14 -12.50 -5.34 -11.46
CA VAL A 14 -12.65 -4.47 -10.30
C VAL A 14 -11.34 -4.45 -9.50
N CYS A 15 -10.58 -5.54 -9.58
CA CYS A 15 -9.30 -5.64 -8.89
C CYS A 15 -8.26 -4.85 -9.67
N LYS A 16 -8.46 -4.73 -10.98
CA LYS A 16 -7.53 -4.00 -11.82
C LYS A 16 -7.79 -2.50 -11.73
N GLN A 17 -8.75 -2.13 -10.87
CA GLN A 17 -9.05 -0.71 -10.63
C GLN A 17 -7.93 -0.05 -9.86
N THR A 18 -8.02 1.24 -9.71
CA THR A 18 -7.02 2.01 -8.99
C THR A 18 -7.67 3.30 -8.46
N PRO A 19 -7.93 3.38 -7.14
CA PRO A 19 -7.58 2.32 -6.18
C PRO A 19 -8.43 1.08 -6.39
N CYS A 20 -8.02 -0.01 -5.79
CA CYS A 20 -8.71 -1.27 -5.97
C CYS A 20 -10.17 -1.13 -5.59
N GLY A 21 -11.02 -1.40 -6.55
CA GLY A 21 -12.44 -1.21 -6.36
C GLY A 21 -13.06 -2.25 -5.46
N CYS A 22 -12.39 -3.38 -5.32
CA CYS A 22 -12.91 -4.47 -4.47
C CYS A 22 -13.05 -4.02 -3.01
N ALA A 23 -12.33 -2.98 -2.64
CA ALA A 23 -12.35 -2.48 -1.28
C ALA A 23 -13.64 -1.70 -0.98
N THR A 24 -14.32 -1.24 -2.02
CA THR A 24 -15.54 -0.49 -1.82
C THR A 24 -16.72 -1.07 -2.60
N SER A 25 -16.42 -1.89 -3.61
CA SER A 25 -17.45 -2.48 -4.43
C SER A 25 -17.61 -3.98 -4.13
N GLY A 26 -16.82 -4.46 -3.19
CA GLY A 26 -16.88 -5.86 -2.84
C GLY A 26 -15.91 -6.69 -3.64
N CYS A 27 -15.28 -7.63 -3.00
CA CYS A 27 -14.32 -8.49 -3.66
C CYS A 27 -15.01 -9.65 -4.36
N ASN A 28 -14.35 -10.19 -5.38
CA ASN A 28 -14.92 -11.30 -6.14
C ASN A 28 -13.79 -12.20 -6.71
N CYS A 29 -12.58 -12.04 -6.19
CA CYS A 29 -11.43 -12.80 -6.68
C CYS A 29 -11.31 -14.17 -6.00
N THR A 30 -10.24 -14.88 -6.31
CA THR A 30 -9.97 -16.16 -5.71
C THR A 30 -8.88 -16.02 -4.64
N ASP A 31 -8.61 -17.09 -3.90
CA ASP A 31 -7.62 -17.06 -2.82
C ASP A 31 -6.20 -16.83 -3.34
N ASP A 32 -5.97 -17.16 -4.61
CA ASP A 32 -4.65 -16.99 -5.22
C ASP A 32 -4.26 -15.53 -5.31
N CYS A 33 -5.25 -14.66 -5.20
CA CYS A 33 -5.03 -13.22 -5.30
C CYS A 33 -4.02 -12.75 -4.25
N LYS A 34 -2.87 -12.28 -4.72
CA LYS A 34 -1.82 -11.79 -3.85
C LYS A 34 -1.88 -10.27 -3.75
N CYS A 35 -2.98 -9.69 -4.23
CA CYS A 35 -3.15 -8.26 -4.15
C CYS A 35 -3.41 -7.83 -2.74
N GLN A 36 -2.46 -7.11 -2.20
CA GLN A 36 -2.55 -6.64 -0.84
C GLN A 36 -3.56 -5.48 -0.73
N SER A 37 -4.14 -5.09 -1.85
CA SER A 37 -5.07 -3.99 -1.87
C SER A 37 -6.50 -4.43 -1.52
N CYS A 38 -7.00 -5.50 -2.16
CA CYS A 38 -8.34 -5.95 -1.85
C CYS A 38 -8.32 -6.92 -0.68
N LYS A 39 -7.13 -7.38 -0.33
CA LYS A 39 -6.93 -8.23 0.84
C LYS A 39 -6.35 -7.38 1.96
N TYR A 40 -6.79 -6.12 2.01
CA TYR A 40 -6.31 -5.18 3.01
C TYR A 40 -6.71 -5.63 4.41
N GLY A 41 -5.97 -5.16 5.40
CA GLY A 41 -6.21 -5.57 6.75
C GLY A 41 -4.93 -6.05 7.37
N ALA A 42 -4.15 -6.76 6.56
CA ALA A 42 -2.85 -7.26 6.98
C ALA A 42 -1.80 -6.18 6.81
N GLY A 43 -2.27 -4.95 6.64
CA GLY A 43 -1.38 -3.85 6.44
C GLY A 43 -1.88 -2.56 7.07
N CYS A 44 -3.07 -2.59 7.65
CA CYS A 44 -3.67 -1.38 8.19
C CYS A 44 -4.31 -1.59 9.54
N THR A 45 -4.78 -0.50 10.10
CA THR A 45 -5.50 -0.49 11.34
C THR A 45 -6.70 0.44 11.18
N ASP A 46 -7.61 0.40 12.12
CA ASP A 46 -8.80 1.25 12.06
C ASP A 46 -8.43 2.69 12.32
N THR A 47 -7.32 2.88 13.00
CA THR A 47 -6.84 4.20 13.34
C THR A 47 -6.30 4.93 12.09
N CYS A 48 -6.01 4.20 11.05
CA CYS A 48 -5.49 4.79 9.82
C CYS A 48 -6.62 5.21 8.89
N LYS A 49 -7.70 4.46 8.89
CA LYS A 49 -8.84 4.71 7.99
C LYS A 49 -9.80 5.77 8.54
N GLN A 50 -9.41 6.41 9.63
CA GLN A 50 -10.25 7.41 10.27
C GLN A 50 -10.55 8.58 9.34
N THR A 51 -9.61 8.86 8.44
CA THR A 51 -9.74 9.95 7.47
C THR A 51 -9.64 11.32 8.14
N PRO A 52 -8.51 12.03 7.95
CA PRO A 52 -7.40 11.55 7.12
C PRO A 52 -6.72 10.34 7.74
N CYS A 53 -6.24 10.51 8.96
CA CYS A 53 -5.60 9.45 9.67
C CYS A 53 -5.51 9.80 11.15
N GLY A 54 -5.71 8.82 12.01
CA GLY A 54 -5.62 9.05 13.44
C GLY A 54 -4.36 8.47 14.04
N CYS A 55 -3.57 7.76 13.24
CA CYS A 55 -2.35 7.15 13.71
C CYS A 55 -1.31 8.21 14.08
N GLY A 56 -0.73 8.86 13.07
CA GLY A 56 0.30 9.85 13.31
C GLY A 56 1.51 9.23 13.98
N SER A 57 1.75 9.61 15.23
CA SER A 57 2.85 9.07 16.01
C SER A 57 2.39 7.84 16.79
N GLY A 58 1.10 7.62 16.79
CA GLY A 58 0.51 6.49 17.48
C GLY A 58 -0.11 5.54 16.50
N CYS A 59 0.74 4.94 15.70
CA CYS A 59 0.30 4.05 14.65
C CYS A 59 0.10 2.62 15.16
N ASN A 60 -0.97 1.99 14.68
CA ASN A 60 -1.32 0.64 15.11
C ASN A 60 -1.47 -0.30 13.92
N CYS A 61 -0.89 0.08 12.79
CA CYS A 61 -1.00 -0.72 11.58
C CYS A 61 -0.21 -2.03 11.66
N LYS A 62 -0.20 -2.75 10.55
CA LYS A 62 0.45 -4.04 10.49
C LYS A 62 1.83 -3.91 9.87
N GLU A 63 1.86 -3.85 8.53
CA GLU A 63 3.12 -3.71 7.81
C GLU A 63 2.87 -3.29 6.37
N ASP A 64 1.81 -3.78 5.76
CA ASP A 64 1.53 -3.42 4.38
C ASP A 64 0.69 -2.13 4.31
N CYS A 65 1.20 -1.07 4.91
CA CYS A 65 0.51 0.21 4.87
C CYS A 65 1.13 1.10 3.80
N ARG A 66 0.28 1.84 3.10
CA ARG A 66 0.75 2.72 2.05
C ARG A 66 0.50 4.18 2.40
N CYS A 67 0.04 4.42 3.61
CA CYS A 67 -0.18 5.78 4.08
C CYS A 67 1.11 6.37 4.58
N GLN A 68 1.51 7.48 3.99
CA GLN A 68 2.76 8.14 4.33
C GLN A 68 2.60 9.07 5.53
N SER A 69 1.43 9.05 6.15
CA SER A 69 1.18 9.92 7.27
C SER A 69 1.64 9.26 8.55
N CYS A 70 1.36 7.97 8.68
CA CYS A 70 1.72 7.25 9.87
C CYS A 70 2.95 6.39 9.67
N SER A 71 3.12 5.85 8.47
CA SER A 71 4.27 5.01 8.15
C SER A 71 5.57 5.79 8.26
N THR A 72 6.67 5.06 8.47
CA THR A 72 7.98 5.67 8.59
C THR A 72 8.37 6.42 7.32
N ALA A 73 9.00 7.55 7.52
CA ALA A 73 9.43 8.40 6.43
C ALA A 73 10.56 7.77 5.66
N CYS A 74 10.34 7.61 4.36
CA CYS A 74 11.36 7.07 3.45
C CYS A 74 12.69 7.81 3.59
N LYS A 75 13.77 7.07 3.49
CA LYS A 75 15.12 7.63 3.60
C LYS A 75 15.57 8.22 2.27
N CYS A 76 14.63 8.50 1.41
CA CYS A 76 14.94 9.01 0.10
C CYS A 76 14.97 10.53 0.10
N ALA A 77 15.93 11.08 -0.62
CA ALA A 77 16.10 12.51 -0.79
C ALA A 77 17.24 12.78 -1.76
N ALA A 78 17.06 13.79 -2.61
CA ALA A 78 18.07 14.20 -3.58
C ALA A 78 18.49 13.04 -4.50
N GLY A 79 17.52 12.34 -5.04
CA GLY A 79 17.81 11.23 -5.94
C GLY A 79 18.41 10.05 -5.20
N SER A 80 17.66 9.51 -4.24
CA SER A 80 18.15 8.41 -3.46
C SER A 80 17.08 7.31 -3.34
N CYS A 81 16.12 7.31 -4.26
CA CYS A 81 15.08 6.29 -4.24
C CYS A 81 15.60 5.02 -4.90
N LYS A 82 15.14 3.88 -4.43
CA LYS A 82 15.58 2.61 -4.97
C LYS A 82 14.45 1.60 -5.05
N CYS A 83 13.21 2.07 -5.06
CA CYS A 83 12.08 1.17 -5.17
C CYS A 83 11.69 0.98 -6.63
N GLY A 84 11.86 2.04 -7.40
CA GLY A 84 11.52 1.98 -8.81
C GLY A 84 10.64 3.13 -9.23
N LYS A 85 9.97 3.74 -8.26
CA LYS A 85 9.08 4.87 -8.54
C LYS A 85 9.87 6.15 -8.61
N GLY A 86 10.80 6.30 -7.69
CA GLY A 86 11.61 7.48 -7.65
C GLY A 86 10.89 8.61 -6.96
N CYS A 87 10.43 8.36 -5.74
CA CYS A 87 9.69 9.37 -4.99
C CYS A 87 10.64 10.40 -4.37
N THR A 88 11.80 9.92 -3.92
CA THR A 88 12.86 10.77 -3.33
C THR A 88 12.34 11.67 -2.21
N GLY A 89 11.57 11.08 -1.31
CA GLY A 89 11.03 11.84 -0.21
C GLY A 89 9.71 11.29 0.26
N PRO A 90 9.45 11.29 1.59
CA PRO A 90 8.23 10.72 2.17
C PRO A 90 6.96 11.53 1.84
N ASP A 91 7.15 12.75 1.38
CA ASP A 91 6.02 13.60 1.03
C ASP A 91 5.64 13.44 -0.41
N SER A 92 6.56 12.92 -1.21
CA SER A 92 6.35 12.77 -2.63
C SER A 92 6.03 11.34 -2.99
N CYS A 93 6.03 10.46 -2.01
CA CYS A 93 5.77 9.07 -2.25
C CYS A 93 4.36 8.69 -1.87
N LYS A 94 3.91 7.58 -2.41
CA LYS A 94 2.60 7.02 -2.10
C LYS A 94 2.67 5.51 -2.19
N CYS A 95 3.88 4.99 -2.00
CA CYS A 95 4.12 3.56 -2.03
C CYS A 95 3.95 2.99 -0.63
N ASP A 96 4.20 1.71 -0.47
CA ASP A 96 4.04 1.11 0.83
C ASP A 96 5.29 1.29 1.68
N ARG A 97 5.23 0.80 2.89
CA ARG A 97 6.31 0.98 3.83
C ARG A 97 7.25 -0.22 3.82
N SER A 98 6.86 -1.27 3.17
CA SER A 98 7.67 -2.46 3.11
C SER A 98 8.32 -2.55 1.74
N CYS A 99 8.44 -1.37 1.11
CA CYS A 99 9.02 -1.27 -0.21
C CYS A 99 10.54 -1.34 -0.13
N SER A 100 11.19 -1.41 -1.29
CA SER A 100 12.64 -1.58 -1.33
C SER A 100 13.41 -0.34 -0.83
N CYS A 101 12.76 0.81 -0.80
CA CYS A 101 13.41 2.02 -0.35
C CYS A 101 13.34 2.18 1.18
N LYS A 102 12.43 1.45 1.81
CA LYS A 102 12.29 1.50 3.26
C LYS A 102 13.15 0.45 3.93
N GLY A 1 -0.64 -16.51 -15.41
CA GLY A 1 -0.03 -16.27 -16.75
C GLY A 1 -0.94 -15.49 -17.66
N SER A 2 -1.58 -14.47 -17.12
CA SER A 2 -2.50 -13.64 -17.88
C SER A 2 -2.17 -12.17 -17.65
N MET A 3 -0.88 -11.89 -17.40
CA MET A 3 -0.41 -10.54 -17.09
C MET A 3 -1.02 -10.07 -15.78
N SER A 4 -1.39 -11.02 -14.96
CA SER A 4 -2.00 -10.76 -13.68
C SER A 4 -0.96 -10.40 -12.63
N SER A 5 -0.42 -9.21 -12.75
CA SER A 5 0.56 -8.74 -11.81
C SER A 5 -0.16 -8.32 -10.53
N VAL A 6 0.05 -9.09 -9.47
CA VAL A 6 -0.56 -8.91 -8.15
C VAL A 6 -2.12 -8.84 -8.23
N PHE A 7 -2.69 -9.31 -9.33
CA PHE A 7 -4.14 -9.38 -9.49
C PHE A 7 -4.59 -10.82 -9.69
N GLY A 8 -5.88 -11.00 -9.85
CA GLY A 8 -6.41 -12.32 -10.13
C GLY A 8 -6.61 -12.51 -11.61
N ALA A 9 -7.62 -13.28 -11.97
CA ALA A 9 -7.89 -13.53 -13.37
C ALA A 9 -9.08 -12.70 -13.83
N GLY A 10 -10.04 -12.51 -12.95
CA GLY A 10 -11.21 -11.73 -13.29
C GLY A 10 -11.57 -10.71 -12.23
N CYS A 11 -10.63 -9.83 -11.92
CA CYS A 11 -10.87 -8.79 -10.93
C CYS A 11 -11.82 -7.74 -11.47
N THR A 12 -12.32 -6.92 -10.58
CA THR A 12 -13.22 -5.87 -10.96
C THR A 12 -12.45 -4.63 -11.42
N ASP A 13 -13.17 -3.68 -11.98
CA ASP A 13 -12.56 -2.44 -12.42
C ASP A 13 -12.20 -1.59 -11.21
N VAL A 14 -12.89 -1.86 -10.11
CA VAL A 14 -12.65 -1.16 -8.84
C VAL A 14 -11.28 -1.55 -8.28
N CYS A 15 -10.84 -2.76 -8.58
CA CYS A 15 -9.56 -3.27 -8.11
C CYS A 15 -8.43 -2.61 -8.88
N LYS A 16 -8.73 -2.16 -10.09
CA LYS A 16 -7.73 -1.54 -10.95
C LYS A 16 -7.57 -0.05 -10.63
N GLN A 17 -8.25 0.41 -9.58
CA GLN A 17 -8.15 1.81 -9.13
C GLN A 17 -6.79 2.08 -8.51
N THR A 18 -6.59 3.30 -8.06
CA THR A 18 -5.34 3.70 -7.41
C THR A 18 -5.59 4.90 -6.49
N PRO A 19 -5.65 4.68 -5.16
CA PRO A 19 -5.47 3.36 -4.55
C PRO A 19 -6.65 2.43 -4.84
N CYS A 20 -6.48 1.16 -4.53
CA CYS A 20 -7.50 0.16 -4.77
C CYS A 20 -8.81 0.60 -4.15
N GLY A 21 -9.82 0.74 -4.99
CA GLY A 21 -11.09 1.25 -4.53
C GLY A 21 -11.91 0.23 -3.78
N CYS A 22 -11.56 -1.04 -3.90
CA CYS A 22 -12.30 -2.10 -3.22
C CYS A 22 -12.28 -1.94 -1.71
N ALA A 23 -11.26 -1.26 -1.20
CA ALA A 23 -11.09 -1.08 0.22
C ALA A 23 -12.01 0.02 0.78
N THR A 24 -12.58 0.82 -0.09
CA THR A 24 -13.45 1.89 0.35
C THR A 24 -14.83 1.84 -0.33
N SER A 25 -14.88 1.18 -1.48
CA SER A 25 -16.11 1.07 -2.24
C SER A 25 -16.73 -0.32 -2.09
N GLY A 26 -15.88 -1.34 -1.95
CA GLY A 26 -16.37 -2.68 -1.85
C GLY A 26 -15.67 -3.61 -2.81
N CYS A 27 -15.52 -4.85 -2.41
CA CYS A 27 -14.86 -5.84 -3.22
C CYS A 27 -15.83 -6.82 -3.86
N ASN A 28 -15.48 -7.31 -5.03
CA ASN A 28 -16.27 -8.31 -5.73
C ASN A 28 -15.34 -9.22 -6.55
N CYS A 29 -14.08 -9.26 -6.14
CA CYS A 29 -13.09 -10.08 -6.82
C CYS A 29 -13.14 -11.52 -6.34
N THR A 30 -12.37 -12.37 -6.98
CA THR A 30 -12.35 -13.78 -6.67
C THR A 30 -11.24 -14.12 -5.68
N ASP A 31 -11.11 -15.41 -5.39
CA ASP A 31 -10.04 -15.91 -4.53
C ASP A 31 -8.72 -15.88 -5.30
N ASP A 32 -8.83 -15.87 -6.62
CA ASP A 32 -7.69 -15.83 -7.52
C ASP A 32 -7.02 -14.48 -7.43
N CYS A 33 -7.78 -13.49 -6.98
CA CYS A 33 -7.27 -12.15 -6.78
C CYS A 33 -6.22 -12.16 -5.69
N LYS A 34 -4.96 -12.05 -6.09
CA LYS A 34 -3.85 -12.06 -5.17
C LYS A 34 -3.40 -10.64 -4.85
N CYS A 35 -4.32 -9.69 -4.95
CA CYS A 35 -4.02 -8.30 -4.66
C CYS A 35 -3.87 -8.11 -3.16
N GLN A 36 -2.80 -7.44 -2.75
CA GLN A 36 -2.55 -7.20 -1.34
C GLN A 36 -3.32 -5.98 -0.86
N SER A 37 -4.02 -5.31 -1.76
CA SER A 37 -4.72 -4.10 -1.44
C SER A 37 -6.16 -4.35 -1.00
N CYS A 38 -6.96 -5.07 -1.80
CA CYS A 38 -8.33 -5.31 -1.43
C CYS A 38 -8.44 -6.51 -0.51
N LYS A 39 -7.34 -7.22 -0.37
CA LYS A 39 -7.25 -8.35 0.54
C LYS A 39 -6.21 -8.03 1.63
N TYR A 40 -6.24 -6.79 2.11
CA TYR A 40 -5.31 -6.33 3.14
C TYR A 40 -5.61 -6.98 4.49
N GLY A 41 -4.59 -7.08 5.33
CA GLY A 41 -4.77 -7.66 6.64
C GLY A 41 -3.45 -7.84 7.36
N ALA A 42 -2.44 -8.28 6.63
CA ALA A 42 -1.12 -8.52 7.20
C ALA A 42 -0.21 -7.30 7.04
N GLY A 43 -0.81 -6.16 6.78
CA GLY A 43 -0.03 -4.97 6.60
C GLY A 43 -0.67 -3.72 7.13
N CYS A 44 -1.97 -3.73 7.26
CA CYS A 44 -2.71 -2.52 7.64
C CYS A 44 -3.50 -2.69 8.90
N THR A 45 -4.16 -1.62 9.29
CA THR A 45 -5.02 -1.58 10.43
C THR A 45 -6.21 -0.69 10.10
N ASP A 46 -7.18 -0.64 10.99
CA ASP A 46 -8.39 0.16 10.77
C ASP A 46 -8.11 1.64 10.94
N THR A 47 -6.99 1.96 11.57
CA THR A 47 -6.58 3.34 11.78
C THR A 47 -6.02 3.95 10.49
N CYS A 48 -5.52 3.10 9.62
CA CYS A 48 -4.90 3.53 8.36
C CYS A 48 -5.97 3.85 7.31
N LYS A 49 -6.99 3.03 7.27
CA LYS A 49 -8.04 3.12 6.26
C LYS A 49 -9.13 4.13 6.61
N GLN A 50 -8.91 4.94 7.64
CA GLN A 50 -9.91 5.92 8.08
C GLN A 50 -10.25 6.91 6.98
N THR A 51 -9.26 7.20 6.13
CA THR A 51 -9.43 8.12 5.01
C THR A 51 -9.55 9.58 5.51
N PRO A 52 -8.50 10.41 5.28
CA PRO A 52 -7.29 10.00 4.55
C PRO A 52 -6.54 8.92 5.29
N CYS A 53 -6.28 9.18 6.56
CA CYS A 53 -5.62 8.25 7.42
C CYS A 53 -5.74 8.72 8.86
N GLY A 54 -5.85 7.79 9.78
CA GLY A 54 -5.95 8.15 11.18
C GLY A 54 -4.72 7.77 11.97
N CYS A 55 -3.78 7.09 11.33
CA CYS A 55 -2.56 6.69 11.97
C CYS A 55 -1.67 7.88 12.23
N GLY A 56 -1.08 8.41 11.16
CA GLY A 56 -0.18 9.55 11.27
C GLY A 56 1.06 9.18 12.06
N SER A 57 1.11 9.62 13.31
CA SER A 57 2.22 9.29 14.17
C SER A 57 1.77 8.27 15.21
N GLY A 58 0.49 7.95 15.16
CA GLY A 58 -0.08 6.97 16.06
C GLY A 58 -0.54 5.77 15.27
N CYS A 59 0.39 5.16 14.59
CA CYS A 59 0.11 4.03 13.72
C CYS A 59 -0.14 2.74 14.51
N ASN A 60 -0.82 1.80 13.89
CA ASN A 60 -1.17 0.54 14.52
C ASN A 60 -1.22 -0.59 13.48
N CYS A 61 -0.50 -0.41 12.38
CA CYS A 61 -0.49 -1.38 11.29
C CYS A 61 0.31 -2.63 11.61
N LYS A 62 0.41 -3.51 10.62
CA LYS A 62 1.10 -4.78 10.78
C LYS A 62 2.56 -4.70 10.31
N GLU A 63 2.80 -5.02 9.03
CA GLU A 63 4.17 -5.04 8.48
C GLU A 63 4.19 -4.63 7.01
N ASP A 64 3.22 -5.12 6.25
CA ASP A 64 3.16 -4.88 4.80
C ASP A 64 2.31 -3.67 4.45
N CYS A 65 2.54 -2.55 5.11
CA CYS A 65 1.76 -1.35 4.80
C CYS A 65 2.35 -0.59 3.63
N ARG A 66 1.49 -0.26 2.68
CA ARG A 66 1.89 0.45 1.46
C ARG A 66 1.61 1.94 1.55
N CYS A 67 1.23 2.41 2.72
CA CYS A 67 0.94 3.83 2.91
C CYS A 67 2.19 4.59 3.32
N GLN A 68 2.32 5.82 2.84
CA GLN A 68 3.45 6.65 3.19
C GLN A 68 3.05 7.75 4.16
N SER A 69 1.85 7.62 4.71
CA SER A 69 1.34 8.61 5.63
C SER A 69 1.63 8.21 7.08
N CYS A 70 1.69 6.91 7.34
CA CYS A 70 1.91 6.43 8.70
C CYS A 70 3.23 5.68 8.85
N SER A 71 3.76 5.15 7.75
CA SER A 71 5.06 4.46 7.78
C SER A 71 6.13 5.37 8.40
N THR A 72 7.08 4.76 9.11
CA THR A 72 8.12 5.53 9.80
C THR A 72 9.00 6.28 8.80
N ALA A 73 9.79 7.21 9.32
CA ALA A 73 10.66 8.01 8.50
C ALA A 73 11.72 7.14 7.85
N CYS A 74 11.64 7.01 6.55
CA CYS A 74 12.60 6.27 5.77
C CYS A 74 13.96 6.88 5.83
N LYS A 75 14.95 6.09 5.47
CA LYS A 75 16.32 6.59 5.37
C LYS A 75 16.50 7.37 4.08
N CYS A 76 15.39 7.66 3.39
CA CYS A 76 15.43 8.41 2.18
C CYS A 76 15.22 9.88 2.51
N ALA A 77 16.28 10.65 2.39
CA ALA A 77 16.23 12.08 2.69
C ALA A 77 17.49 12.73 2.17
N ALA A 78 17.36 13.96 1.68
CA ALA A 78 18.52 14.73 1.17
C ALA A 78 19.23 13.98 0.04
N GLY A 79 18.49 13.15 -0.68
CA GLY A 79 19.06 12.40 -1.78
C GLY A 79 19.51 11.01 -1.37
N SER A 80 19.21 10.61 -0.15
CA SER A 80 19.64 9.32 0.37
C SER A 80 18.71 8.16 -0.09
N CYS A 81 17.98 8.38 -1.17
CA CYS A 81 17.12 7.33 -1.71
C CYS A 81 17.99 6.25 -2.39
N LYS A 82 17.57 4.99 -2.28
CA LYS A 82 18.32 3.91 -2.92
C LYS A 82 17.38 2.76 -3.35
N CYS A 83 16.09 3.04 -3.41
CA CYS A 83 15.14 2.01 -3.83
C CYS A 83 14.76 2.18 -5.30
N GLY A 84 15.02 3.37 -5.85
CA GLY A 84 14.73 3.60 -7.26
C GLY A 84 13.45 4.37 -7.49
N LYS A 85 12.90 4.96 -6.43
CA LYS A 85 11.69 5.78 -6.58
C LYS A 85 12.06 7.22 -6.75
N GLY A 86 13.22 7.58 -6.24
CA GLY A 86 13.68 8.95 -6.31
C GLY A 86 12.73 9.88 -5.60
N CYS A 87 12.36 9.49 -4.40
CA CYS A 87 11.40 10.24 -3.61
C CYS A 87 12.10 11.09 -2.59
N THR A 88 13.12 10.51 -1.96
CA THR A 88 13.94 11.19 -0.96
C THR A 88 13.09 11.84 0.12
N GLY A 89 12.25 11.04 0.75
CA GLY A 89 11.40 11.55 1.80
C GLY A 89 10.30 10.58 2.13
N PRO A 90 9.98 10.44 3.42
CA PRO A 90 8.99 9.46 3.90
C PRO A 90 7.56 9.77 3.44
N ASP A 91 7.26 11.06 3.31
CA ASP A 91 5.91 11.48 2.96
C ASP A 91 5.65 11.32 1.47
N SER A 92 6.72 11.13 0.71
CA SER A 92 6.60 11.02 -0.73
C SER A 92 7.06 9.64 -1.23
N CYS A 93 7.25 8.72 -0.31
CA CYS A 93 7.67 7.38 -0.66
C CYS A 93 6.51 6.58 -1.25
N LYS A 94 6.66 6.14 -2.49
CA LYS A 94 5.57 5.44 -3.18
C LYS A 94 5.77 3.94 -3.11
N CYS A 95 5.95 3.46 -1.91
CA CYS A 95 6.15 2.03 -1.66
C CYS A 95 5.76 1.67 -0.23
N ASP A 96 5.96 0.40 0.12
CA ASP A 96 5.69 -0.08 1.46
C ASP A 96 6.90 0.13 2.38
N ARG A 97 6.69 -0.16 3.65
CA ARG A 97 7.73 0.05 4.68
C ARG A 97 8.73 -1.08 4.75
N SER A 98 8.72 -1.94 3.79
CA SER A 98 9.61 -3.05 3.78
C SER A 98 10.32 -3.16 2.45
N CYS A 99 10.46 -2.03 1.78
CA CYS A 99 11.12 -1.95 0.48
C CYS A 99 12.65 -1.98 0.65
N SER A 100 13.37 -1.78 -0.45
CA SER A 100 14.83 -1.80 -0.45
C SER A 100 15.41 -0.63 0.36
N CYS A 101 14.63 0.42 0.52
CA CYS A 101 15.06 1.59 1.26
C CYS A 101 15.05 1.31 2.76
N LYS A 102 14.05 0.56 3.20
CA LYS A 102 13.93 0.21 4.61
C LYS A 102 14.83 -0.98 4.96
N GLY A 1 15.07 -10.22 -1.69
CA GLY A 1 14.63 -10.11 -3.11
C GLY A 1 13.17 -9.71 -3.23
N SER A 2 12.37 -10.14 -2.25
CA SER A 2 10.95 -9.81 -2.20
C SER A 2 10.20 -10.30 -3.45
N MET A 3 10.48 -11.53 -3.86
CA MET A 3 9.83 -12.11 -5.03
C MET A 3 8.39 -12.49 -4.70
N SER A 4 7.46 -11.64 -5.09
CA SER A 4 6.06 -11.89 -4.83
C SER A 4 5.19 -11.21 -5.89
N SER A 5 4.29 -11.99 -6.46
CA SER A 5 3.38 -11.48 -7.47
C SER A 5 2.12 -10.95 -6.79
N VAL A 6 1.86 -9.67 -6.96
CA VAL A 6 0.72 -9.03 -6.31
C VAL A 6 -0.62 -9.62 -6.78
N PHE A 7 -0.69 -9.99 -8.06
CA PHE A 7 -1.92 -10.54 -8.61
C PHE A 7 -2.09 -12.00 -8.22
N GLY A 8 -3.33 -12.43 -8.07
CA GLY A 8 -3.61 -13.81 -7.73
C GLY A 8 -3.61 -14.72 -8.93
N ALA A 9 -4.78 -15.22 -9.27
CA ALA A 9 -4.91 -16.13 -10.39
C ALA A 9 -6.14 -15.81 -11.22
N GLY A 10 -6.58 -14.56 -11.13
CA GLY A 10 -7.75 -14.15 -11.86
C GLY A 10 -8.38 -12.91 -11.26
N CYS A 11 -7.63 -11.83 -11.21
CA CYS A 11 -8.12 -10.58 -10.66
C CYS A 11 -8.83 -9.76 -11.70
N THR A 12 -9.53 -8.75 -11.25
CA THR A 12 -10.20 -7.84 -12.13
C THR A 12 -9.28 -6.66 -12.39
N ASP A 13 -9.65 -5.82 -13.33
CA ASP A 13 -8.85 -4.64 -13.61
C ASP A 13 -9.06 -3.60 -12.54
N VAL A 14 -10.10 -3.82 -11.74
CA VAL A 14 -10.41 -2.97 -10.62
C VAL A 14 -9.34 -3.14 -9.54
N CYS A 15 -8.82 -4.34 -9.45
CA CYS A 15 -7.79 -4.67 -8.49
C CYS A 15 -6.46 -4.03 -8.90
N LYS A 16 -6.32 -3.80 -10.21
CA LYS A 16 -5.11 -3.21 -10.75
C LYS A 16 -5.17 -1.68 -10.70
N GLN A 17 -6.20 -1.16 -10.03
CA GLN A 17 -6.37 0.29 -9.89
C GLN A 17 -5.34 0.86 -8.89
N THR A 18 -5.40 2.15 -8.67
CA THR A 18 -4.50 2.83 -7.76
C THR A 18 -5.17 4.08 -7.16
N PRO A 19 -5.60 4.00 -5.88
CA PRO A 19 -5.45 2.79 -5.05
C PRO A 19 -6.36 1.65 -5.51
N CYS A 20 -6.15 0.48 -4.94
CA CYS A 20 -6.92 -0.72 -5.30
C CYS A 20 -8.40 -0.43 -5.28
N GLY A 21 -9.03 -0.68 -6.39
CA GLY A 21 -10.42 -0.39 -6.52
C GLY A 21 -11.30 -1.40 -5.81
N CYS A 22 -10.75 -2.56 -5.49
CA CYS A 22 -11.53 -3.60 -4.81
C CYS A 22 -12.10 -3.12 -3.48
N ALA A 23 -11.43 -2.16 -2.88
CA ALA A 23 -11.82 -1.67 -1.56
C ALA A 23 -12.86 -0.56 -1.65
N THR A 24 -13.20 -0.12 -2.84
CA THR A 24 -14.20 0.93 -2.97
C THR A 24 -15.21 0.61 -4.09
N SER A 25 -14.80 -0.20 -5.04
CA SER A 25 -15.65 -0.55 -6.16
C SER A 25 -16.11 -2.01 -6.09
N GLY A 26 -15.49 -2.79 -5.21
CA GLY A 26 -15.87 -4.17 -5.03
C GLY A 26 -14.75 -5.15 -5.28
N CYS A 27 -14.57 -6.05 -4.35
CA CYS A 27 -13.54 -7.07 -4.43
C CYS A 27 -14.11 -8.28 -5.18
N ASN A 28 -13.56 -8.57 -6.36
CA ASN A 28 -14.13 -9.64 -7.20
C ASN A 28 -13.03 -10.53 -7.80
N CYS A 29 -11.85 -10.52 -7.23
CA CYS A 29 -10.76 -11.35 -7.72
C CYS A 29 -10.74 -12.69 -7.00
N THR A 30 -9.70 -13.46 -7.25
CA THR A 30 -9.53 -14.74 -6.61
C THR A 30 -8.86 -14.58 -5.25
N ASP A 31 -9.10 -15.52 -4.35
CA ASP A 31 -8.50 -15.46 -3.01
C ASP A 31 -6.99 -15.61 -3.09
N ASP A 32 -6.52 -16.21 -4.20
CA ASP A 32 -5.08 -16.39 -4.44
C ASP A 32 -4.37 -15.05 -4.53
N CYS A 33 -5.15 -13.99 -4.71
CA CYS A 33 -4.64 -12.63 -4.77
C CYS A 33 -3.67 -12.33 -3.62
N LYS A 34 -2.50 -11.79 -3.94
CA LYS A 34 -1.47 -11.47 -2.96
C LYS A 34 -1.38 -9.99 -2.72
N CYS A 35 -2.42 -9.29 -3.06
CA CYS A 35 -2.42 -7.86 -2.95
C CYS A 35 -2.66 -7.40 -1.51
N GLN A 36 -1.89 -6.41 -1.09
CA GLN A 36 -2.00 -5.86 0.27
C GLN A 36 -3.05 -4.76 0.29
N SER A 37 -3.46 -4.35 -0.89
CA SER A 37 -4.31 -3.22 -1.02
C SER A 37 -5.80 -3.57 -0.85
N CYS A 38 -6.22 -4.72 -1.32
CA CYS A 38 -7.60 -5.11 -1.10
C CYS A 38 -7.73 -5.98 0.14
N LYS A 39 -6.61 -6.60 0.53
CA LYS A 39 -6.56 -7.40 1.75
C LYS A 39 -6.29 -6.50 2.96
N TYR A 40 -7.00 -5.37 3.04
CA TYR A 40 -6.86 -4.45 4.14
C TYR A 40 -7.26 -5.12 5.45
N GLY A 41 -6.45 -4.91 6.47
CA GLY A 41 -6.67 -5.55 7.74
C GLY A 41 -5.43 -6.30 8.14
N ALA A 42 -4.71 -6.79 7.15
CA ALA A 42 -3.46 -7.49 7.38
C ALA A 42 -2.32 -6.50 7.44
N GLY A 43 -2.62 -5.27 7.06
CA GLY A 43 -1.60 -4.24 7.08
C GLY A 43 -2.09 -2.93 7.67
N CYS A 44 -3.34 -2.89 8.09
CA CYS A 44 -3.94 -1.62 8.55
C CYS A 44 -4.51 -1.70 9.95
N THR A 45 -5.24 -0.65 10.31
CA THR A 45 -5.87 -0.51 11.58
C THR A 45 -7.06 0.42 11.39
N ASP A 46 -7.83 0.61 12.41
CA ASP A 46 -9.01 1.48 12.29
C ASP A 46 -8.63 2.94 12.41
N THR A 47 -7.41 3.18 12.83
CA THR A 47 -6.90 4.53 12.98
C THR A 47 -6.48 5.09 11.61
N CYS A 48 -6.16 4.19 10.69
CA CYS A 48 -5.69 4.59 9.34
C CYS A 48 -6.86 4.89 8.42
N LYS A 49 -7.97 4.20 8.62
CA LYS A 49 -9.13 4.38 7.77
C LYS A 49 -10.01 5.56 8.21
N GLN A 50 -9.42 6.45 9.01
CA GLN A 50 -10.13 7.64 9.46
C GLN A 50 -9.95 8.78 8.47
N THR A 51 -10.36 9.98 8.86
CA THR A 51 -10.24 11.15 8.01
C THR A 51 -9.79 12.37 8.84
N PRO A 52 -8.65 13.02 8.46
CA PRO A 52 -7.85 12.59 7.31
C PRO A 52 -7.14 11.27 7.59
N CYS A 53 -6.64 11.13 8.82
CA CYS A 53 -5.96 9.93 9.22
C CYS A 53 -5.59 10.03 10.70
N GLY A 54 -6.02 9.07 11.49
CA GLY A 54 -5.71 9.09 12.90
C GLY A 54 -4.26 8.69 13.16
N CYS A 55 -3.71 7.89 12.25
CA CYS A 55 -2.34 7.42 12.38
C CYS A 55 -1.33 8.52 12.16
N GLY A 56 -1.82 9.68 11.71
CA GLY A 56 -0.94 10.82 11.52
C GLY A 56 -0.34 11.30 12.82
N SER A 57 -1.00 10.99 13.92
CA SER A 57 -0.52 11.36 15.24
C SER A 57 -0.44 10.14 16.15
N GLY A 58 -0.83 8.97 15.65
CA GLY A 58 -0.80 7.76 16.45
C GLY A 58 -1.09 6.52 15.64
N CYS A 59 -0.10 6.07 14.88
CA CYS A 59 -0.24 4.89 14.03
C CYS A 59 -0.37 3.60 14.86
N ASN A 60 -1.12 2.65 14.33
CA ASN A 60 -1.35 1.38 15.00
C ASN A 60 -1.59 0.25 13.98
N CYS A 61 -1.07 0.44 12.77
CA CYS A 61 -1.26 -0.54 11.69
C CYS A 61 -0.47 -1.84 11.94
N LYS A 62 -0.57 -2.77 11.00
CA LYS A 62 0.03 -4.10 11.13
C LYS A 62 1.47 -4.16 10.57
N GLU A 63 1.59 -4.24 9.25
CA GLU A 63 2.91 -4.37 8.60
C GLU A 63 2.81 -4.04 7.11
N ASP A 64 1.69 -4.41 6.49
CA ASP A 64 1.48 -4.22 5.07
C ASP A 64 0.62 -2.99 4.76
N CYS A 65 0.93 -1.85 5.39
CA CYS A 65 0.17 -0.62 5.12
C CYS A 65 0.68 0.08 3.87
N ARG A 66 -0.26 0.47 2.99
CA ARG A 66 0.08 1.17 1.75
C ARG A 66 -0.11 2.67 1.86
N CYS A 67 -0.36 3.14 3.05
CA CYS A 67 -0.60 4.55 3.24
C CYS A 67 0.69 5.28 3.53
N GLN A 68 0.89 6.41 2.88
CA GLN A 68 2.09 7.20 3.07
C GLN A 68 1.86 8.29 4.11
N SER A 69 0.65 8.35 4.63
CA SER A 69 0.29 9.37 5.58
C SER A 69 0.87 9.06 6.94
N CYS A 70 0.96 7.78 7.25
CA CYS A 70 1.46 7.37 8.54
C CYS A 70 2.71 6.51 8.44
N SER A 71 2.98 5.92 7.26
CA SER A 71 4.20 5.14 7.07
C SER A 71 5.45 5.98 7.35
N THR A 72 6.51 5.32 7.80
CA THR A 72 7.74 6.01 8.17
C THR A 72 8.37 6.73 6.99
N ALA A 73 9.21 7.72 7.30
CA ALA A 73 9.88 8.54 6.32
C ALA A 73 10.68 7.69 5.35
N CYS A 74 10.33 7.79 4.09
CA CYS A 74 11.01 7.07 3.03
C CYS A 74 12.43 7.58 2.87
N LYS A 75 13.35 6.68 2.55
CA LYS A 75 14.74 7.05 2.35
C LYS A 75 14.96 7.63 0.98
N CYS A 76 13.99 7.42 0.10
CA CYS A 76 14.07 7.97 -1.23
C CYS A 76 14.00 9.48 -1.19
N ALA A 77 14.87 10.11 -1.97
CA ALA A 77 14.96 11.57 -2.00
C ALA A 77 15.96 11.97 -3.06
N ALA A 78 15.81 13.18 -3.58
CA ALA A 78 16.72 13.73 -4.59
C ALA A 78 16.92 12.78 -5.77
N GLY A 79 15.82 12.19 -6.21
CA GLY A 79 15.88 11.26 -7.33
C GLY A 79 16.59 9.96 -6.97
N SER A 80 16.30 9.43 -5.80
CA SER A 80 16.94 8.20 -5.36
C SER A 80 15.92 7.16 -4.93
N CYS A 81 15.11 6.71 -5.86
CA CYS A 81 14.16 5.65 -5.60
C CYS A 81 14.81 4.30 -5.90
N LYS A 82 14.37 3.27 -5.21
CA LYS A 82 14.94 1.94 -5.41
C LYS A 82 13.89 0.95 -5.88
N CYS A 83 12.67 1.43 -5.95
CA CYS A 83 11.57 0.60 -6.38
C CYS A 83 11.34 0.75 -7.89
N GLY A 84 11.41 1.98 -8.36
CA GLY A 84 11.19 2.24 -9.77
C GLY A 84 10.01 3.14 -10.00
N LYS A 85 9.26 3.39 -8.94
CA LYS A 85 8.10 4.28 -9.01
C LYS A 85 8.55 5.73 -9.13
N GLY A 86 9.70 6.03 -8.57
CA GLY A 86 10.24 7.37 -8.62
C GLY A 86 9.48 8.33 -7.75
N CYS A 87 9.20 7.90 -6.54
CA CYS A 87 8.45 8.74 -5.59
C CYS A 87 9.36 9.81 -5.00
N THR A 88 10.63 9.44 -4.79
CA THR A 88 11.67 10.33 -4.25
C THR A 88 11.26 10.96 -2.92
N GLY A 89 10.51 10.22 -2.12
CA GLY A 89 10.06 10.72 -0.84
C GLY A 89 8.72 10.16 -0.46
N PRO A 90 8.42 10.08 0.85
CA PRO A 90 7.14 9.55 1.37
C PRO A 90 5.94 10.35 0.85
N ASP A 91 6.17 11.60 0.49
CA ASP A 91 5.11 12.49 0.00
C ASP A 91 4.48 11.96 -1.29
N SER A 92 5.28 11.30 -2.11
CA SER A 92 4.78 10.77 -3.37
C SER A 92 4.84 9.25 -3.39
N CYS A 93 5.18 8.68 -2.26
CA CYS A 93 5.29 7.24 -2.14
C CYS A 93 3.92 6.60 -2.04
N LYS A 94 3.39 6.19 -3.18
CA LYS A 94 2.10 5.51 -3.21
C LYS A 94 2.29 4.01 -2.99
N CYS A 95 3.38 3.67 -2.34
CA CYS A 95 3.73 2.31 -2.04
C CYS A 95 3.54 2.03 -0.57
N ASP A 96 3.83 0.80 -0.16
CA ASP A 96 3.65 0.42 1.23
C ASP A 96 4.90 0.71 2.04
N ARG A 97 4.84 0.36 3.31
CA ARG A 97 5.92 0.65 4.22
C ARG A 97 7.00 -0.42 4.17
N SER A 98 6.67 -1.57 3.61
CA SER A 98 7.60 -2.67 3.53
C SER A 98 8.04 -2.87 2.08
N CYS A 99 7.93 -1.81 1.28
CA CYS A 99 8.27 -1.88 -0.12
C CYS A 99 9.79 -1.85 -0.30
N SER A 100 10.26 -2.04 -1.53
CA SER A 100 11.69 -2.12 -1.83
C SER A 100 12.42 -0.80 -1.52
N CYS A 101 11.75 0.30 -1.75
CA CYS A 101 12.36 1.60 -1.55
C CYS A 101 12.23 2.07 -0.10
N LYS A 102 11.09 1.79 0.51
CA LYS A 102 10.82 2.19 1.85
C LYS A 102 11.52 1.28 2.86
N GLY A 1 5.74 9.09 -17.31
CA GLY A 1 6.36 9.68 -16.09
C GLY A 1 5.44 9.63 -14.88
N SER A 2 4.39 8.85 -14.99
CA SER A 2 3.43 8.71 -13.91
C SER A 2 2.81 7.32 -13.93
N MET A 3 2.57 6.78 -12.74
CA MET A 3 1.97 5.46 -12.63
C MET A 3 0.64 5.58 -11.89
N SER A 4 -0.44 5.44 -12.63
CA SER A 4 -1.76 5.52 -12.05
C SER A 4 -2.34 4.12 -11.86
N SER A 5 -1.51 3.11 -12.09
CA SER A 5 -1.91 1.73 -11.96
C SER A 5 -2.36 1.41 -10.54
N VAL A 6 -3.44 0.64 -10.43
CA VAL A 6 -3.96 0.22 -9.14
C VAL A 6 -3.64 -1.26 -8.88
N PHE A 7 -3.24 -1.96 -9.93
CA PHE A 7 -2.94 -3.38 -9.82
C PHE A 7 -1.54 -3.61 -9.28
N GLY A 8 -1.25 -4.85 -8.96
CA GLY A 8 0.05 -5.22 -8.45
C GLY A 8 0.97 -5.74 -9.53
N ALA A 9 1.24 -7.03 -9.49
CA ALA A 9 2.12 -7.67 -10.46
C ALA A 9 1.55 -8.99 -10.92
N GLY A 10 0.27 -9.19 -10.64
CA GLY A 10 -0.39 -10.44 -11.00
C GLY A 10 -1.63 -10.68 -10.18
N CYS A 11 -2.63 -9.85 -10.40
CA CYS A 11 -3.90 -9.99 -9.69
C CYS A 11 -4.83 -10.97 -10.38
N THR A 12 -5.76 -11.49 -9.62
CA THR A 12 -6.76 -12.37 -10.14
C THR A 12 -7.93 -11.54 -10.69
N ASP A 13 -8.79 -12.16 -11.48
CA ASP A 13 -9.93 -11.46 -12.07
C ASP A 13 -10.93 -11.04 -11.01
N VAL A 14 -10.95 -11.76 -9.91
CA VAL A 14 -11.86 -11.47 -8.80
C VAL A 14 -11.50 -10.12 -8.14
N CYS A 15 -10.25 -9.71 -8.29
CA CYS A 15 -9.78 -8.45 -7.72
C CYS A 15 -10.26 -7.29 -8.59
N LYS A 16 -10.46 -7.55 -9.87
CA LYS A 16 -10.89 -6.53 -10.81
C LYS A 16 -12.41 -6.37 -10.80
N GLN A 17 -13.05 -7.01 -9.82
CA GLN A 17 -14.49 -6.92 -9.67
C GLN A 17 -14.90 -5.57 -9.09
N THR A 18 -16.19 -5.40 -8.86
CA THR A 18 -16.72 -4.16 -8.32
C THR A 18 -18.05 -4.43 -7.60
N PRO A 19 -18.05 -4.38 -6.25
CA PRO A 19 -16.85 -4.10 -5.46
C PRO A 19 -15.83 -5.23 -5.55
N CYS A 20 -14.63 -4.97 -5.06
CA CYS A 20 -13.56 -5.95 -5.09
C CYS A 20 -14.01 -7.27 -4.52
N GLY A 21 -13.85 -8.32 -5.30
CA GLY A 21 -14.31 -9.62 -4.90
C GLY A 21 -13.35 -10.33 -3.97
N CYS A 22 -12.15 -9.80 -3.82
CA CYS A 22 -11.14 -10.43 -2.95
C CYS A 22 -11.58 -10.43 -1.49
N ALA A 23 -12.50 -9.56 -1.15
CA ALA A 23 -12.95 -9.44 0.23
C ALA A 23 -14.18 -10.32 0.50
N THR A 24 -14.70 -10.95 -0.52
CA THR A 24 -15.88 -11.79 -0.36
C THR A 24 -15.68 -13.18 -0.96
N SER A 25 -14.77 -13.30 -1.91
CA SER A 25 -14.52 -14.56 -2.57
C SER A 25 -13.14 -15.11 -2.19
N GLY A 26 -12.20 -14.22 -1.95
CA GLY A 26 -10.86 -14.66 -1.61
C GLY A 26 -9.81 -13.78 -2.25
N CYS A 27 -8.76 -13.53 -1.51
CA CYS A 27 -7.67 -12.68 -1.97
C CYS A 27 -6.54 -13.56 -2.51
N ASN A 28 -6.21 -13.40 -3.79
CA ASN A 28 -5.21 -14.28 -4.42
C ASN A 28 -4.13 -13.51 -5.20
N CYS A 29 -4.16 -12.20 -5.15
CA CYS A 29 -3.20 -11.42 -5.91
C CYS A 29 -1.89 -11.23 -5.15
N THR A 30 -0.99 -10.49 -5.78
CA THR A 30 0.34 -10.24 -5.23
C THR A 30 0.30 -9.12 -4.19
N ASP A 31 1.31 -9.08 -3.32
CA ASP A 31 1.45 -8.03 -2.30
C ASP A 31 1.54 -6.67 -2.95
N ASP A 32 2.10 -6.65 -4.15
CA ASP A 32 2.28 -5.42 -4.92
C ASP A 32 0.95 -4.78 -5.31
N CYS A 33 -0.16 -5.48 -5.06
CA CYS A 33 -1.47 -4.96 -5.36
C CYS A 33 -1.71 -3.64 -4.64
N LYS A 34 -1.90 -2.59 -5.41
CA LYS A 34 -2.08 -1.26 -4.89
C LYS A 34 -3.55 -0.90 -4.74
N CYS A 35 -4.43 -1.92 -4.75
CA CYS A 35 -5.87 -1.71 -4.62
C CYS A 35 -6.20 -1.29 -3.20
N GLN A 36 -7.05 -0.30 -3.06
CA GLN A 36 -7.41 0.22 -1.76
C GLN A 36 -8.61 -0.51 -1.18
N SER A 37 -9.01 -1.58 -1.84
CA SER A 37 -10.17 -2.33 -1.43
C SER A 37 -9.78 -3.52 -0.54
N CYS A 38 -8.99 -4.45 -1.08
CA CYS A 38 -8.63 -5.66 -0.35
C CYS A 38 -7.51 -5.39 0.66
N LYS A 39 -7.09 -4.14 0.77
CA LYS A 39 -6.01 -3.77 1.68
C LYS A 39 -6.55 -3.09 2.95
N TYR A 40 -7.85 -2.99 3.04
CA TYR A 40 -8.46 -2.41 4.22
C TYR A 40 -8.80 -3.49 5.23
N GLY A 41 -8.73 -3.14 6.49
CA GLY A 41 -8.99 -4.09 7.55
C GLY A 41 -7.72 -4.78 8.00
N ALA A 42 -7.07 -5.43 7.06
CA ALA A 42 -5.84 -6.14 7.32
C ALA A 42 -4.63 -5.25 7.08
N GLY A 43 -4.88 -3.98 6.86
CA GLY A 43 -3.78 -3.08 6.57
C GLY A 43 -4.03 -1.64 6.97
N CYS A 44 -5.03 -1.39 7.78
CA CYS A 44 -5.32 -0.02 8.18
C CYS A 44 -6.01 0.02 9.52
N THR A 45 -6.10 1.21 10.08
CA THR A 45 -6.74 1.43 11.33
C THR A 45 -7.75 2.55 11.17
N ASP A 46 -8.60 2.72 12.16
CA ASP A 46 -9.65 3.74 12.13
C ASP A 46 -9.05 5.14 12.13
N THR A 47 -7.84 5.26 12.62
CA THR A 47 -7.17 6.53 12.72
C THR A 47 -6.54 6.93 11.37
N CYS A 48 -6.44 5.97 10.47
CA CYS A 48 -5.87 6.21 9.15
C CYS A 48 -6.98 6.49 8.14
N LYS A 49 -8.21 6.33 8.58
CA LYS A 49 -9.37 6.57 7.73
C LYS A 49 -9.68 8.05 7.65
N GLN A 50 -8.99 8.83 8.47
CA GLN A 50 -9.21 10.26 8.52
C GLN A 50 -8.57 10.95 7.32
N THR A 51 -8.51 12.24 7.35
CA THR A 51 -7.91 13.01 6.28
C THR A 51 -7.16 14.23 6.83
N PRO A 52 -5.85 14.34 6.55
CA PRO A 52 -5.11 13.35 5.75
C PRO A 52 -4.93 12.01 6.50
N CYS A 53 -4.66 12.11 7.79
CA CYS A 53 -4.48 10.94 8.62
C CYS A 53 -4.43 11.37 10.08
N GLY A 54 -4.90 10.52 10.98
CA GLY A 54 -4.85 10.83 12.37
C GLY A 54 -3.76 10.06 13.10
N CYS A 55 -3.16 9.10 12.42
CA CYS A 55 -2.11 8.27 13.01
C CYS A 55 -0.88 9.12 13.37
N GLY A 56 -0.15 9.54 12.34
CA GLY A 56 1.06 10.31 12.57
C GLY A 56 2.10 9.52 13.37
N SER A 57 2.28 9.89 14.61
CA SER A 57 3.21 9.19 15.49
C SER A 57 2.45 8.28 16.45
N GLY A 58 1.13 8.31 16.34
CA GLY A 58 0.29 7.47 17.17
C GLY A 58 -0.51 6.51 16.33
N CYS A 59 0.20 5.74 15.54
CA CYS A 59 -0.39 4.81 14.60
C CYS A 59 -0.91 3.54 15.28
N ASN A 60 -1.77 2.82 14.57
CA ASN A 60 -2.36 1.59 15.07
C ASN A 60 -2.74 0.65 13.89
N CYS A 61 -2.12 0.88 12.75
CA CYS A 61 -2.41 0.07 11.55
C CYS A 61 -1.90 -1.36 11.65
N LYS A 62 -2.16 -2.13 10.59
CA LYS A 62 -1.81 -3.55 10.56
C LYS A 62 -0.50 -3.81 9.78
N GLU A 63 -0.62 -4.12 8.50
CA GLU A 63 0.55 -4.44 7.66
C GLU A 63 0.38 -3.85 6.26
N ASP A 64 -0.78 -4.07 5.68
CA ASP A 64 -1.09 -3.69 4.31
C ASP A 64 -1.49 -2.22 4.18
N CYS A 65 -0.76 -1.32 4.84
CA CYS A 65 -1.08 0.10 4.75
C CYS A 65 -0.29 0.76 3.65
N ARG A 66 -0.98 1.51 2.80
CA ARG A 66 -0.37 2.16 1.64
C ARG A 66 -0.06 3.62 1.96
N CYS A 67 -0.26 4.02 3.20
CA CYS A 67 -0.02 5.39 3.61
C CYS A 67 1.40 5.59 4.06
N GLN A 68 2.03 6.62 3.54
CA GLN A 68 3.39 6.96 3.89
C GLN A 68 3.44 8.05 4.94
N SER A 69 2.27 8.43 5.45
CA SER A 69 2.19 9.48 6.43
C SER A 69 2.40 8.93 7.83
N CYS A 70 1.94 7.69 8.05
CA CYS A 70 2.11 7.06 9.33
C CYS A 70 3.16 5.95 9.27
N SER A 71 3.46 5.47 8.06
CA SER A 71 4.48 4.44 7.87
C SER A 71 5.86 4.96 8.23
N THR A 72 6.79 4.06 8.46
CA THR A 72 8.15 4.46 8.77
C THR A 72 8.93 4.73 7.49
N ALA A 73 10.00 5.49 7.62
CA ALA A 73 10.84 5.82 6.49
C ALA A 73 11.49 4.60 5.89
N CYS A 74 11.21 4.38 4.64
CA CYS A 74 11.78 3.28 3.88
C CYS A 74 13.29 3.35 3.81
N LYS A 75 13.89 2.30 3.29
CA LYS A 75 15.32 2.27 3.07
C LYS A 75 15.64 2.94 1.76
N CYS A 76 14.62 3.49 1.13
CA CYS A 76 14.80 4.20 -0.10
C CYS A 76 15.18 5.63 0.22
N ALA A 77 16.43 5.97 -0.02
CA ALA A 77 16.92 7.32 0.26
C ALA A 77 18.28 7.53 -0.37
N ALA A 78 18.49 8.72 -0.94
CA ALA A 78 19.78 9.10 -1.56
C ALA A 78 20.26 8.07 -2.60
N GLY A 79 19.31 7.41 -3.23
CA GLY A 79 19.66 6.39 -4.22
C GLY A 79 19.86 5.03 -3.59
N SER A 80 18.92 4.65 -2.73
CA SER A 80 19.00 3.36 -2.06
C SER A 80 17.71 2.56 -2.33
N CYS A 81 16.97 2.97 -3.34
CA CYS A 81 15.75 2.31 -3.73
C CYS A 81 16.08 0.96 -4.39
N LYS A 82 15.15 -0.01 -4.31
CA LYS A 82 15.38 -1.30 -4.95
C LYS A 82 14.09 -2.00 -5.36
N CYS A 83 12.95 -1.40 -5.05
CA CYS A 83 11.67 -2.04 -5.37
C CYS A 83 11.29 -1.79 -6.83
N GLY A 84 11.98 -0.86 -7.47
CA GLY A 84 11.73 -0.60 -8.86
C GLY A 84 10.81 0.58 -9.10
N LYS A 85 10.54 1.34 -8.06
CA LYS A 85 9.68 2.51 -8.20
C LYS A 85 10.54 3.73 -8.48
N GLY A 86 11.79 3.67 -8.05
CA GLY A 86 12.70 4.79 -8.23
C GLY A 86 12.18 6.03 -7.54
N CYS A 87 11.80 5.87 -6.29
CA CYS A 87 11.20 6.95 -5.54
C CYS A 87 12.22 7.61 -4.63
N THR A 88 13.07 6.78 -4.03
CA THR A 88 14.15 7.23 -3.14
C THR A 88 13.65 8.21 -2.07
N GLY A 89 12.73 7.75 -1.26
CA GLY A 89 12.23 8.56 -0.18
C GLY A 89 10.77 8.29 0.12
N PRO A 90 10.37 8.35 1.39
CA PRO A 90 9.01 8.03 1.81
C PRO A 90 7.97 9.02 1.25
N ASP A 91 8.41 10.23 0.98
CA ASP A 91 7.51 11.27 0.44
C ASP A 91 7.07 10.91 -0.96
N SER A 92 7.97 10.34 -1.74
CA SER A 92 7.69 9.99 -3.11
C SER A 92 7.22 8.55 -3.20
N CYS A 93 7.64 7.74 -2.26
CA CYS A 93 7.28 6.34 -2.24
C CYS A 93 5.79 6.21 -1.99
N LYS A 94 5.17 5.41 -2.82
CA LYS A 94 3.73 5.20 -2.74
C LYS A 94 3.42 3.72 -2.61
N CYS A 95 4.21 3.06 -1.81
CA CYS A 95 4.07 1.63 -1.60
C CYS A 95 3.47 1.34 -0.23
N ASP A 96 3.30 0.07 0.06
CA ASP A 96 2.77 -0.37 1.34
C ASP A 96 3.94 -0.80 2.25
N ARG A 97 3.62 -1.51 3.33
CA ARG A 97 4.66 -1.93 4.27
C ARG A 97 5.14 -3.35 3.99
N SER A 98 4.60 -3.98 2.98
CA SER A 98 4.98 -5.34 2.67
C SER A 98 5.79 -5.41 1.36
N CYS A 99 6.16 -4.25 0.82
CA CYS A 99 6.92 -4.22 -0.42
C CYS A 99 8.38 -4.61 -0.19
N SER A 100 9.11 -4.74 -1.27
CA SER A 100 10.50 -5.15 -1.23
C SER A 100 11.40 -4.06 -0.61
N CYS A 101 10.92 -2.82 -0.63
CA CYS A 101 11.70 -1.71 -0.10
C CYS A 101 11.73 -1.72 1.43
N LYS A 102 10.70 -2.29 2.05
CA LYS A 102 10.64 -2.40 3.50
C LYS A 102 11.37 -3.65 3.98
N GLY A 1 12.46 -6.85 -2.02
CA GLY A 1 11.25 -6.81 -1.17
C GLY A 1 9.98 -6.56 -1.98
N SER A 2 10.15 -5.98 -3.17
CA SER A 2 9.03 -5.69 -4.05
C SER A 2 8.18 -6.93 -4.32
N MET A 3 6.88 -6.77 -4.26
CA MET A 3 5.97 -7.87 -4.46
C MET A 3 5.80 -8.16 -5.94
N SER A 4 6.51 -9.17 -6.42
CA SER A 4 6.43 -9.57 -7.81
C SER A 4 5.02 -10.02 -8.14
N SER A 5 4.37 -9.25 -9.01
CA SER A 5 3.00 -9.51 -9.42
C SER A 5 2.06 -9.46 -8.23
N VAL A 6 1.81 -8.25 -7.76
CA VAL A 6 0.93 -8.03 -6.62
C VAL A 6 -0.51 -8.45 -6.95
N PHE A 7 -0.86 -8.33 -8.22
CA PHE A 7 -2.17 -8.72 -8.68
C PHE A 7 -2.26 -10.24 -8.79
N GLY A 8 -3.44 -10.76 -8.59
CA GLY A 8 -3.64 -12.18 -8.68
C GLY A 8 -3.79 -12.67 -10.10
N ALA A 9 -4.77 -13.52 -10.30
CA ALA A 9 -5.05 -14.08 -11.61
C ALA A 9 -6.51 -13.90 -11.92
N GLY A 10 -6.88 -12.66 -12.03
CA GLY A 10 -8.26 -12.31 -12.32
C GLY A 10 -8.73 -11.17 -11.47
N CYS A 11 -7.85 -10.20 -11.23
CA CYS A 11 -8.20 -9.06 -10.44
C CYS A 11 -9.10 -8.12 -11.20
N THR A 12 -10.00 -7.52 -10.49
CA THR A 12 -10.85 -6.54 -11.03
C THR A 12 -10.09 -5.24 -11.13
N ASP A 13 -10.43 -4.41 -12.07
CA ASP A 13 -9.74 -3.14 -12.23
C ASP A 13 -10.01 -2.22 -11.06
N VAL A 14 -10.99 -2.59 -10.25
CA VAL A 14 -11.31 -1.86 -9.04
C VAL A 14 -10.16 -2.03 -8.02
N CYS A 15 -9.42 -3.14 -8.16
CA CYS A 15 -8.32 -3.47 -7.26
C CYS A 15 -7.09 -2.62 -7.61
N LYS A 16 -6.92 -2.32 -8.90
CA LYS A 16 -5.76 -1.55 -9.37
C LYS A 16 -6.01 -0.05 -9.21
N GLN A 17 -7.16 0.32 -8.66
CA GLN A 17 -7.49 1.74 -8.45
C GLN A 17 -6.57 2.39 -7.41
N THR A 18 -6.84 3.65 -7.12
CA THR A 18 -6.05 4.40 -6.17
C THR A 18 -6.94 5.36 -5.36
N PRO A 19 -7.20 5.07 -4.09
CA PRO A 19 -6.68 3.87 -3.40
C PRO A 19 -7.37 2.60 -3.87
N CYS A 20 -6.91 1.45 -3.38
CA CYS A 20 -7.49 0.15 -3.75
C CYS A 20 -9.00 0.18 -3.61
N GLY A 21 -9.66 0.05 -4.72
CA GLY A 21 -11.09 0.14 -4.75
C GLY A 21 -11.76 -1.07 -4.15
N CYS A 22 -11.00 -2.12 -3.88
CA CYS A 22 -11.56 -3.30 -3.27
C CYS A 22 -11.94 -3.04 -1.81
N ALA A 23 -11.37 -2.00 -1.24
CA ALA A 23 -11.65 -1.67 0.14
C ALA A 23 -12.63 -0.51 0.22
N THR A 24 -12.69 0.27 -0.83
CA THR A 24 -13.55 1.42 -0.86
C THR A 24 -14.86 1.14 -1.58
N SER A 25 -14.77 0.39 -2.67
CA SER A 25 -15.91 0.08 -3.49
C SER A 25 -16.40 -1.34 -3.23
N GLY A 26 -15.46 -2.26 -3.09
CA GLY A 26 -15.82 -3.64 -2.87
C GLY A 26 -14.81 -4.59 -3.48
N CYS A 27 -14.56 -5.68 -2.82
CA CYS A 27 -13.59 -6.67 -3.26
C CYS A 27 -14.26 -7.65 -4.21
N ASN A 28 -13.67 -7.85 -5.41
CA ASN A 28 -14.29 -8.73 -6.40
C ASN A 28 -13.24 -9.50 -7.23
N CYS A 29 -11.99 -9.48 -6.80
CA CYS A 29 -10.94 -10.17 -7.52
C CYS A 29 -10.85 -11.64 -7.10
N THR A 30 -9.81 -12.32 -7.55
CA THR A 30 -9.61 -13.71 -7.23
C THR A 30 -8.78 -13.85 -5.95
N ASP A 31 -8.73 -15.04 -5.39
CA ASP A 31 -7.99 -15.28 -4.17
C ASP A 31 -6.50 -15.42 -4.46
N ASP A 32 -6.15 -15.33 -5.73
CA ASP A 32 -4.76 -15.35 -6.16
C ASP A 32 -4.14 -13.98 -5.94
N CYS A 33 -5.00 -13.01 -5.64
CA CYS A 33 -4.58 -11.65 -5.35
C CYS A 33 -3.62 -11.61 -4.16
N LYS A 34 -2.46 -11.01 -4.37
CA LYS A 34 -1.46 -10.89 -3.33
C LYS A 34 -1.38 -9.46 -2.81
N CYS A 35 -2.44 -8.70 -3.04
CA CYS A 35 -2.50 -7.31 -2.63
C CYS A 35 -2.83 -7.20 -1.14
N GLN A 36 -2.09 -6.34 -0.45
CA GLN A 36 -2.24 -6.17 1.00
C GLN A 36 -3.35 -5.18 1.31
N SER A 37 -3.86 -4.52 0.29
CA SER A 37 -4.85 -3.48 0.47
C SER A 37 -6.20 -4.08 0.80
N CYS A 38 -6.62 -5.04 0.01
CA CYS A 38 -7.90 -5.68 0.24
C CYS A 38 -7.75 -6.87 1.19
N LYS A 39 -6.51 -7.27 1.45
CA LYS A 39 -6.24 -8.38 2.36
C LYS A 39 -5.66 -7.84 3.65
N TYR A 40 -6.37 -6.88 4.22
CA TYR A 40 -5.97 -6.26 5.47
C TYR A 40 -5.94 -7.27 6.62
N GLY A 41 -5.47 -6.83 7.76
CA GLY A 41 -5.34 -7.71 8.90
C GLY A 41 -3.90 -7.95 9.26
N ALA A 42 -3.04 -8.01 8.26
CA ALA A 42 -1.62 -8.24 8.49
C ALA A 42 -0.78 -7.02 8.09
N GLY A 43 -1.45 -5.97 7.64
CA GLY A 43 -0.72 -4.80 7.21
C GLY A 43 -1.42 -3.49 7.53
N CYS A 44 -2.68 -3.56 7.87
CA CYS A 44 -3.48 -2.35 8.07
C CYS A 44 -4.18 -2.33 9.41
N THR A 45 -5.05 -1.36 9.55
CA THR A 45 -5.86 -1.19 10.72
C THR A 45 -7.14 -0.48 10.31
N ASP A 46 -8.06 -0.31 11.24
CA ASP A 46 -9.33 0.35 10.96
C ASP A 46 -9.15 1.85 10.81
N THR A 47 -7.99 2.33 11.20
CA THR A 47 -7.67 3.74 11.13
C THR A 47 -7.25 4.15 9.71
N CYS A 48 -6.75 3.19 8.94
CA CYS A 48 -6.25 3.47 7.60
C CYS A 48 -7.40 3.49 6.58
N LYS A 49 -8.28 2.50 6.64
CA LYS A 49 -9.38 2.35 5.68
C LYS A 49 -10.52 3.33 5.93
N GLN A 50 -10.27 4.36 6.73
CA GLN A 50 -11.30 5.35 7.04
C GLN A 50 -11.69 6.18 5.80
N THR A 51 -10.71 6.44 4.95
CA THR A 51 -10.91 7.20 3.71
C THR A 51 -11.12 8.71 3.99
N PRO A 52 -10.11 9.56 3.66
CA PRO A 52 -8.87 9.13 3.02
C PRO A 52 -8.05 8.27 3.94
N CYS A 53 -7.73 8.82 5.11
CA CYS A 53 -6.98 8.10 6.09
C CYS A 53 -7.12 8.74 7.45
N GLY A 54 -7.34 7.94 8.48
CA GLY A 54 -7.49 8.49 9.80
C GLY A 54 -6.25 8.30 10.66
N CYS A 55 -5.23 7.62 10.13
CA CYS A 55 -4.02 7.40 10.87
C CYS A 55 -3.22 8.69 11.03
N GLY A 56 -2.62 9.15 9.95
CA GLY A 56 -1.79 10.35 10.01
C GLY A 56 -0.59 10.14 10.90
N SER A 57 -0.60 10.75 12.07
CA SER A 57 0.47 10.56 13.04
C SER A 57 0.03 9.55 14.09
N GLY A 58 -1.23 9.17 14.04
CA GLY A 58 -1.78 8.22 14.97
C GLY A 58 -2.09 6.92 14.29
N CYS A 59 -1.05 6.29 13.79
CA CYS A 59 -1.18 5.07 13.05
C CYS A 59 -1.20 3.86 13.96
N ASN A 60 -2.00 2.86 13.58
CA ASN A 60 -2.14 1.64 14.36
C ASN A 60 -2.07 0.42 13.45
N CYS A 61 -1.46 0.58 12.28
CA CYS A 61 -1.35 -0.51 11.30
C CYS A 61 -0.39 -1.59 11.77
N LYS A 62 -0.18 -2.56 10.90
CA LYS A 62 0.68 -3.67 11.21
C LYS A 62 2.07 -3.39 10.64
N GLU A 63 2.31 -3.87 9.42
CA GLU A 63 3.58 -3.61 8.74
C GLU A 63 3.41 -3.66 7.23
N ASP A 64 2.56 -4.55 6.77
CA ASP A 64 2.32 -4.71 5.36
C ASP A 64 1.32 -3.68 4.83
N CYS A 65 1.59 -2.43 5.12
CA CYS A 65 0.75 -1.33 4.65
C CYS A 65 1.35 -0.74 3.39
N ARG A 66 0.50 -0.34 2.47
CA ARG A 66 0.96 0.21 1.21
C ARG A 66 0.62 1.68 1.10
N CYS A 67 0.15 2.23 2.20
CA CYS A 67 -0.21 3.62 2.24
C CYS A 67 1.01 4.45 2.57
N GLN A 68 1.04 5.69 2.10
CA GLN A 68 2.19 6.56 2.34
C GLN A 68 1.83 7.70 3.28
N SER A 69 0.61 7.72 3.73
CA SER A 69 0.13 8.79 4.59
C SER A 69 0.58 8.56 6.02
N CYS A 70 0.41 7.33 6.47
CA CYS A 70 0.69 6.98 7.83
C CYS A 70 2.03 6.27 8.00
N SER A 71 2.50 5.61 6.95
CA SER A 71 3.78 4.89 7.00
C SER A 71 4.93 5.85 7.31
N THR A 72 5.91 5.34 8.06
CA THR A 72 7.06 6.14 8.47
C THR A 72 7.93 6.53 7.29
N ALA A 73 8.83 7.48 7.53
CA ALA A 73 9.67 8.03 6.51
C ALA A 73 10.75 7.07 6.04
N CYS A 74 10.67 6.72 4.78
CA CYS A 74 11.68 5.90 4.09
C CYS A 74 13.01 6.62 4.01
N LYS A 75 13.90 6.07 3.23
CA LYS A 75 15.18 6.71 2.99
C LYS A 75 15.23 7.31 1.59
N CYS A 76 14.07 7.43 0.94
CA CYS A 76 14.02 8.02 -0.37
C CYS A 76 13.99 9.54 -0.24
N ALA A 77 14.93 10.23 -0.86
CA ALA A 77 15.01 11.69 -0.75
C ALA A 77 15.99 12.28 -1.75
N ALA A 78 15.63 13.44 -2.31
CA ALA A 78 16.50 14.18 -3.24
C ALA A 78 16.97 13.30 -4.38
N GLY A 79 16.03 12.78 -5.14
CA GLY A 79 16.37 11.92 -6.26
C GLY A 79 17.13 10.68 -5.81
N SER A 80 16.61 10.01 -4.79
CA SER A 80 17.28 8.83 -4.28
C SER A 80 16.28 7.79 -3.81
N CYS A 81 15.94 6.89 -4.70
CA CYS A 81 15.17 5.72 -4.35
C CYS A 81 16.09 4.53 -4.47
N LYS A 82 15.74 3.46 -3.81
CA LYS A 82 16.56 2.28 -3.85
C LYS A 82 15.70 1.06 -4.19
N CYS A 83 14.63 1.33 -4.89
CA CYS A 83 13.71 0.31 -5.34
C CYS A 83 13.56 0.34 -6.87
N GLY A 84 13.49 1.54 -7.42
CA GLY A 84 13.31 1.68 -8.85
C GLY A 84 11.99 2.34 -9.20
N LYS A 85 11.26 2.76 -8.19
CA LYS A 85 9.98 3.43 -8.39
C LYS A 85 10.16 4.94 -8.46
N GLY A 86 11.33 5.41 -8.00
CA GLY A 86 11.63 6.82 -8.03
C GLY A 86 10.77 7.65 -7.10
N CYS A 87 10.44 7.07 -5.95
CA CYS A 87 9.61 7.76 -4.95
C CYS A 87 10.27 9.07 -4.52
N THR A 88 11.51 8.96 -4.07
CA THR A 88 12.33 10.11 -3.63
C THR A 88 11.61 10.96 -2.58
N GLY A 89 10.76 10.31 -1.80
CA GLY A 89 10.01 11.00 -0.79
C GLY A 89 8.80 10.20 -0.37
N PRO A 90 8.45 10.24 0.93
CA PRO A 90 7.33 9.46 1.46
C PRO A 90 5.97 9.90 0.91
N ASP A 91 5.84 11.18 0.61
CA ASP A 91 4.56 11.72 0.09
C ASP A 91 4.31 11.27 -1.34
N SER A 92 5.34 10.77 -1.99
CA SER A 92 5.25 10.28 -3.35
C SER A 92 5.68 8.83 -3.41
N CYS A 93 5.67 8.19 -2.27
CA CYS A 93 6.09 6.82 -2.14
C CYS A 93 4.87 5.90 -2.32
N LYS A 94 4.74 5.33 -3.50
CA LYS A 94 3.60 4.46 -3.84
C LYS A 94 3.91 3.00 -3.49
N CYS A 95 4.72 2.78 -2.46
CA CYS A 95 5.14 1.42 -2.11
C CYS A 95 4.75 1.03 -0.67
N ASP A 96 4.96 -0.26 -0.35
CA ASP A 96 4.66 -0.85 0.96
C ASP A 96 5.71 -0.44 2.00
N ARG A 97 5.69 -1.17 3.12
CA ARG A 97 6.70 -1.00 4.18
C ARG A 97 7.60 -2.22 4.19
N SER A 98 7.33 -3.11 3.27
CA SER A 98 8.08 -4.34 3.13
C SER A 98 8.55 -4.48 1.70
N CYS A 99 8.99 -3.36 1.13
CA CYS A 99 9.38 -3.30 -0.27
C CYS A 99 10.90 -3.28 -0.42
N SER A 100 11.38 -3.11 -1.65
CA SER A 100 12.82 -3.10 -1.93
C SER A 100 13.50 -1.87 -1.33
N CYS A 101 12.82 -0.75 -1.39
CA CYS A 101 13.31 0.46 -0.78
C CYS A 101 12.96 0.40 0.66
N LYS A 102 11.69 0.15 0.84
CA LYS A 102 11.04 -0.01 2.03
C LYS A 102 9.55 0.05 1.77
N GLY A 1 9.87 -9.58 -10.72
CA GLY A 1 9.01 -8.43 -11.12
C GLY A 1 7.77 -8.32 -10.27
N SER A 2 7.71 -9.11 -9.20
CA SER A 2 6.57 -9.12 -8.30
C SER A 2 6.46 -7.81 -7.51
N MET A 3 7.57 -7.09 -7.43
CA MET A 3 7.59 -5.80 -6.74
C MET A 3 6.83 -4.76 -7.57
N SER A 4 6.81 -4.98 -8.87
CA SER A 4 6.08 -4.11 -9.77
C SER A 4 4.69 -4.70 -10.02
N SER A 5 4.67 -5.94 -10.48
CA SER A 5 3.43 -6.63 -10.73
C SER A 5 2.98 -7.32 -9.45
N VAL A 6 2.37 -6.55 -8.58
CA VAL A 6 1.93 -7.04 -7.29
C VAL A 6 0.55 -7.71 -7.38
N PHE A 7 -0.09 -7.57 -8.54
CA PHE A 7 -1.38 -8.17 -8.76
C PHE A 7 -1.24 -9.67 -8.97
N GLY A 8 -2.34 -10.38 -8.79
CA GLY A 8 -2.33 -11.81 -9.01
C GLY A 8 -2.42 -12.16 -10.48
N ALA A 9 -3.12 -13.21 -10.77
CA ALA A 9 -3.26 -13.66 -12.14
C ALA A 9 -4.62 -13.32 -12.67
N GLY A 10 -5.60 -13.30 -11.78
CA GLY A 10 -6.95 -13.00 -12.19
C GLY A 10 -7.52 -11.82 -11.44
N CYS A 11 -6.77 -10.72 -11.37
CA CYS A 11 -7.26 -9.53 -10.71
C CYS A 11 -8.32 -8.85 -11.56
N THR A 12 -9.22 -8.15 -10.91
CA THR A 12 -10.21 -7.38 -11.60
C THR A 12 -9.70 -5.96 -11.84
N ASP A 13 -10.40 -5.20 -12.66
CA ASP A 13 -10.04 -3.82 -12.90
C ASP A 13 -10.33 -3.00 -11.65
N VAL A 14 -11.10 -3.59 -10.76
CA VAL A 14 -11.46 -2.98 -9.50
C VAL A 14 -10.25 -2.96 -8.56
N CYS A 15 -9.39 -3.94 -8.71
CA CYS A 15 -8.22 -4.04 -7.88
C CYS A 15 -7.14 -3.07 -8.36
N LYS A 16 -7.28 -2.60 -9.60
CA LYS A 16 -6.32 -1.65 -10.17
C LYS A 16 -6.76 -0.24 -9.83
N GLN A 17 -7.83 -0.12 -9.06
CA GLN A 17 -8.36 1.18 -8.64
C GLN A 17 -7.44 1.85 -7.62
N THR A 18 -7.74 3.09 -7.28
CA THR A 18 -6.94 3.83 -6.34
C THR A 18 -7.82 4.80 -5.54
N PRO A 19 -8.06 4.51 -4.24
CA PRO A 19 -7.50 3.35 -3.57
C PRO A 19 -8.14 2.06 -4.06
N CYS A 20 -7.56 0.95 -3.65
CA CYS A 20 -8.02 -0.37 -4.05
C CYS A 20 -9.52 -0.49 -3.95
N GLY A 21 -10.16 -0.75 -5.07
CA GLY A 21 -11.58 -0.81 -5.13
C GLY A 21 -12.15 -2.01 -4.43
N CYS A 22 -11.34 -3.05 -4.25
CA CYS A 22 -11.80 -4.26 -3.59
C CYS A 22 -12.17 -3.99 -2.13
N ALA A 23 -11.79 -2.81 -1.63
CA ALA A 23 -12.06 -2.42 -0.26
C ALA A 23 -13.39 -1.69 -0.12
N THR A 24 -13.99 -1.32 -1.24
CA THR A 24 -15.27 -0.62 -1.19
C THR A 24 -16.27 -1.21 -2.18
N SER A 25 -15.78 -1.86 -3.20
CA SER A 25 -16.63 -2.45 -4.22
C SER A 25 -16.68 -3.96 -4.08
N GLY A 26 -15.93 -4.49 -3.14
CA GLY A 26 -15.91 -5.91 -2.91
C GLY A 26 -14.75 -6.55 -3.60
N CYS A 27 -14.15 -7.52 -2.95
CA CYS A 27 -13.01 -8.21 -3.49
C CYS A 27 -13.50 -9.27 -4.48
N ASN A 28 -12.89 -9.32 -5.66
CA ASN A 28 -13.37 -10.25 -6.69
C ASN A 28 -12.22 -10.92 -7.45
N CYS A 29 -11.01 -10.81 -6.96
CA CYS A 29 -9.89 -11.42 -7.64
C CYS A 29 -9.52 -12.76 -7.01
N THR A 30 -8.45 -13.34 -7.51
CA THR A 30 -8.02 -14.64 -7.07
C THR A 30 -7.16 -14.57 -5.80
N ASP A 31 -6.91 -15.73 -5.19
CA ASP A 31 -6.13 -15.79 -3.95
C ASP A 31 -4.64 -15.58 -4.22
N ASP A 32 -4.28 -15.54 -5.48
CA ASP A 32 -2.89 -15.28 -5.89
C ASP A 32 -2.59 -13.81 -5.92
N CYS A 33 -3.60 -13.00 -5.65
CA CYS A 33 -3.42 -11.57 -5.55
C CYS A 33 -2.46 -11.24 -4.39
N LYS A 34 -1.37 -10.55 -4.72
CA LYS A 34 -0.35 -10.20 -3.74
C LYS A 34 -0.51 -8.78 -3.25
N CYS A 35 -1.67 -8.22 -3.44
CA CYS A 35 -1.90 -6.86 -3.08
C CYS A 35 -2.06 -6.71 -1.58
N GLN A 36 -1.49 -5.67 -1.02
CA GLN A 36 -1.60 -5.41 0.41
C GLN A 36 -2.75 -4.45 0.69
N SER A 37 -3.40 -4.00 -0.37
CA SER A 37 -4.46 -3.03 -0.24
C SER A 37 -5.83 -3.71 -0.03
N CYS A 38 -6.12 -4.74 -0.80
CA CYS A 38 -7.39 -5.44 -0.63
C CYS A 38 -7.28 -6.54 0.43
N LYS A 39 -6.05 -6.80 0.86
CA LYS A 39 -5.80 -7.75 1.94
C LYS A 39 -5.63 -7.00 3.26
N TYR A 40 -6.30 -5.85 3.35
CA TYR A 40 -6.24 -5.01 4.55
C TYR A 40 -6.65 -5.77 5.80
N GLY A 41 -5.93 -5.52 6.88
CA GLY A 41 -6.18 -6.21 8.11
C GLY A 41 -4.89 -6.74 8.68
N ALA A 42 -4.16 -7.45 7.84
CA ALA A 42 -2.86 -8.01 8.23
C ALA A 42 -1.79 -6.95 8.07
N GLY A 43 -2.21 -5.76 7.68
CA GLY A 43 -1.31 -4.67 7.47
C GLY A 43 -1.87 -3.35 7.98
N CYS A 44 -3.11 -3.38 8.45
CA CYS A 44 -3.81 -2.16 8.83
C CYS A 44 -4.33 -2.19 10.26
N THR A 45 -5.13 -1.19 10.58
CA THR A 45 -5.75 -1.05 11.86
C THR A 45 -7.05 -0.27 11.66
N ASP A 46 -7.81 -0.09 12.71
CA ASP A 46 -9.10 0.60 12.62
C ASP A 46 -8.92 2.09 12.36
N THR A 47 -7.75 2.58 12.66
CA THR A 47 -7.43 3.97 12.58
C THR A 47 -7.01 4.37 11.15
N CYS A 48 -6.71 3.39 10.32
CA CYS A 48 -6.31 3.66 8.94
C CYS A 48 -7.52 3.54 8.01
N LYS A 49 -8.65 3.10 8.56
CA LYS A 49 -9.88 2.95 7.79
C LYS A 49 -10.64 4.27 7.74
N GLN A 50 -10.05 5.29 8.29
CA GLN A 50 -10.68 6.59 8.34
C GLN A 50 -10.41 7.38 7.06
N THR A 51 -10.67 8.67 7.11
CA THR A 51 -10.47 9.53 5.96
C THR A 51 -10.07 10.94 6.40
N PRO A 52 -8.87 11.41 5.99
CA PRO A 52 -7.96 10.63 5.15
C PRO A 52 -7.33 9.47 5.92
N CYS A 53 -6.95 9.74 7.15
CA CYS A 53 -6.37 8.74 8.01
C CYS A 53 -6.39 9.25 9.44
N GLY A 54 -6.62 8.36 10.39
CA GLY A 54 -6.69 8.77 11.77
C GLY A 54 -5.39 8.59 12.52
N CYS A 55 -4.43 7.89 11.93
CA CYS A 55 -3.16 7.64 12.57
C CYS A 55 -2.42 8.95 12.86
N GLY A 56 -1.95 9.62 11.80
CA GLY A 56 -1.25 10.90 11.94
C GLY A 56 -0.14 10.88 12.99
N SER A 57 0.93 10.15 12.68
CA SER A 57 2.09 10.00 13.59
C SER A 57 1.76 9.06 14.77
N GLY A 58 0.50 8.70 14.90
CA GLY A 58 0.07 7.79 15.95
C GLY A 58 -0.46 6.51 15.37
N CYS A 59 0.27 5.99 14.39
CA CYS A 59 -0.10 4.77 13.69
C CYS A 59 -0.15 3.55 14.61
N ASN A 60 -1.05 2.62 14.29
CA ASN A 60 -1.26 1.41 15.09
C ASN A 60 -1.44 0.20 14.16
N CYS A 61 -0.98 0.33 12.93
CA CYS A 61 -1.11 -0.74 11.93
C CYS A 61 -0.23 -1.95 12.21
N LYS A 62 -0.21 -2.88 11.27
CA LYS A 62 0.55 -4.11 11.41
C LYS A 62 1.92 -3.96 10.79
N GLU A 63 1.96 -4.00 9.46
CA GLU A 63 3.20 -3.88 8.72
C GLU A 63 2.90 -3.80 7.23
N ASP A 64 1.98 -4.62 6.78
CA ASP A 64 1.61 -4.69 5.39
C ASP A 64 0.64 -3.57 5.00
N CYS A 65 0.99 -2.34 5.32
CA CYS A 65 0.16 -1.20 4.99
C CYS A 65 0.66 -0.49 3.74
N ARG A 66 -0.26 -0.03 2.91
CA ARG A 66 0.07 0.65 1.66
C ARG A 66 -0.11 2.15 1.79
N CYS A 67 -0.47 2.61 2.96
CA CYS A 67 -0.72 4.01 3.16
C CYS A 67 0.58 4.76 3.44
N GLN A 68 0.81 5.82 2.67
CA GLN A 68 2.00 6.64 2.84
C GLN A 68 1.71 7.84 3.71
N SER A 69 0.50 7.89 4.26
CA SER A 69 0.07 9.00 5.05
C SER A 69 0.38 8.76 6.53
N CYS A 70 0.23 7.53 6.99
CA CYS A 70 0.47 7.23 8.39
C CYS A 70 1.86 6.61 8.59
N SER A 71 2.36 5.92 7.58
CA SER A 71 3.66 5.28 7.66
C SER A 71 4.77 6.34 7.81
N THR A 72 5.95 5.89 8.18
CA THR A 72 7.06 6.80 8.37
C THR A 72 7.83 6.97 7.07
N ALA A 73 8.51 8.10 6.94
CA ALA A 73 9.24 8.44 5.74
C ALA A 73 10.19 7.34 5.33
N CYS A 74 10.02 6.88 4.11
CA CYS A 74 10.89 5.88 3.53
C CYS A 74 12.26 6.47 3.24
N LYS A 75 13.13 5.66 2.67
CA LYS A 75 14.45 6.13 2.31
C LYS A 75 14.42 6.82 0.98
N CYS A 76 13.25 7.01 0.46
CA CYS A 76 13.10 7.66 -0.78
C CYS A 76 13.12 9.17 -0.55
N ALA A 77 14.14 9.82 -1.04
CA ALA A 77 14.27 11.26 -0.92
C ALA A 77 15.21 11.79 -1.96
N ALA A 78 14.69 12.68 -2.81
CA ALA A 78 15.46 13.33 -3.90
C ALA A 78 15.87 12.33 -4.99
N GLY A 79 16.66 11.38 -4.60
CA GLY A 79 17.13 10.37 -5.53
C GLY A 79 17.60 9.12 -4.80
N SER A 80 17.17 8.99 -3.56
CA SER A 80 17.56 7.89 -2.72
C SER A 80 16.55 6.73 -2.80
N CYS A 81 15.77 6.71 -3.87
CA CYS A 81 14.79 5.66 -4.07
C CYS A 81 15.48 4.30 -4.23
N LYS A 82 15.16 3.38 -3.33
CA LYS A 82 15.81 2.07 -3.31
C LYS A 82 15.05 1.03 -4.14
N CYS A 83 13.77 1.19 -4.28
CA CYS A 83 12.98 0.20 -5.00
C CYS A 83 12.93 0.47 -6.50
N GLY A 84 13.36 1.66 -6.89
CA GLY A 84 13.39 2.00 -8.31
C GLY A 84 12.05 2.45 -8.83
N LYS A 85 11.17 2.81 -7.92
CA LYS A 85 9.84 3.26 -8.28
C LYS A 85 9.86 4.74 -8.62
N GLY A 86 10.92 5.41 -8.22
CA GLY A 86 11.04 6.82 -8.48
C GLY A 86 10.15 7.65 -7.59
N CYS A 87 10.00 7.21 -6.35
CA CYS A 87 9.16 7.93 -5.40
C CYS A 87 9.92 9.13 -4.91
N THR A 88 11.15 8.88 -4.46
CA THR A 88 12.07 9.91 -3.97
C THR A 88 11.42 10.81 -2.91
N GLY A 89 10.46 10.25 -2.20
CA GLY A 89 9.78 10.96 -1.17
C GLY A 89 8.62 10.16 -0.65
N PRO A 90 8.26 10.30 0.63
CA PRO A 90 7.19 9.52 1.23
C PRO A 90 5.81 9.99 0.78
N ASP A 91 5.69 11.28 0.53
CA ASP A 91 4.42 11.85 0.10
C ASP A 91 4.21 11.56 -1.38
N SER A 92 5.30 11.21 -2.05
CA SER A 92 5.26 10.88 -3.46
C SER A 92 5.44 9.37 -3.67
N CYS A 93 5.47 8.64 -2.56
CA CYS A 93 5.60 7.20 -2.61
C CYS A 93 4.22 6.56 -2.53
N LYS A 94 4.08 5.36 -3.05
CA LYS A 94 2.82 4.62 -2.99
C LYS A 94 3.06 3.16 -2.69
N CYS A 95 4.15 2.90 -2.02
CA CYS A 95 4.54 1.55 -1.70
C CYS A 95 4.17 1.19 -0.28
N ASP A 96 4.10 -0.11 -0.01
CA ASP A 96 3.81 -0.60 1.32
C ASP A 96 5.08 -0.66 2.16
N ARG A 97 4.92 -0.92 3.44
CA ARG A 97 6.05 -0.92 4.37
C ARG A 97 6.90 -2.17 4.23
N SER A 98 6.53 -3.04 3.30
CA SER A 98 7.25 -4.27 3.10
C SER A 98 8.01 -4.23 1.78
N CYS A 99 8.06 -3.06 1.17
CA CYS A 99 8.76 -2.90 -0.08
C CYS A 99 10.26 -2.69 0.14
N SER A 100 11.01 -2.65 -0.94
CA SER A 100 12.47 -2.53 -0.90
C SER A 100 12.91 -1.16 -0.37
N CYS A 101 12.04 -0.17 -0.47
CA CYS A 101 12.33 1.18 -0.01
C CYS A 101 12.26 1.27 1.52
N LYS A 102 11.52 0.35 2.12
CA LYS A 102 11.35 0.33 3.57
C LYS A 102 12.27 -0.69 4.22
N GLY A 1 9.97 -11.47 2.20
CA GLY A 1 10.27 -10.38 1.22
C GLY A 1 10.56 -10.91 -0.16
N SER A 2 10.39 -12.22 -0.33
CA SER A 2 10.65 -12.87 -1.60
C SER A 2 9.48 -12.68 -2.57
N MET A 3 9.76 -12.78 -3.86
CA MET A 3 8.75 -12.63 -4.87
C MET A 3 7.90 -13.89 -5.00
N SER A 4 6.60 -13.73 -4.87
CA SER A 4 5.68 -14.84 -4.98
C SER A 4 4.36 -14.34 -5.55
N SER A 5 3.48 -15.26 -5.90
CA SER A 5 2.20 -14.90 -6.45
C SER A 5 1.27 -14.36 -5.36
N VAL A 6 1.25 -13.05 -5.21
CA VAL A 6 0.39 -12.41 -4.24
C VAL A 6 -1.07 -12.45 -4.70
N PHE A 7 -1.24 -12.52 -6.01
CA PHE A 7 -2.55 -12.59 -6.61
C PHE A 7 -3.15 -13.98 -6.38
N GLY A 8 -4.45 -14.09 -6.59
CA GLY A 8 -5.12 -15.34 -6.40
C GLY A 8 -5.02 -16.23 -7.61
N ALA A 9 -5.82 -15.93 -8.61
CA ALA A 9 -5.86 -16.69 -9.84
C ALA A 9 -6.64 -15.91 -10.87
N GLY A 10 -7.86 -15.57 -10.52
CA GLY A 10 -8.69 -14.79 -11.40
C GLY A 10 -8.77 -13.35 -10.96
N CYS A 11 -7.62 -12.75 -10.68
CA CYS A 11 -7.58 -11.36 -10.26
C CYS A 11 -7.73 -10.46 -11.48
N THR A 12 -8.30 -9.30 -11.26
CA THR A 12 -8.53 -8.38 -12.34
C THR A 12 -7.33 -7.45 -12.53
N ASP A 13 -7.34 -6.72 -13.63
CA ASP A 13 -6.26 -5.78 -13.94
C ASP A 13 -6.18 -4.69 -12.87
N VAL A 14 -7.31 -4.42 -12.24
CA VAL A 14 -7.38 -3.40 -11.24
C VAL A 14 -6.70 -3.85 -9.93
N CYS A 15 -6.49 -5.17 -9.78
CA CYS A 15 -5.80 -5.71 -8.61
C CYS A 15 -4.29 -5.59 -8.80
N LYS A 16 -3.85 -5.78 -10.03
CA LYS A 16 -2.42 -5.72 -10.37
C LYS A 16 -1.96 -4.29 -10.51
N GLN A 17 -2.88 -3.36 -10.30
CA GLN A 17 -2.57 -1.95 -10.35
C GLN A 17 -1.65 -1.55 -9.19
N THR A 18 -1.20 -0.32 -9.22
CA THR A 18 -0.32 0.19 -8.19
C THR A 18 -0.51 1.70 -8.06
N PRO A 19 -1.13 2.16 -6.96
CA PRO A 19 -1.60 1.28 -5.88
C PRO A 19 -2.76 0.43 -6.31
N CYS A 20 -3.06 -0.59 -5.54
CA CYS A 20 -4.14 -1.49 -5.87
C CYS A 20 -5.42 -0.71 -6.08
N GLY A 21 -5.95 -0.81 -7.28
CA GLY A 21 -7.09 -0.02 -7.65
C GLY A 21 -8.41 -0.56 -7.12
N CYS A 22 -8.42 -1.79 -6.63
CA CYS A 22 -9.66 -2.38 -6.11
C CYS A 22 -10.19 -1.61 -4.90
N ALA A 23 -9.32 -0.87 -4.24
CA ALA A 23 -9.70 -0.13 -3.05
C ALA A 23 -10.22 1.27 -3.39
N THR A 24 -10.21 1.61 -4.66
CA THR A 24 -10.70 2.91 -5.09
C THR A 24 -11.70 2.76 -6.25
N SER A 25 -11.54 1.70 -7.02
CA SER A 25 -12.41 1.44 -8.16
C SER A 25 -13.43 0.37 -7.81
N GLY A 26 -13.00 -0.65 -7.09
CA GLY A 26 -13.88 -1.74 -6.76
C GLY A 26 -13.20 -3.06 -6.98
N CYS A 27 -13.53 -4.04 -6.16
CA CYS A 27 -12.93 -5.35 -6.24
C CYS A 27 -13.72 -6.26 -7.18
N ASN A 28 -13.01 -7.04 -7.99
CA ASN A 28 -13.66 -7.92 -8.96
C ASN A 28 -12.99 -9.30 -8.98
N CYS A 29 -12.23 -9.60 -7.94
CA CYS A 29 -11.49 -10.86 -7.86
C CYS A 29 -12.33 -11.99 -7.29
N THR A 30 -11.73 -13.17 -7.25
CA THR A 30 -12.38 -14.34 -6.71
C THR A 30 -11.89 -14.59 -5.27
N ASP A 31 -12.29 -15.72 -4.69
CA ASP A 31 -11.87 -16.05 -3.32
C ASP A 31 -10.43 -16.54 -3.28
N ASP A 32 -9.83 -16.66 -4.46
CA ASP A 32 -8.45 -17.12 -4.56
C ASP A 32 -7.51 -16.00 -4.21
N CYS A 33 -8.00 -14.78 -4.32
CA CYS A 33 -7.21 -13.59 -4.11
C CYS A 33 -6.56 -13.56 -2.73
N LYS A 34 -5.25 -13.69 -2.71
CA LYS A 34 -4.48 -13.64 -1.49
C LYS A 34 -3.86 -12.26 -1.30
N CYS A 35 -4.37 -11.26 -2.03
CA CYS A 35 -3.81 -9.92 -1.96
C CYS A 35 -4.31 -9.23 -0.72
N GLN A 36 -3.40 -8.63 0.01
CA GLN A 36 -3.73 -7.98 1.26
C GLN A 36 -4.09 -6.52 1.03
N SER A 37 -3.95 -6.08 -0.20
CA SER A 37 -4.18 -4.68 -0.53
C SER A 37 -5.65 -4.39 -0.85
N CYS A 38 -6.28 -5.20 -1.71
CA CYS A 38 -7.67 -4.95 -2.05
C CYS A 38 -8.57 -5.44 -0.93
N LYS A 39 -8.10 -6.46 -0.23
CA LYS A 39 -8.78 -6.96 0.96
C LYS A 39 -8.27 -6.17 2.16
N TYR A 40 -8.33 -4.85 2.04
CA TYR A 40 -7.83 -3.95 3.08
C TYR A 40 -8.39 -4.26 4.45
N GLY A 41 -7.52 -4.23 5.44
CA GLY A 41 -7.88 -4.55 6.80
C GLY A 41 -6.71 -5.16 7.49
N ALA A 42 -5.87 -5.81 6.70
CA ALA A 42 -4.66 -6.43 7.20
C ALA A 42 -3.48 -5.46 7.05
N GLY A 43 -3.79 -4.21 6.74
CA GLY A 43 -2.78 -3.21 6.60
C GLY A 43 -3.08 -1.92 7.35
N CYS A 44 -4.31 -1.76 7.79
CA CYS A 44 -4.74 -0.50 8.39
C CYS A 44 -5.32 -0.68 9.77
N THR A 45 -5.81 0.43 10.32
CA THR A 45 -6.41 0.47 11.62
C THR A 45 -7.46 1.59 11.62
N ASP A 46 -8.22 1.68 12.69
CA ASP A 46 -9.29 2.67 12.81
C ASP A 46 -8.72 4.07 13.01
N THR A 47 -7.48 4.14 13.39
CA THR A 47 -6.81 5.39 13.66
C THR A 47 -6.33 6.07 12.36
N CYS A 48 -6.19 5.29 11.30
CA CYS A 48 -5.70 5.81 10.03
C CYS A 48 -6.83 6.39 9.18
N LYS A 49 -8.02 5.84 9.35
CA LYS A 49 -9.17 6.27 8.56
C LYS A 49 -9.79 7.56 9.10
N GLN A 50 -9.11 8.19 10.04
CA GLN A 50 -9.60 9.41 10.63
C GLN A 50 -9.40 10.60 9.68
N THR A 51 -9.50 11.80 10.21
CA THR A 51 -9.35 13.00 9.42
C THR A 51 -8.60 14.09 10.20
N PRO A 52 -7.38 14.46 9.76
CA PRO A 52 -6.72 13.85 8.59
C PRO A 52 -6.29 12.42 8.86
N CYS A 53 -5.63 12.20 9.98
CA CYS A 53 -5.19 10.89 10.38
C CYS A 53 -4.76 10.90 11.84
N GLY A 54 -5.13 9.87 12.57
CA GLY A 54 -4.76 9.80 13.96
C GLY A 54 -3.40 9.18 14.15
N CYS A 55 -2.97 8.39 13.17
CA CYS A 55 -1.69 7.72 13.22
C CYS A 55 -0.56 8.70 13.06
N GLY A 56 -0.88 9.90 12.59
CA GLY A 56 0.12 10.94 12.44
C GLY A 56 0.72 11.33 13.79
N SER A 57 0.04 10.97 14.86
CA SER A 57 0.50 11.23 16.21
C SER A 57 0.44 9.94 17.04
N GLY A 58 0.48 8.81 16.36
CA GLY A 58 0.40 7.53 17.05
C GLY A 58 -0.21 6.46 16.18
N CYS A 59 0.62 5.83 15.37
CA CYS A 59 0.19 4.80 14.44
C CYS A 59 -0.18 3.49 15.16
N ASN A 60 -1.13 2.77 14.58
CA ASN A 60 -1.59 1.49 15.13
C ASN A 60 -1.95 0.52 13.99
N CYS A 61 -1.46 0.81 12.79
CA CYS A 61 -1.77 0.00 11.61
C CYS A 61 -1.09 -1.36 11.64
N LYS A 62 -1.31 -2.12 10.56
CA LYS A 62 -0.79 -3.47 10.45
C LYS A 62 0.55 -3.45 9.70
N GLU A 63 0.50 -3.27 8.37
CA GLU A 63 1.71 -3.25 7.54
C GLU A 63 1.38 -2.80 6.10
N ASP A 64 0.24 -3.28 5.59
CA ASP A 64 -0.24 -2.92 4.23
C ASP A 64 -0.96 -1.56 4.27
N CYS A 65 -0.28 -0.56 4.76
CA CYS A 65 -0.84 0.77 4.81
C CYS A 65 -0.34 1.63 3.66
N ARG A 66 -1.29 2.14 2.87
CA ARG A 66 -0.98 2.98 1.71
C ARG A 66 -0.95 4.47 2.06
N CYS A 67 -0.98 4.78 3.34
CA CYS A 67 -0.95 6.17 3.76
C CYS A 67 0.49 6.67 3.79
N GLN A 68 0.68 7.96 3.57
CA GLN A 68 2.00 8.55 3.61
C GLN A 68 2.18 9.45 4.82
N SER A 69 1.22 9.41 5.72
CA SER A 69 1.28 10.26 6.90
C SER A 69 1.91 9.51 8.07
N CYS A 70 1.52 8.27 8.26
CA CYS A 70 2.00 7.51 9.40
C CYS A 70 3.13 6.53 9.01
N SER A 71 3.28 6.27 7.72
CA SER A 71 4.36 5.42 7.22
C SER A 71 5.73 6.07 7.50
N THR A 72 6.78 5.25 7.58
CA THR A 72 8.10 5.76 7.91
C THR A 72 8.71 6.55 6.74
N ALA A 73 9.80 7.24 7.01
CA ALA A 73 10.47 8.02 5.99
C ALA A 73 11.22 7.10 5.05
N CYS A 74 10.67 6.95 3.84
CA CYS A 74 11.29 6.12 2.82
C CYS A 74 12.72 6.57 2.55
N LYS A 75 13.60 5.62 2.32
CA LYS A 75 15.01 5.93 2.08
C LYS A 75 15.26 6.32 0.62
N CYS A 76 14.35 7.08 0.07
CA CYS A 76 14.46 7.51 -1.28
C CYS A 76 15.07 8.89 -1.39
N ALA A 77 15.47 9.19 -2.60
CA ALA A 77 16.10 10.43 -2.97
C ALA A 77 16.33 10.39 -4.45
N ALA A 78 17.16 11.29 -4.95
CA ALA A 78 17.45 11.40 -6.39
C ALA A 78 17.75 10.05 -7.05
N GLY A 79 16.69 9.38 -7.46
CA GLY A 79 16.81 8.12 -8.18
C GLY A 79 16.93 6.92 -7.26
N SER A 80 16.36 7.02 -6.07
CA SER A 80 16.43 5.92 -5.13
C SER A 80 15.07 5.24 -4.95
N CYS A 81 14.00 5.82 -5.50
CA CYS A 81 12.68 5.20 -5.41
C CYS A 81 12.55 4.14 -6.50
N LYS A 82 13.01 2.93 -6.19
CA LYS A 82 13.01 1.85 -7.18
C LYS A 82 11.67 1.16 -7.28
N CYS A 83 10.62 1.78 -6.78
CA CYS A 83 9.30 1.20 -6.87
C CYS A 83 8.69 1.46 -8.24
N GLY A 84 8.94 2.64 -8.75
CA GLY A 84 8.40 3.03 -10.03
C GLY A 84 7.74 4.35 -9.93
N LYS A 85 7.26 4.65 -8.73
CA LYS A 85 6.63 5.92 -8.43
C LYS A 85 7.61 7.04 -8.71
N GLY A 86 8.85 6.84 -8.28
CA GLY A 86 9.90 7.81 -8.54
C GLY A 86 9.71 9.08 -7.77
N CYS A 87 9.17 8.95 -6.57
CA CYS A 87 8.90 10.09 -5.72
C CYS A 87 10.17 10.70 -5.18
N THR A 88 11.20 9.86 -5.05
CA THR A 88 12.54 10.29 -4.62
C THR A 88 12.49 11.10 -3.30
N GLY A 89 11.72 10.62 -2.35
CA GLY A 89 11.57 11.31 -1.09
C GLY A 89 10.36 10.83 -0.32
N PRO A 90 10.43 10.75 1.01
CA PRO A 90 9.32 10.23 1.83
C PRO A 90 8.13 11.16 1.86
N ASP A 91 8.37 12.42 1.56
CA ASP A 91 7.31 13.42 1.54
C ASP A 91 6.54 13.33 0.23
N SER A 92 7.13 12.68 -0.74
CA SER A 92 6.54 12.54 -2.05
C SER A 92 6.00 11.13 -2.27
N CYS A 93 6.54 10.16 -1.55
CA CYS A 93 6.11 8.78 -1.68
C CYS A 93 4.68 8.59 -1.24
N LYS A 94 3.90 7.94 -2.09
CA LYS A 94 2.49 7.62 -1.81
C LYS A 94 2.34 6.14 -1.66
N CYS A 95 3.45 5.51 -1.54
CA CYS A 95 3.53 4.08 -1.51
C CYS A 95 3.18 3.55 -0.13
N ASP A 96 2.98 2.25 -0.06
CA ASP A 96 2.64 1.62 1.19
C ASP A 96 3.90 1.20 1.94
N ARG A 97 3.71 0.47 3.02
CA ARG A 97 4.82 0.10 3.87
C ARG A 97 5.39 -1.27 3.49
N SER A 98 4.94 -1.79 2.36
CA SER A 98 5.40 -3.07 1.85
C SER A 98 5.63 -3.00 0.33
N CYS A 99 5.65 -1.80 -0.22
CA CYS A 99 5.81 -1.59 -1.63
C CYS A 99 7.22 -1.95 -2.11
N SER A 100 7.45 -1.77 -3.41
CA SER A 100 8.70 -2.15 -4.03
C SER A 100 9.93 -1.43 -3.44
N CYS A 101 9.79 -0.17 -3.05
CA CYS A 101 10.93 0.52 -2.44
C CYS A 101 10.85 0.48 -0.92
N LYS A 102 9.64 0.46 -0.40
CA LYS A 102 9.43 0.35 1.01
C LYS A 102 8.56 -0.86 1.33
N GLY A 1 6.25 -9.27 -14.42
CA GLY A 1 5.84 -9.33 -15.85
C GLY A 1 4.61 -10.19 -16.08
N SER A 2 4.33 -11.05 -15.12
CA SER A 2 3.19 -11.95 -15.22
C SER A 2 1.98 -11.35 -14.51
N MET A 3 0.82 -11.95 -14.72
CA MET A 3 -0.41 -11.50 -14.08
C MET A 3 -1.44 -12.62 -14.07
N SER A 4 -1.68 -13.17 -12.90
CA SER A 4 -2.68 -14.21 -12.74
C SER A 4 -4.04 -13.59 -12.40
N SER A 5 -5.04 -14.43 -12.16
CA SER A 5 -6.37 -13.95 -11.80
C SER A 5 -6.33 -13.29 -10.43
N VAL A 6 -6.18 -11.98 -10.42
CA VAL A 6 -6.05 -11.23 -9.19
C VAL A 6 -7.43 -10.71 -8.71
N PHE A 7 -8.42 -10.79 -9.56
CA PHE A 7 -9.75 -10.31 -9.21
C PHE A 7 -10.57 -11.40 -8.55
N GLY A 8 -11.64 -10.99 -7.90
CA GLY A 8 -12.55 -11.94 -7.28
C GLY A 8 -13.55 -12.48 -8.27
N ALA A 9 -14.76 -11.95 -8.23
CA ALA A 9 -15.81 -12.36 -9.15
C ALA A 9 -16.27 -11.20 -10.03
N GLY A 10 -16.18 -10.00 -9.47
CA GLY A 10 -16.60 -8.80 -10.18
C GLY A 10 -16.14 -7.57 -9.46
N CYS A 11 -14.85 -7.34 -9.50
CA CYS A 11 -14.25 -6.21 -8.81
C CYS A 11 -14.55 -4.88 -9.50
N THR A 12 -14.48 -3.81 -8.73
CA THR A 12 -14.75 -2.49 -9.23
C THR A 12 -13.54 -1.92 -9.98
N ASP A 13 -13.74 -0.83 -10.68
CA ASP A 13 -12.67 -0.20 -11.44
C ASP A 13 -11.61 0.39 -10.52
N VAL A 14 -12.03 0.73 -9.31
CA VAL A 14 -11.12 1.28 -8.30
C VAL A 14 -10.14 0.21 -7.83
N CYS A 15 -10.51 -1.05 -8.01
CA CYS A 15 -9.65 -2.17 -7.64
C CYS A 15 -8.61 -2.39 -8.73
N LYS A 16 -9.01 -2.11 -9.96
CA LYS A 16 -8.14 -2.24 -11.11
C LYS A 16 -7.21 -1.03 -11.24
N GLN A 17 -7.24 -0.16 -10.23
CA GLN A 17 -6.38 1.02 -10.22
C GLN A 17 -4.93 0.62 -9.97
N THR A 18 -4.06 1.61 -9.94
CA THR A 18 -2.64 1.38 -9.71
C THR A 18 -2.00 2.66 -9.18
N PRO A 19 -1.68 2.70 -7.86
CA PRO A 19 -1.90 1.58 -6.95
C PRO A 19 -3.38 1.31 -6.73
N CYS A 20 -3.71 0.11 -6.27
CA CYS A 20 -5.08 -0.27 -6.06
C CYS A 20 -5.81 0.75 -5.19
N GLY A 21 -6.90 1.24 -5.72
CA GLY A 21 -7.62 2.27 -5.05
C GLY A 21 -8.49 1.74 -3.93
N CYS A 22 -8.76 0.44 -3.93
CA CYS A 22 -9.61 -0.16 -2.90
C CYS A 22 -9.02 0.01 -1.49
N ALA A 23 -7.73 0.28 -1.42
CA ALA A 23 -7.07 0.41 -0.13
C ALA A 23 -6.96 1.85 0.36
N THR A 24 -7.22 2.81 -0.52
CA THR A 24 -7.11 4.21 -0.13
C THR A 24 -8.38 5.01 -0.50
N SER A 25 -9.21 4.44 -1.36
CA SER A 25 -10.44 5.07 -1.79
C SER A 25 -11.63 4.35 -1.18
N GLY A 26 -11.52 3.04 -1.08
CA GLY A 26 -12.61 2.25 -0.57
C GLY A 26 -12.70 0.93 -1.28
N CYS A 27 -12.92 -0.12 -0.53
CA CYS A 27 -12.99 -1.45 -1.08
C CYS A 27 -14.42 -1.74 -1.54
N ASN A 28 -14.64 -1.81 -2.85
CA ASN A 28 -15.98 -1.95 -3.38
C ASN A 28 -16.21 -3.29 -4.09
N CYS A 29 -15.16 -4.08 -4.25
CA CYS A 29 -15.29 -5.35 -4.96
C CYS A 29 -15.88 -6.43 -4.07
N THR A 30 -15.84 -7.65 -4.54
CA THR A 30 -16.35 -8.77 -3.83
C THR A 30 -15.32 -9.29 -2.84
N ASP A 31 -15.79 -9.90 -1.76
CA ASP A 31 -14.91 -10.42 -0.72
C ASP A 31 -14.01 -11.54 -1.27
N ASP A 32 -14.42 -12.10 -2.39
CA ASP A 32 -13.68 -13.18 -3.05
C ASP A 32 -12.46 -12.66 -3.80
N CYS A 33 -12.24 -11.35 -3.78
CA CYS A 33 -11.09 -10.74 -4.42
C CYS A 33 -9.76 -11.40 -3.96
N LYS A 34 -8.85 -11.58 -4.90
CA LYS A 34 -7.57 -12.20 -4.63
C LYS A 34 -6.43 -11.19 -4.78
N CYS A 35 -6.74 -9.94 -4.59
CA CYS A 35 -5.75 -8.90 -4.78
C CYS A 35 -4.91 -8.66 -3.53
N GLN A 36 -3.59 -8.66 -3.71
CA GLN A 36 -2.65 -8.44 -2.61
C GLN A 36 -2.52 -6.96 -2.28
N SER A 37 -3.56 -6.19 -2.54
CA SER A 37 -3.52 -4.77 -2.26
C SER A 37 -4.68 -4.33 -1.36
N CYS A 38 -5.88 -4.83 -1.62
CA CYS A 38 -7.02 -4.46 -0.78
C CYS A 38 -7.24 -5.48 0.33
N LYS A 39 -6.79 -6.70 0.09
CA LYS A 39 -6.91 -7.76 1.07
C LYS A 39 -5.51 -8.23 1.48
N TYR A 40 -4.77 -7.34 2.13
CA TYR A 40 -3.42 -7.65 2.60
C TYR A 40 -3.42 -8.73 3.65
N GLY A 41 -3.77 -8.35 4.84
CA GLY A 41 -3.80 -9.27 5.96
C GLY A 41 -2.45 -9.35 6.64
N ALA A 42 -1.41 -9.52 5.86
CA ALA A 42 -0.05 -9.62 6.38
C ALA A 42 0.72 -8.32 6.18
N GLY A 43 0.03 -7.27 5.78
CA GLY A 43 0.72 -6.01 5.55
C GLY A 43 0.01 -4.79 6.09
N CYS A 44 -1.27 -4.89 6.27
CA CYS A 44 -2.07 -3.72 6.65
C CYS A 44 -2.99 -4.00 7.82
N THR A 45 -3.85 -3.04 8.10
CA THR A 45 -4.81 -3.11 9.15
C THR A 45 -6.11 -2.47 8.66
N ASP A 46 -7.12 -2.47 9.49
CA ASP A 46 -8.44 -1.95 9.11
C ASP A 46 -8.46 -0.43 9.20
N THR A 47 -7.38 0.14 9.66
CA THR A 47 -7.25 1.58 9.83
C THR A 47 -6.59 2.23 8.60
N CYS A 48 -5.68 1.51 7.96
CA CYS A 48 -4.94 2.04 6.81
C CYS A 48 -5.81 2.14 5.56
N LYS A 49 -6.80 1.26 5.48
CA LYS A 49 -7.69 1.18 4.31
C LYS A 49 -8.67 2.37 4.22
N GLN A 50 -8.53 3.32 5.13
CA GLN A 50 -9.40 4.48 5.15
C GLN A 50 -8.99 5.53 4.09
N THR A 51 -9.58 6.71 4.19
CA THR A 51 -9.29 7.78 3.25
C THR A 51 -9.11 9.12 3.98
N PRO A 52 -7.93 9.75 3.86
CA PRO A 52 -6.79 9.21 3.11
C PRO A 52 -6.19 7.98 3.80
N CYS A 53 -6.10 8.07 5.11
CA CYS A 53 -5.61 6.98 5.93
C CYS A 53 -6.04 7.20 7.37
N GLY A 54 -6.45 6.13 8.04
CA GLY A 54 -6.86 6.27 9.42
C GLY A 54 -5.69 6.20 10.38
N CYS A 55 -4.60 5.55 9.97
CA CYS A 55 -3.42 5.42 10.81
C CYS A 55 -2.83 6.78 11.14
N GLY A 56 -2.25 7.41 10.13
CA GLY A 56 -1.58 8.69 10.32
C GLY A 56 -0.41 8.55 11.27
N SER A 57 -0.58 9.05 12.47
CA SER A 57 0.45 8.98 13.50
C SER A 57 0.19 7.76 14.40
N GLY A 58 -1.00 7.20 14.27
CA GLY A 58 -1.39 6.07 15.09
C GLY A 58 -1.61 4.84 14.24
N CYS A 59 -0.53 4.28 13.76
CA CYS A 59 -0.57 3.11 12.89
C CYS A 59 -0.71 1.81 13.68
N ASN A 60 -1.24 0.77 13.01
CA ASN A 60 -1.43 -0.54 13.64
C ASN A 60 -1.35 -1.65 12.58
N CYS A 61 -0.58 -1.42 11.52
CA CYS A 61 -0.43 -2.40 10.44
C CYS A 61 0.44 -3.59 10.83
N LYS A 62 0.75 -4.41 9.84
CA LYS A 62 1.57 -5.58 10.05
C LYS A 62 3.03 -5.24 9.79
N GLU A 63 3.40 -5.11 8.50
CA GLU A 63 4.78 -4.74 8.13
C GLU A 63 4.95 -4.64 6.59
N ASP A 64 4.13 -5.38 5.84
CA ASP A 64 4.20 -5.37 4.36
C ASP A 64 3.35 -4.23 3.79
N CYS A 65 3.40 -3.10 4.46
CA CYS A 65 2.60 -1.94 4.07
C CYS A 65 3.33 -1.11 3.02
N ARG A 66 2.59 -0.67 2.01
CA ARG A 66 3.15 0.15 0.92
C ARG A 66 2.67 1.57 1.01
N CYS A 67 2.01 1.88 2.08
CA CYS A 67 1.50 3.19 2.27
C CYS A 67 2.49 4.05 2.99
N GLN A 68 2.69 5.26 2.51
CA GLN A 68 3.64 6.16 3.13
C GLN A 68 2.95 7.16 4.03
N SER A 69 1.64 7.05 4.11
CA SER A 69 0.86 7.95 4.93
C SER A 69 1.09 7.62 6.39
N CYS A 70 1.27 6.33 6.66
CA CYS A 70 1.47 5.90 8.02
C CYS A 70 2.87 5.35 8.24
N SER A 71 3.51 4.82 7.18
CA SER A 71 4.87 4.31 7.31
C SER A 71 5.80 5.35 7.90
N THR A 72 6.61 4.93 8.85
CA THR A 72 7.50 5.85 9.55
C THR A 72 8.57 6.40 8.60
N ALA A 73 9.38 7.32 9.13
CA ALA A 73 10.40 7.99 8.36
C ALA A 73 11.29 7.02 7.58
N CYS A 74 11.30 7.22 6.28
CA CYS A 74 12.11 6.44 5.37
C CYS A 74 13.59 6.76 5.61
N LYS A 75 14.47 5.80 5.35
CA LYS A 75 15.91 6.03 5.52
C LYS A 75 16.41 6.92 4.41
N CYS A 76 15.70 6.94 3.32
CA CYS A 76 16.02 7.76 2.21
C CYS A 76 15.36 9.12 2.38
N ALA A 77 16.11 10.18 2.20
CA ALA A 77 15.58 11.54 2.35
C ALA A 77 16.41 12.52 1.57
N ALA A 78 15.74 13.52 0.99
CA ALA A 78 16.36 14.59 0.19
C ALA A 78 16.92 14.04 -1.11
N GLY A 79 17.94 13.23 -0.99
CA GLY A 79 18.60 12.65 -2.13
C GLY A 79 19.40 11.42 -1.74
N SER A 80 19.10 10.88 -0.57
CA SER A 80 19.84 9.75 -0.03
C SER A 80 19.14 8.42 -0.34
N CYS A 81 18.49 8.34 -1.48
CA CYS A 81 17.85 7.12 -1.89
C CYS A 81 18.90 6.06 -2.20
N LYS A 82 18.81 4.91 -1.54
CA LYS A 82 19.79 3.85 -1.76
C LYS A 82 19.14 2.56 -2.27
N CYS A 83 17.82 2.56 -2.44
CA CYS A 83 17.13 1.36 -2.94
C CYS A 83 17.06 1.40 -4.47
N GLY A 84 16.98 2.58 -5.03
CA GLY A 84 16.92 2.72 -6.48
C GLY A 84 15.56 3.18 -6.97
N LYS A 85 14.63 3.35 -6.04
CA LYS A 85 13.30 3.80 -6.39
C LYS A 85 13.28 5.29 -6.69
N GLY A 86 14.21 6.02 -6.09
CA GLY A 86 14.26 7.44 -6.28
C GLY A 86 13.19 8.14 -5.49
N CYS A 87 12.95 7.66 -4.29
CA CYS A 87 11.91 8.21 -3.44
C CYS A 87 12.44 9.38 -2.64
N THR A 88 13.59 9.16 -2.00
CA THR A 88 14.29 10.18 -1.20
C THR A 88 13.39 10.82 -0.16
N GLY A 89 12.55 10.01 0.45
CA GLY A 89 11.67 10.51 1.47
C GLY A 89 10.43 9.68 1.56
N PRO A 90 9.90 9.47 2.78
CA PRO A 90 8.71 8.68 2.99
C PRO A 90 7.53 9.20 2.19
N ASP A 91 7.40 10.51 2.12
CA ASP A 91 6.29 11.14 1.40
C ASP A 91 6.33 10.84 -0.10
N SER A 92 7.48 10.44 -0.59
CA SER A 92 7.63 10.10 -2.00
C SER A 92 7.99 8.62 -2.15
N CYS A 93 7.80 7.88 -1.07
CA CYS A 93 8.12 6.47 -1.02
C CYS A 93 6.89 5.62 -1.30
N LYS A 94 6.77 5.14 -2.53
CA LYS A 94 5.67 4.25 -2.91
C LYS A 94 6.08 2.80 -2.67
N CYS A 95 7.03 2.64 -1.78
CA CYS A 95 7.59 1.34 -1.48
C CYS A 95 6.89 0.69 -0.31
N ASP A 96 7.24 -0.55 -0.07
CA ASP A 96 6.77 -1.25 1.07
C ASP A 96 7.76 -1.09 2.19
N ARG A 97 7.31 -1.34 3.40
CA ARG A 97 8.15 -1.18 4.58
C ARG A 97 9.24 -2.22 4.64
N SER A 98 9.19 -3.15 3.72
CA SER A 98 10.13 -4.22 3.68
C SER A 98 11.09 -4.07 2.49
N CYS A 99 11.14 -2.86 1.92
CA CYS A 99 12.03 -2.58 0.79
C CYS A 99 13.45 -2.32 1.30
N SER A 100 14.40 -2.25 0.37
CA SER A 100 15.82 -2.05 0.70
C SER A 100 16.07 -0.72 1.43
N CYS A 101 15.24 0.27 1.19
CA CYS A 101 15.40 1.58 1.80
C CYS A 101 15.07 1.55 3.29
N LYS A 102 14.06 0.78 3.65
CA LYS A 102 13.61 0.68 5.04
C LYS A 102 14.54 -0.20 5.87
N GLY A 1 -0.22 6.21 -18.13
CA GLY A 1 -0.69 6.22 -19.53
C GLY A 1 -2.02 5.49 -19.70
N SER A 2 -2.46 4.84 -18.63
CA SER A 2 -3.71 4.12 -18.65
C SER A 2 -4.82 4.92 -17.98
N MET A 3 -5.65 5.56 -18.80
CA MET A 3 -6.74 6.42 -18.34
C MET A 3 -7.82 5.64 -17.62
N SER A 4 -8.07 6.02 -16.36
CA SER A 4 -9.13 5.42 -15.52
C SER A 4 -8.88 3.94 -15.20
N SER A 5 -7.74 3.42 -15.59
CA SER A 5 -7.42 2.04 -15.30
C SER A 5 -7.06 1.89 -13.82
N VAL A 6 -7.97 1.28 -13.06
CA VAL A 6 -7.78 1.11 -11.64
C VAL A 6 -7.04 -0.19 -11.32
N PHE A 7 -6.95 -1.06 -12.31
CA PHE A 7 -6.28 -2.34 -12.12
C PHE A 7 -4.78 -2.14 -11.92
N GLY A 8 -4.16 -3.07 -11.22
CA GLY A 8 -2.74 -2.99 -10.98
C GLY A 8 -1.95 -3.65 -12.08
N ALA A 9 -1.49 -4.85 -11.82
CA ALA A 9 -0.76 -5.62 -12.80
C ALA A 9 -1.54 -6.89 -13.11
N GLY A 10 -2.10 -7.49 -12.08
CA GLY A 10 -2.88 -8.69 -12.26
C GLY A 10 -3.97 -8.80 -11.23
N CYS A 11 -5.06 -8.07 -11.46
CA CYS A 11 -6.21 -8.14 -10.57
C CYS A 11 -7.01 -9.40 -10.83
N THR A 12 -7.75 -9.82 -9.84
CA THR A 12 -8.58 -10.99 -9.97
C THR A 12 -9.93 -10.62 -10.56
N ASP A 13 -10.67 -11.62 -10.99
CA ASP A 13 -12.02 -11.40 -11.48
C ASP A 13 -12.92 -11.05 -10.30
N VAL A 14 -12.42 -11.41 -9.12
CA VAL A 14 -13.11 -11.17 -7.87
C VAL A 14 -13.02 -9.69 -7.48
N CYS A 15 -11.94 -9.04 -7.87
CA CYS A 15 -11.74 -7.63 -7.59
C CYS A 15 -12.68 -6.80 -8.46
N LYS A 16 -13.11 -7.39 -9.57
CA LYS A 16 -13.99 -6.70 -10.50
C LYS A 16 -15.45 -6.83 -10.05
N GLN A 17 -15.67 -7.51 -8.91
CA GLN A 17 -17.02 -7.67 -8.36
C GLN A 17 -17.56 -6.35 -7.84
N THR A 18 -18.80 -6.36 -7.39
CA THR A 18 -19.46 -5.19 -6.85
C THR A 18 -20.57 -5.62 -5.87
N PRO A 19 -20.34 -5.48 -4.55
CA PRO A 19 -19.10 -4.91 -3.99
C PRO A 19 -17.92 -5.84 -4.20
N CYS A 20 -16.75 -5.33 -3.94
CA CYS A 20 -15.52 -6.06 -4.12
C CYS A 20 -15.58 -7.37 -3.33
N GLY A 21 -15.41 -8.48 -4.03
CA GLY A 21 -15.57 -9.76 -3.42
C GLY A 21 -14.30 -10.31 -2.82
N CYS A 22 -13.17 -9.64 -3.04
CA CYS A 22 -11.89 -10.12 -2.49
C CYS A 22 -11.89 -10.08 -0.96
N ALA A 23 -12.79 -9.31 -0.38
CA ALA A 23 -12.90 -9.22 1.05
C ALA A 23 -13.76 -10.34 1.59
N THR A 24 -14.39 -11.05 0.70
CA THR A 24 -15.26 -12.12 1.03
C THR A 24 -14.71 -13.45 0.53
N SER A 25 -14.15 -13.44 -0.67
CA SER A 25 -13.68 -14.63 -1.33
C SER A 25 -12.15 -14.73 -1.33
N GLY A 26 -11.49 -13.76 -0.73
CA GLY A 26 -10.05 -13.80 -0.69
C GLY A 26 -9.42 -12.98 -1.79
N CYS A 27 -8.32 -12.35 -1.47
CA CYS A 27 -7.59 -11.53 -2.42
C CYS A 27 -6.39 -12.28 -2.99
N ASN A 28 -6.02 -11.94 -4.22
CA ASN A 28 -4.87 -12.53 -4.88
C ASN A 28 -4.24 -11.50 -5.82
N CYS A 29 -4.66 -10.26 -5.69
CA CYS A 29 -4.18 -9.22 -6.57
C CYS A 29 -2.73 -8.86 -6.34
N THR A 30 -2.14 -8.26 -7.35
CA THR A 30 -0.76 -7.84 -7.31
C THR A 30 -0.59 -6.61 -6.42
N ASP A 31 0.62 -6.40 -5.93
CA ASP A 31 0.91 -5.23 -5.07
C ASP A 31 0.59 -3.92 -5.80
N ASP A 32 0.68 -3.98 -7.13
CA ASP A 32 0.44 -2.84 -8.00
C ASP A 32 -1.06 -2.46 -8.00
N CYS A 33 -1.88 -3.28 -7.37
CA CYS A 33 -3.32 -3.05 -7.30
C CYS A 33 -3.61 -1.69 -6.68
N LYS A 34 -4.52 -0.94 -7.27
CA LYS A 34 -4.84 0.38 -6.76
C LYS A 34 -6.21 0.42 -6.08
N CYS A 35 -6.79 -0.76 -5.81
CA CYS A 35 -8.10 -0.81 -5.17
C CYS A 35 -7.99 -1.11 -3.69
N GLN A 36 -8.42 -0.19 -2.87
CA GLN A 36 -8.33 -0.37 -1.42
C GLN A 36 -9.53 -1.15 -0.88
N SER A 37 -10.42 -1.54 -1.75
CA SER A 37 -11.62 -2.24 -1.34
C SER A 37 -11.31 -3.68 -0.97
N CYS A 38 -10.21 -4.20 -1.48
CA CYS A 38 -9.85 -5.58 -1.24
C CYS A 38 -8.59 -5.71 -0.39
N LYS A 39 -7.61 -4.90 -0.70
CA LYS A 39 -6.30 -5.00 -0.07
C LYS A 39 -6.21 -4.35 1.30
N TYR A 40 -7.25 -3.68 1.72
CA TYR A 40 -7.25 -3.02 3.02
C TYR A 40 -7.77 -3.91 4.11
N GLY A 41 -7.36 -3.65 5.33
CA GLY A 41 -7.79 -4.45 6.46
C GLY A 41 -6.67 -5.28 7.02
N ALA A 42 -5.92 -5.94 6.16
CA ALA A 42 -4.83 -6.79 6.58
C ALA A 42 -3.54 -6.01 6.76
N GLY A 43 -3.51 -4.82 6.17
CA GLY A 43 -2.34 -4.00 6.27
C GLY A 43 -2.60 -2.60 6.77
N CYS A 44 -3.86 -2.25 6.93
CA CYS A 44 -4.22 -0.88 7.29
C CYS A 44 -5.10 -0.81 8.52
N THR A 45 -5.54 0.41 8.80
CA THR A 45 -6.40 0.69 9.91
C THR A 45 -7.35 1.83 9.51
N ASP A 46 -8.23 2.20 10.42
CA ASP A 46 -9.22 3.26 10.17
C ASP A 46 -8.57 4.64 10.21
N THR A 47 -7.40 4.71 10.79
CA THR A 47 -6.67 5.94 10.93
C THR A 47 -5.92 6.30 9.63
N CYS A 48 -5.44 5.31 8.92
CA CYS A 48 -4.65 5.53 7.71
C CYS A 48 -5.53 5.88 6.51
N LYS A 49 -6.75 5.38 6.51
CA LYS A 49 -7.68 5.59 5.39
C LYS A 49 -8.14 7.04 5.28
N GLN A 50 -7.68 7.87 6.20
CA GLN A 50 -8.04 9.26 6.22
C GLN A 50 -7.23 10.03 5.17
N THR A 51 -7.40 11.33 5.14
CA THR A 51 -6.71 12.17 4.18
C THR A 51 -6.18 13.44 4.85
N PRO A 52 -4.85 13.69 4.78
CA PRO A 52 -3.91 12.79 4.09
C PRO A 52 -3.78 11.47 4.80
N CYS A 53 -3.71 11.53 6.12
CA CYS A 53 -3.64 10.36 6.95
C CYS A 53 -3.85 10.75 8.39
N GLY A 54 -4.56 9.92 9.14
CA GLY A 54 -4.80 10.20 10.52
C GLY A 54 -3.70 9.65 11.42
N CYS A 55 -2.99 8.61 10.94
CA CYS A 55 -1.93 7.98 11.72
C CYS A 55 -0.85 8.97 12.12
N GLY A 56 -0.08 9.42 11.14
CA GLY A 56 1.03 10.32 11.42
C GLY A 56 2.09 9.63 12.25
N SER A 57 2.25 10.07 13.48
CA SER A 57 3.17 9.42 14.38
C SER A 57 2.43 8.41 15.24
N GLY A 58 1.10 8.51 15.21
CA GLY A 58 0.26 7.63 15.98
C GLY A 58 -0.41 6.64 15.08
N CYS A 59 0.37 5.72 14.58
CA CYS A 59 -0.10 4.75 13.64
C CYS A 59 -0.74 3.54 14.33
N ASN A 60 -1.76 2.98 13.69
CA ASN A 60 -2.51 1.84 14.24
C ASN A 60 -2.67 0.76 13.16
N CYS A 61 -1.84 0.82 12.12
CA CYS A 61 -1.92 -0.14 11.01
C CYS A 61 -1.47 -1.54 11.41
N LYS A 62 -1.39 -2.40 10.41
CA LYS A 62 -1.06 -3.80 10.61
C LYS A 62 0.41 -4.01 10.27
N GLU A 63 0.70 -4.11 8.98
CA GLU A 63 2.06 -4.26 8.49
C GLU A 63 2.09 -4.14 6.97
N ASP A 64 1.04 -4.65 6.33
CA ASP A 64 0.92 -4.57 4.86
C ASP A 64 0.45 -3.17 4.45
N CYS A 65 1.20 -2.18 4.85
CA CYS A 65 0.90 -0.81 4.50
C CYS A 65 2.07 -0.23 3.73
N ARG A 66 1.76 0.51 2.67
CA ARG A 66 2.80 1.12 1.85
C ARG A 66 2.64 2.63 1.78
N CYS A 67 2.03 3.17 2.82
CA CYS A 67 1.83 4.59 2.93
C CYS A 67 3.10 5.29 3.43
N GLN A 68 3.39 6.46 2.87
CA GLN A 68 4.57 7.22 3.27
C GLN A 68 4.21 8.30 4.29
N SER A 69 2.97 8.30 4.75
CA SER A 69 2.52 9.30 5.69
C SER A 69 2.60 8.80 7.13
N CYS A 70 2.53 7.49 7.32
CA CYS A 70 2.59 6.94 8.66
C CYS A 70 3.72 5.92 8.81
N SER A 71 4.33 5.56 7.69
CA SER A 71 5.42 4.59 7.67
C SER A 71 6.52 4.98 8.65
N THR A 72 7.16 3.97 9.25
CA THR A 72 8.25 4.20 10.14
C THR A 72 9.49 4.64 9.34
N ALA A 73 10.53 5.04 10.02
CA ALA A 73 11.73 5.50 9.36
C ALA A 73 12.32 4.43 8.45
N CYS A 74 12.26 4.70 7.16
CA CYS A 74 12.80 3.82 6.15
C CYS A 74 14.32 3.76 6.30
N LYS A 75 14.91 2.62 5.94
CA LYS A 75 16.37 2.47 6.05
C LYS A 75 17.07 3.17 4.91
N CYS A 76 16.33 3.51 3.90
CA CYS A 76 16.86 4.19 2.75
C CYS A 76 16.71 5.69 2.91
N ALA A 77 17.79 6.41 2.63
CA ALA A 77 17.80 7.87 2.76
C ALA A 77 19.09 8.42 2.18
N ALA A 78 19.03 9.65 1.69
CA ALA A 78 20.21 10.35 1.13
C ALA A 78 20.85 9.61 -0.04
N GLY A 79 20.11 8.70 -0.65
CA GLY A 79 20.64 7.94 -1.76
C GLY A 79 21.08 6.55 -1.34
N SER A 80 20.63 6.12 -0.18
CA SER A 80 20.99 4.80 0.33
C SER A 80 19.93 3.75 -0.04
N CYS A 81 19.18 4.01 -1.10
CA CYS A 81 18.16 3.06 -1.55
C CYS A 81 18.82 1.77 -2.03
N LYS A 82 18.11 0.66 -1.90
CA LYS A 82 18.68 -0.62 -2.28
C LYS A 82 17.61 -1.67 -2.61
N CYS A 83 16.36 -1.26 -2.63
CA CYS A 83 15.27 -2.18 -2.90
C CYS A 83 14.88 -2.16 -4.38
N GLY A 84 15.30 -1.12 -5.08
CA GLY A 84 14.97 -1.02 -6.50
C GLY A 84 13.87 -0.04 -6.77
N LYS A 85 13.32 0.54 -5.72
CA LYS A 85 12.23 1.50 -5.86
C LYS A 85 12.79 2.87 -6.15
N GLY A 86 13.83 3.22 -5.44
CA GLY A 86 14.44 4.52 -5.57
C GLY A 86 13.70 5.54 -4.73
N CYS A 87 13.49 5.19 -3.48
CA CYS A 87 12.75 6.03 -2.56
C CYS A 87 13.69 6.98 -1.82
N THR A 88 14.75 6.41 -1.25
CA THR A 88 15.77 7.16 -0.52
C THR A 88 15.18 8.01 0.59
N GLY A 89 14.14 7.53 1.23
CA GLY A 89 13.53 8.27 2.30
C GLY A 89 12.11 7.84 2.54
N PRO A 90 11.70 7.72 3.81
CA PRO A 90 10.34 7.29 4.18
C PRO A 90 9.25 8.20 3.61
N ASP A 91 9.58 9.46 3.39
CA ASP A 91 8.61 10.42 2.82
C ASP A 91 8.44 10.18 1.32
N SER A 92 9.44 9.57 0.71
CA SER A 92 9.40 9.26 -0.71
C SER A 92 9.27 7.76 -0.92
N CYS A 93 9.03 7.06 0.17
CA CYS A 93 8.89 5.62 0.16
C CYS A 93 7.50 5.23 -0.30
N LYS A 94 7.42 4.50 -1.39
CA LYS A 94 6.13 4.12 -1.98
C LYS A 94 5.93 2.62 -1.93
N CYS A 95 6.56 1.98 -0.97
CA CYS A 95 6.49 0.53 -0.84
C CYS A 95 6.02 0.10 0.54
N ASP A 96 5.54 -1.14 0.62
CA ASP A 96 5.02 -1.69 1.86
C ASP A 96 6.11 -1.97 2.85
N ARG A 97 5.71 -2.24 4.08
CA ARG A 97 6.65 -2.44 5.17
C ARG A 97 7.30 -3.81 5.11
N SER A 98 6.95 -4.58 4.12
CA SER A 98 7.52 -5.88 3.95
C SER A 98 8.42 -5.91 2.73
N CYS A 99 8.94 -4.74 2.35
CA CYS A 99 9.80 -4.64 1.18
C CYS A 99 11.26 -4.93 1.54
N SER A 100 12.12 -4.92 0.53
CA SER A 100 13.54 -5.21 0.71
C SER A 100 14.24 -4.13 1.54
N CYS A 101 13.76 -2.91 1.45
CA CYS A 101 14.31 -1.81 2.22
C CYS A 101 13.86 -1.95 3.67
N LYS A 102 12.65 -2.40 3.82
CA LYS A 102 12.01 -2.53 5.07
C LYS A 102 12.03 -4.00 5.52
N GLY A 1 15.07 -4.10 -2.92
CA GLY A 1 15.26 -4.64 -4.30
C GLY A 1 14.34 -3.98 -5.30
N SER A 2 13.20 -4.61 -5.55
CA SER A 2 12.20 -4.08 -6.47
C SER A 2 10.92 -4.90 -6.40
N MET A 3 9.80 -4.28 -6.73
CA MET A 3 8.52 -4.95 -6.72
C MET A 3 7.81 -4.75 -8.04
N SER A 4 7.99 -5.70 -8.93
CA SER A 4 7.38 -5.64 -10.24
C SER A 4 6.01 -6.30 -10.21
N SER A 5 5.91 -7.42 -9.51
CA SER A 5 4.66 -8.12 -9.40
C SER A 5 3.93 -7.72 -8.14
N VAL A 6 3.18 -6.64 -8.22
CA VAL A 6 2.40 -6.17 -7.10
C VAL A 6 1.03 -6.83 -7.12
N PHE A 7 0.74 -7.50 -8.22
CA PHE A 7 -0.50 -8.21 -8.38
C PHE A 7 -0.22 -9.69 -8.42
N GLY A 8 -1.25 -10.47 -8.61
CA GLY A 8 -1.08 -11.89 -8.66
C GLY A 8 -1.31 -12.46 -10.03
N ALA A 9 -2.15 -13.48 -10.10
CA ALA A 9 -2.44 -14.16 -11.35
C ALA A 9 -3.94 -14.30 -11.50
N GLY A 10 -4.65 -13.46 -10.81
CA GLY A 10 -6.08 -13.49 -10.85
C GLY A 10 -6.70 -12.32 -10.13
N CYS A 11 -6.06 -11.16 -10.24
CA CYS A 11 -6.57 -9.96 -9.63
C CYS A 11 -7.77 -9.45 -10.41
N THR A 12 -8.62 -8.69 -9.76
CA THR A 12 -9.75 -8.12 -10.42
C THR A 12 -9.34 -6.88 -11.18
N ASP A 13 -10.24 -6.39 -12.00
CA ASP A 13 -9.99 -5.16 -12.72
C ASP A 13 -10.20 -4.00 -11.77
N VAL A 14 -10.84 -4.33 -10.65
CA VAL A 14 -11.13 -3.41 -9.58
C VAL A 14 -9.86 -3.22 -8.73
N CYS A 15 -8.99 -4.21 -8.77
CA CYS A 15 -7.73 -4.16 -8.03
C CYS A 15 -6.77 -3.21 -8.73
N LYS A 16 -6.97 -3.03 -10.03
CA LYS A 16 -6.13 -2.14 -10.82
C LYS A 16 -6.60 -0.69 -10.67
N GLN A 17 -7.63 -0.49 -9.83
CA GLN A 17 -8.15 0.85 -9.55
C GLN A 17 -7.13 1.65 -8.76
N THR A 18 -7.47 2.88 -8.47
CA THR A 18 -6.59 3.76 -7.71
C THR A 18 -7.41 4.89 -7.10
N PRO A 19 -7.67 4.82 -5.77
CA PRO A 19 -7.20 3.72 -4.90
C PRO A 19 -7.87 2.40 -5.23
N CYS A 20 -7.32 1.32 -4.72
CA CYS A 20 -7.85 -0.01 -4.99
C CYS A 20 -9.31 -0.08 -4.63
N GLY A 21 -10.12 -0.53 -5.57
CA GLY A 21 -11.54 -0.53 -5.38
C GLY A 21 -12.04 -1.74 -4.63
N CYS A 22 -11.20 -2.76 -4.48
CA CYS A 22 -11.62 -4.00 -3.78
C CYS A 22 -12.02 -3.71 -2.34
N ALA A 23 -11.53 -2.62 -1.78
CA ALA A 23 -11.81 -2.27 -0.41
C ALA A 23 -13.22 -1.73 -0.23
N THR A 24 -13.85 -1.31 -1.32
CA THR A 24 -15.20 -0.76 -1.25
C THR A 24 -16.17 -1.47 -2.21
N SER A 25 -15.63 -2.17 -3.19
CA SER A 25 -16.46 -2.87 -4.16
C SER A 25 -16.46 -4.38 -3.91
N GLY A 26 -15.53 -4.84 -3.12
CA GLY A 26 -15.42 -6.25 -2.84
C GLY A 26 -14.23 -6.87 -3.53
N CYS A 27 -13.54 -7.75 -2.83
CA CYS A 27 -12.38 -8.39 -3.36
C CYS A 27 -12.73 -9.73 -4.01
N ASN A 28 -12.02 -10.07 -5.08
CA ASN A 28 -12.25 -11.34 -5.79
C ASN A 28 -10.94 -11.90 -6.33
N CYS A 29 -9.84 -11.42 -5.78
CA CYS A 29 -8.51 -11.86 -6.23
C CYS A 29 -8.13 -13.21 -5.66
N THR A 30 -7.09 -13.79 -6.22
CA THR A 30 -6.59 -15.07 -5.76
C THR A 30 -5.51 -14.87 -4.71
N ASP A 31 -4.97 -15.96 -4.19
CA ASP A 31 -3.93 -15.91 -3.17
C ASP A 31 -2.66 -15.26 -3.70
N ASP A 32 -2.52 -15.26 -5.03
CA ASP A 32 -1.34 -14.72 -5.70
C ASP A 32 -1.25 -13.21 -5.53
N CYS A 33 -2.36 -12.58 -5.18
CA CYS A 33 -2.42 -11.14 -5.03
C CYS A 33 -1.41 -10.64 -4.00
N LYS A 34 -0.49 -9.81 -4.46
CA LYS A 34 0.54 -9.23 -3.61
C LYS A 34 0.20 -7.81 -3.25
N CYS A 35 -1.03 -7.42 -3.49
CA CYS A 35 -1.43 -6.07 -3.24
C CYS A 35 -1.72 -5.89 -1.76
N GLN A 36 -1.42 -4.72 -1.26
CA GLN A 36 -1.64 -4.43 0.13
C GLN A 36 -2.80 -3.44 0.29
N SER A 37 -3.46 -3.14 -0.82
CA SER A 37 -4.54 -2.18 -0.80
C SER A 37 -5.92 -2.84 -0.75
N CYS A 38 -5.98 -4.13 -1.05
CA CYS A 38 -7.25 -4.84 -0.97
C CYS A 38 -7.16 -5.93 0.08
N LYS A 39 -5.95 -6.27 0.46
CA LYS A 39 -5.72 -7.33 1.42
C LYS A 39 -5.52 -6.75 2.82
N TYR A 40 -6.30 -5.72 3.15
CA TYR A 40 -6.22 -5.08 4.46
C TYR A 40 -6.46 -6.08 5.59
N GLY A 41 -5.88 -5.80 6.75
CA GLY A 41 -6.04 -6.67 7.90
C GLY A 41 -4.72 -7.00 8.52
N ALA A 42 -3.86 -7.64 7.76
CA ALA A 42 -2.54 -8.01 8.24
C ALA A 42 -1.58 -6.85 8.12
N GLY A 43 -2.08 -5.73 7.62
CA GLY A 43 -1.26 -4.57 7.48
C GLY A 43 -1.86 -3.31 8.08
N CYS A 44 -3.09 -3.39 8.58
CA CYS A 44 -3.79 -2.19 9.04
C CYS A 44 -4.37 -2.32 10.43
N THR A 45 -5.09 -1.27 10.82
CA THR A 45 -5.76 -1.17 12.07
C THR A 45 -7.08 -0.44 11.85
N ASP A 46 -7.88 -0.35 12.90
CA ASP A 46 -9.21 0.29 12.81
C ASP A 46 -9.10 1.81 12.87
N THR A 47 -7.89 2.30 12.95
CA THR A 47 -7.64 3.73 13.02
C THR A 47 -7.25 4.29 11.64
N CYS A 48 -6.82 3.40 10.75
CA CYS A 48 -6.35 3.78 9.42
C CYS A 48 -7.48 3.74 8.39
N LYS A 49 -8.46 2.91 8.67
CA LYS A 49 -9.59 2.69 7.76
C LYS A 49 -10.57 3.87 7.79
N GLN A 50 -10.23 4.92 8.50
CA GLN A 50 -11.09 6.07 8.61
C GLN A 50 -10.99 6.95 7.36
N THR A 51 -11.45 8.17 7.46
CA THR A 51 -11.40 9.08 6.34
C THR A 51 -11.10 10.50 6.81
N PRO A 52 -9.93 11.04 6.44
CA PRO A 52 -8.93 10.33 5.61
C PRO A 52 -8.22 9.20 6.36
N CYS A 53 -7.83 9.47 7.60
CA CYS A 53 -7.19 8.50 8.45
C CYS A 53 -7.15 9.02 9.87
N GLY A 54 -7.24 8.13 10.83
CA GLY A 54 -7.22 8.54 12.22
C GLY A 54 -5.87 8.33 12.86
N CYS A 55 -5.01 7.53 12.22
CA CYS A 55 -3.68 7.26 12.74
C CYS A 55 -2.88 8.55 12.83
N GLY A 56 -2.46 9.07 11.68
CA GLY A 56 -1.66 10.27 11.64
C GLY A 56 -0.36 10.11 12.41
N SER A 57 -0.25 10.80 13.53
CA SER A 57 0.93 10.72 14.37
C SER A 57 0.73 9.70 15.49
N GLY A 58 -0.44 9.10 15.52
CA GLY A 58 -0.75 8.08 16.49
C GLY A 58 -1.20 6.82 15.81
N CYS A 59 -0.27 6.14 15.21
CA CYS A 59 -0.54 4.96 14.41
C CYS A 59 -0.42 3.68 15.22
N ASN A 60 -1.11 2.62 14.76
CA ASN A 60 -1.07 1.32 15.42
C ASN A 60 -1.36 0.20 14.40
N CYS A 61 -0.91 0.40 13.16
CA CYS A 61 -1.08 -0.60 12.10
C CYS A 61 -0.20 -1.82 12.34
N LYS A 62 -0.21 -2.74 11.39
CA LYS A 62 0.54 -3.98 11.52
C LYS A 62 1.96 -3.85 10.95
N GLU A 63 2.08 -3.91 9.63
CA GLU A 63 3.39 -3.84 8.95
C GLU A 63 3.16 -3.67 7.45
N ASP A 64 2.16 -4.36 6.94
CA ASP A 64 1.84 -4.35 5.53
C ASP A 64 0.86 -3.22 5.16
N CYS A 65 1.17 -1.99 5.58
CA CYS A 65 0.31 -0.84 5.27
C CYS A 65 0.93 0.05 4.20
N ARG A 66 0.09 0.55 3.30
CA ARG A 66 0.55 1.44 2.22
C ARG A 66 -0.03 2.83 2.30
N CYS A 67 -0.48 3.19 3.47
CA CYS A 67 -1.00 4.51 3.66
C CYS A 67 0.13 5.45 4.04
N GLN A 68 0.39 6.43 3.19
CA GLN A 68 1.46 7.39 3.42
C GLN A 68 1.05 8.47 4.40
N SER A 69 -0.14 8.34 4.96
CA SER A 69 -0.63 9.31 5.90
C SER A 69 -0.14 8.99 7.30
N CYS A 70 0.03 7.70 7.59
CA CYS A 70 0.49 7.30 8.90
C CYS A 70 1.86 6.61 8.84
N SER A 71 2.18 6.00 7.71
CA SER A 71 3.47 5.34 7.55
C SER A 71 4.60 6.37 7.62
N THR A 72 5.74 6.00 8.18
CA THR A 72 6.85 6.92 8.29
C THR A 72 7.40 7.28 6.91
N ALA A 73 7.85 8.51 6.78
CA ALA A 73 8.35 9.00 5.54
C ALA A 73 9.61 8.27 5.12
N CYS A 74 9.52 7.62 3.97
CA CYS A 74 10.67 6.98 3.35
C CYS A 74 11.78 7.97 3.14
N LYS A 75 12.96 7.48 2.92
CA LYS A 75 14.06 8.40 2.64
C LYS A 75 14.37 8.47 1.15
N CYS A 76 13.33 8.26 0.34
CA CYS A 76 13.45 8.33 -1.08
C CYS A 76 13.46 9.76 -1.58
N ALA A 77 14.20 9.97 -2.65
CA ALA A 77 14.45 11.26 -3.25
C ALA A 77 15.53 11.12 -4.31
N ALA A 78 15.42 11.86 -5.39
CA ALA A 78 16.42 11.84 -6.46
C ALA A 78 16.74 10.41 -6.94
N GLY A 79 15.73 9.71 -7.40
CA GLY A 79 15.91 8.36 -7.90
C GLY A 79 16.35 7.36 -6.83
N SER A 80 15.74 7.42 -5.66
CA SER A 80 16.08 6.53 -4.59
C SER A 80 14.90 5.60 -4.23
N CYS A 81 13.86 5.60 -5.04
CA CYS A 81 12.72 4.72 -4.84
C CYS A 81 12.91 3.47 -5.69
N LYS A 82 13.76 2.59 -5.21
CA LYS A 82 14.16 1.39 -5.95
C LYS A 82 13.06 0.34 -6.09
N CYS A 83 11.87 0.63 -5.60
CA CYS A 83 10.78 -0.33 -5.65
C CYS A 83 10.40 -0.59 -7.09
N GLY A 84 10.61 0.40 -7.93
CA GLY A 84 10.28 0.26 -9.32
C GLY A 84 9.26 1.28 -9.75
N LYS A 85 8.57 1.86 -8.78
CA LYS A 85 7.58 2.87 -9.06
C LYS A 85 8.26 4.22 -9.27
N GLY A 86 9.39 4.42 -8.61
CA GLY A 86 10.13 5.65 -8.75
C GLY A 86 9.41 6.84 -8.17
N CYS A 87 8.68 6.61 -7.08
CA CYS A 87 7.92 7.65 -6.41
C CYS A 87 8.84 8.74 -5.91
N THR A 88 9.95 8.34 -5.30
CA THR A 88 10.97 9.26 -4.79
C THR A 88 10.37 10.35 -3.92
N GLY A 89 9.64 9.92 -2.92
CA GLY A 89 8.98 10.83 -2.03
C GLY A 89 7.86 10.14 -1.29
N PRO A 90 7.60 10.53 -0.05
CA PRO A 90 6.62 9.87 0.80
C PRO A 90 5.18 10.14 0.37
N ASP A 91 4.96 11.33 -0.18
CA ASP A 91 3.64 11.70 -0.65
C ASP A 91 3.37 11.03 -1.98
N SER A 92 4.42 10.62 -2.64
CA SER A 92 4.31 10.00 -3.92
C SER A 92 4.18 8.49 -3.77
N CYS A 93 4.89 7.95 -2.79
CA CYS A 93 4.89 6.51 -2.53
C CYS A 93 3.48 5.94 -2.37
N LYS A 94 3.01 5.25 -3.38
CA LYS A 94 1.72 4.57 -3.31
C LYS A 94 1.98 3.13 -2.83
N CYS A 95 3.21 2.89 -2.37
CA CYS A 95 3.66 1.57 -1.93
C CYS A 95 3.54 1.40 -0.41
N ASP A 96 3.65 0.14 0.05
CA ASP A 96 3.54 -0.17 1.48
C ASP A 96 4.87 -0.10 2.19
N ARG A 97 4.82 -0.01 3.51
CA ARG A 97 6.03 0.10 4.34
C ARG A 97 6.79 -1.20 4.43
N SER A 98 6.27 -2.24 3.83
CA SER A 98 6.91 -3.52 3.80
C SER A 98 7.40 -3.78 2.36
N CYS A 99 7.51 -2.69 1.61
CA CYS A 99 7.88 -2.76 0.21
C CYS A 99 9.39 -2.96 0.09
N SER A 100 9.86 -3.08 -1.14
CA SER A 100 11.27 -3.30 -1.41
C SER A 100 12.11 -2.12 -0.97
N CYS A 101 11.51 -0.95 -0.97
CA CYS A 101 12.17 0.23 -0.46
C CYS A 101 11.66 0.47 0.93
N LYS A 102 10.34 0.51 0.99
CA LYS A 102 9.54 0.84 2.10
C LYS A 102 8.21 1.46 1.69
N GLY A 1 16.98 -9.71 -9.31
CA GLY A 1 16.21 -10.89 -8.82
C GLY A 1 15.00 -10.48 -8.00
N SER A 2 14.73 -9.19 -7.95
CA SER A 2 13.62 -8.68 -7.17
C SER A 2 12.42 -8.43 -8.08
N MET A 3 11.29 -9.03 -7.72
CA MET A 3 10.07 -8.84 -8.48
C MET A 3 8.98 -8.31 -7.57
N SER A 4 8.76 -7.02 -7.64
CA SER A 4 7.79 -6.35 -6.80
C SER A 4 6.42 -6.30 -7.47
N SER A 5 5.45 -6.93 -6.86
CA SER A 5 4.09 -6.92 -7.34
C SER A 5 3.13 -6.79 -6.17
N VAL A 6 1.85 -6.64 -6.44
CA VAL A 6 0.86 -6.49 -5.39
C VAL A 6 -0.35 -7.40 -5.62
N PHE A 7 -0.73 -7.57 -6.86
CA PHE A 7 -1.88 -8.39 -7.16
C PHE A 7 -1.51 -9.85 -7.22
N GLY A 8 -2.47 -10.70 -6.95
CA GLY A 8 -2.27 -12.09 -7.02
C GLY A 8 -2.01 -12.55 -8.43
N ALA A 9 -1.61 -13.77 -8.56
CA ALA A 9 -1.25 -14.33 -9.85
C ALA A 9 -2.48 -14.60 -10.68
N GLY A 10 -3.59 -14.78 -10.01
CA GLY A 10 -4.83 -15.00 -10.68
C GLY A 10 -5.85 -13.97 -10.29
N CYS A 11 -5.39 -12.74 -10.10
CA CYS A 11 -6.28 -11.68 -9.72
C CYS A 11 -7.18 -11.27 -10.86
N THR A 12 -8.24 -10.59 -10.53
CA THR A 12 -9.18 -10.13 -11.51
C THR A 12 -9.00 -8.64 -11.78
N ASP A 13 -9.53 -8.18 -12.89
CA ASP A 13 -9.44 -6.76 -13.26
C ASP A 13 -10.18 -5.90 -12.25
N VAL A 14 -11.19 -6.48 -11.61
CA VAL A 14 -11.99 -5.76 -10.64
C VAL A 14 -11.15 -5.34 -9.45
N CYS A 15 -10.09 -6.11 -9.19
CA CYS A 15 -9.21 -5.85 -8.08
C CYS A 15 -8.21 -4.75 -8.45
N LYS A 16 -7.88 -4.68 -9.74
CA LYS A 16 -6.93 -3.69 -10.25
C LYS A 16 -7.61 -2.37 -10.54
N GLN A 17 -8.91 -2.32 -10.33
CA GLN A 17 -9.67 -1.09 -10.50
C GLN A 17 -9.24 -0.03 -9.49
N THR A 18 -9.90 1.09 -9.52
CA THR A 18 -9.59 2.19 -8.63
C THR A 18 -10.84 3.04 -8.40
N PRO A 19 -11.41 2.99 -7.19
CA PRO A 19 -10.87 2.20 -6.07
C PRO A 19 -11.05 0.70 -6.28
N CYS A 20 -10.42 -0.08 -5.43
CA CYS A 20 -10.48 -1.53 -5.50
C CYS A 20 -11.91 -2.01 -5.62
N GLY A 21 -12.20 -2.65 -6.73
CA GLY A 21 -13.53 -3.09 -7.00
C GLY A 21 -13.89 -4.36 -6.25
N CYS A 22 -12.92 -4.98 -5.61
CA CYS A 22 -13.18 -6.20 -4.84
C CYS A 22 -13.99 -5.90 -3.58
N ALA A 23 -14.01 -4.64 -3.19
CA ALA A 23 -14.75 -4.25 -2.01
C ALA A 23 -16.09 -3.65 -2.37
N THR A 24 -16.21 -3.25 -3.61
CA THR A 24 -17.42 -2.62 -4.09
C THR A 24 -18.27 -3.61 -4.88
N SER A 25 -17.60 -4.39 -5.69
CA SER A 25 -18.26 -5.34 -6.56
C SER A 25 -18.23 -6.74 -5.95
N GLY A 26 -17.06 -7.13 -5.44
CA GLY A 26 -16.93 -8.46 -4.92
C GLY A 26 -15.55 -9.00 -5.20
N CYS A 27 -15.14 -9.94 -4.40
CA CYS A 27 -13.83 -10.54 -4.50
C CYS A 27 -13.82 -11.72 -5.45
N ASN A 28 -12.95 -11.65 -6.46
CA ASN A 28 -12.82 -12.72 -7.44
C ASN A 28 -11.37 -13.19 -7.51
N CYS A 29 -10.52 -12.63 -6.65
CA CYS A 29 -9.10 -12.96 -6.65
C CYS A 29 -8.81 -14.16 -5.75
N THR A 30 -7.55 -14.58 -5.75
CA THR A 30 -7.11 -15.70 -4.95
C THR A 30 -6.43 -15.21 -3.66
N ASP A 31 -6.05 -16.14 -2.80
CA ASP A 31 -5.39 -15.82 -1.52
C ASP A 31 -3.99 -15.25 -1.75
N ASP A 32 -3.47 -15.44 -2.96
CA ASP A 32 -2.15 -14.95 -3.34
C ASP A 32 -2.13 -13.42 -3.40
N CYS A 33 -3.31 -12.83 -3.38
CA CYS A 33 -3.48 -11.39 -3.43
C CYS A 33 -2.76 -10.69 -2.25
N LYS A 34 -1.97 -9.67 -2.57
CA LYS A 34 -1.23 -8.90 -1.57
C LYS A 34 -1.79 -7.47 -1.50
N CYS A 35 -3.07 -7.33 -1.74
CA CYS A 35 -3.69 -6.01 -1.78
C CYS A 35 -4.34 -5.64 -0.45
N GLN A 36 -3.99 -4.46 0.08
CA GLN A 36 -4.54 -3.99 1.37
C GLN A 36 -5.95 -3.46 1.23
N SER A 37 -6.43 -3.36 0.02
CA SER A 37 -7.72 -2.77 -0.23
C SER A 37 -8.87 -3.77 -0.02
N CYS A 38 -8.61 -5.05 -0.20
CA CYS A 38 -9.64 -6.04 0.04
C CYS A 38 -9.22 -7.01 1.14
N LYS A 39 -7.95 -6.96 1.52
CA LYS A 39 -7.42 -7.82 2.57
C LYS A 39 -7.09 -7.02 3.83
N TYR A 40 -7.97 -6.08 4.20
CA TYR A 40 -7.78 -5.33 5.43
C TYR A 40 -7.70 -6.29 6.60
N GLY A 41 -6.80 -6.00 7.52
CA GLY A 41 -6.58 -6.87 8.64
C GLY A 41 -5.13 -7.28 8.74
N ALA A 42 -4.38 -7.00 7.67
CA ALA A 42 -2.98 -7.34 7.61
C ALA A 42 -2.13 -6.14 7.21
N GLY A 43 -2.72 -4.94 7.22
CA GLY A 43 -1.97 -3.76 6.80
C GLY A 43 -2.32 -2.49 7.56
N CYS A 44 -3.56 -2.33 7.92
CA CYS A 44 -4.07 -1.09 8.52
C CYS A 44 -4.50 -1.24 9.97
N THR A 45 -5.15 -0.20 10.48
CA THR A 45 -5.67 -0.18 11.81
C THR A 45 -6.87 0.78 11.86
N ASP A 46 -7.53 0.83 13.00
CA ASP A 46 -8.74 1.64 13.19
C ASP A 46 -8.45 3.15 13.12
N THR A 47 -7.20 3.50 13.23
CA THR A 47 -6.80 4.89 13.29
C THR A 47 -6.43 5.45 11.89
N CYS A 48 -6.23 4.57 10.93
CA CYS A 48 -5.82 5.00 9.58
C CYS A 48 -7.02 5.24 8.69
N LYS A 49 -8.12 4.57 9.00
CA LYS A 49 -9.32 4.64 8.19
C LYS A 49 -10.03 5.99 8.32
N GLN A 50 -9.45 6.88 9.09
CA GLN A 50 -10.02 8.21 9.27
C GLN A 50 -9.74 9.09 8.05
N THR A 51 -9.98 10.38 8.18
CA THR A 51 -9.72 11.30 7.10
C THR A 51 -9.17 12.63 7.64
N PRO A 52 -7.97 13.05 7.18
CA PRO A 52 -7.18 12.30 6.19
C PRO A 52 -6.61 11.01 6.79
N CYS A 53 -6.21 11.09 8.05
CA CYS A 53 -5.68 9.96 8.76
C CYS A 53 -5.57 10.31 10.23
N GLY A 54 -5.79 9.36 11.10
CA GLY A 54 -5.70 9.63 12.51
C GLY A 54 -4.39 9.17 13.09
N CYS A 55 -3.67 8.31 12.37
CA CYS A 55 -2.39 7.81 12.81
C CYS A 55 -1.36 8.94 12.89
N GLY A 56 -0.91 9.39 11.72
CA GLY A 56 0.11 10.43 11.68
C GLY A 56 1.40 9.99 12.34
N SER A 57 1.73 10.63 13.45
CA SER A 57 2.93 10.27 14.20
C SER A 57 2.60 9.24 15.28
N GLY A 58 1.32 8.93 15.40
CA GLY A 58 0.87 7.94 16.35
C GLY A 58 0.13 6.85 15.64
N CYS A 59 0.87 5.96 15.03
CA CYS A 59 0.33 4.90 14.20
C CYS A 59 0.20 3.58 14.95
N ASN A 60 -0.68 2.72 14.45
CA ASN A 60 -0.93 1.40 15.04
C ASN A 60 -1.23 0.38 13.91
N CYS A 61 -0.80 0.67 12.68
CA CYS A 61 -1.05 -0.21 11.53
C CYS A 61 -0.24 -1.51 11.59
N LYS A 62 -0.44 -2.36 10.60
CA LYS A 62 0.22 -3.66 10.55
C LYS A 62 1.55 -3.57 9.80
N GLU A 63 1.47 -3.49 8.48
CA GLU A 63 2.67 -3.42 7.63
C GLU A 63 2.26 -3.06 6.20
N ASP A 64 1.27 -3.78 5.69
CA ASP A 64 0.76 -3.60 4.31
C ASP A 64 -0.13 -2.37 4.23
N CYS A 65 0.41 -1.24 4.58
CA CYS A 65 -0.29 0.02 4.49
C CYS A 65 0.30 0.89 3.38
N ARG A 66 -0.53 1.30 2.42
CA ARG A 66 -0.09 2.16 1.30
C ARG A 66 -0.14 3.63 1.71
N CYS A 67 -0.28 3.90 2.99
CA CYS A 67 -0.37 5.26 3.44
C CYS A 67 0.98 5.78 3.90
N GLN A 68 1.48 6.75 3.18
CA GLN A 68 2.76 7.36 3.48
C GLN A 68 2.60 8.46 4.54
N SER A 69 1.39 8.60 5.06
CA SER A 69 1.12 9.61 6.05
C SER A 69 1.57 9.12 7.41
N CYS A 70 1.26 7.88 7.70
CA CYS A 70 1.63 7.31 8.97
C CYS A 70 2.84 6.39 8.83
N SER A 71 3.15 5.99 7.60
CA SER A 71 4.33 5.19 7.36
C SER A 71 5.59 6.03 7.59
N THR A 72 6.70 5.36 7.77
CA THR A 72 7.95 6.04 8.05
C THR A 72 8.62 6.56 6.79
N ALA A 73 9.60 7.44 6.96
CA ALA A 73 10.32 8.02 5.85
C ALA A 73 11.13 6.96 5.13
N CYS A 74 10.84 6.82 3.87
CA CYS A 74 11.52 5.87 3.02
C CYS A 74 12.97 6.24 2.79
N LYS A 75 13.69 5.32 2.17
CA LYS A 75 15.07 5.55 1.84
C LYS A 75 15.17 6.34 0.56
N CYS A 76 14.03 6.62 -0.06
CA CYS A 76 14.01 7.48 -1.19
C CYS A 76 14.15 8.90 -0.68
N ALA A 77 15.21 9.59 -1.07
CA ALA A 77 15.44 10.91 -0.53
C ALA A 77 16.16 11.83 -1.47
N ALA A 78 15.69 13.09 -1.49
CA ALA A 78 16.28 14.18 -2.28
C ALA A 78 16.19 13.93 -3.77
N GLY A 79 16.94 12.99 -4.22
CA GLY A 79 17.00 12.66 -5.61
C GLY A 79 17.48 11.24 -5.80
N SER A 80 17.33 10.45 -4.74
CA SER A 80 17.78 9.09 -4.76
C SER A 80 16.62 8.15 -4.51
N CYS A 81 15.92 7.82 -5.55
CA CYS A 81 14.87 6.86 -5.50
C CYS A 81 15.32 5.57 -6.17
N LYS A 82 14.73 4.45 -5.78
CA LYS A 82 15.17 3.17 -6.29
C LYS A 82 14.03 2.16 -6.49
N CYS A 83 12.79 2.58 -6.30
CA CYS A 83 11.68 1.65 -6.49
C CYS A 83 11.07 1.82 -7.88
N GLY A 84 11.50 2.85 -8.60
CA GLY A 84 11.02 3.07 -9.94
C GLY A 84 9.94 4.13 -10.01
N LYS A 85 9.55 4.66 -8.87
CA LYS A 85 8.51 5.68 -8.83
C LYS A 85 9.11 7.07 -9.05
N GLY A 86 10.32 7.27 -8.52
CA GLY A 86 10.98 8.55 -8.68
C GLY A 86 10.34 9.60 -7.80
N CYS A 87 10.06 9.25 -6.58
CA CYS A 87 9.39 10.15 -5.65
C CYS A 87 10.40 10.84 -4.74
N THR A 88 11.45 10.10 -4.37
CA THR A 88 12.56 10.63 -3.56
C THR A 88 12.11 11.29 -2.26
N GLY A 89 11.20 10.63 -1.58
CA GLY A 89 10.69 11.15 -0.33
C GLY A 89 9.35 10.57 0.00
N PRO A 90 8.94 10.60 1.26
CA PRO A 90 7.69 10.00 1.69
C PRO A 90 6.51 10.86 1.31
N ASP A 91 6.79 12.13 1.06
CA ASP A 91 5.75 13.08 0.68
C ASP A 91 5.23 12.75 -0.70
N SER A 92 6.14 12.45 -1.60
CA SER A 92 5.78 12.15 -2.97
C SER A 92 5.62 10.66 -3.18
N CYS A 93 6.08 9.87 -2.23
CA CYS A 93 5.98 8.43 -2.34
C CYS A 93 4.54 8.00 -2.15
N LYS A 94 4.08 7.16 -3.03
CA LYS A 94 2.70 6.67 -3.01
C LYS A 94 2.70 5.15 -3.02
N CYS A 95 3.41 4.54 -2.06
CA CYS A 95 3.54 3.09 -2.02
C CYS A 95 3.18 2.50 -0.67
N ASP A 96 3.42 1.19 -0.55
CA ASP A 96 3.17 0.45 0.67
C ASP A 96 4.48 0.35 1.45
N ARG A 97 4.46 -0.37 2.52
CA ARG A 97 5.64 -0.53 3.35
C ARG A 97 6.33 -1.83 3.01
N SER A 98 5.81 -2.47 1.99
CA SER A 98 6.32 -3.71 1.52
C SER A 98 6.94 -3.56 0.12
N CYS A 99 7.18 -2.30 -0.28
CA CYS A 99 7.76 -2.02 -1.59
C CYS A 99 9.29 -2.01 -1.51
N SER A 100 9.96 -1.93 -2.67
CA SER A 100 11.42 -1.95 -2.77
C SER A 100 12.09 -0.85 -1.94
N CYS A 101 11.43 0.29 -1.85
CA CYS A 101 11.94 1.43 -1.13
C CYS A 101 11.94 1.19 0.38
N LYS A 102 11.02 0.37 0.82
CA LYS A 102 10.88 0.06 2.23
C LYS A 102 11.57 -1.25 2.56
N GLY A 1 14.64 -0.29 -11.33
CA GLY A 1 15.22 -0.86 -12.57
C GLY A 1 14.29 -1.82 -13.27
N SER A 2 13.99 -2.93 -12.62
CA SER A 2 13.08 -3.91 -13.15
C SER A 2 11.67 -3.63 -12.63
N MET A 3 10.85 -3.05 -13.48
CA MET A 3 9.51 -2.66 -13.09
C MET A 3 8.56 -3.85 -13.16
N SER A 4 8.19 -4.38 -12.02
CA SER A 4 7.30 -5.51 -11.95
C SER A 4 5.97 -5.09 -11.31
N SER A 5 4.90 -5.73 -11.73
CA SER A 5 3.59 -5.43 -11.19
C SER A 5 3.33 -6.30 -9.94
N VAL A 6 2.10 -6.30 -9.47
CA VAL A 6 1.77 -7.04 -8.26
C VAL A 6 0.40 -7.75 -8.40
N PHE A 7 -0.08 -7.86 -9.63
CA PHE A 7 -1.37 -8.48 -9.90
C PHE A 7 -1.34 -9.99 -9.66
N GLY A 8 -2.50 -10.55 -9.38
CA GLY A 8 -2.61 -11.97 -9.20
C GLY A 8 -2.93 -12.70 -10.48
N ALA A 9 -3.78 -13.70 -10.38
CA ALA A 9 -4.11 -14.52 -11.53
C ALA A 9 -5.56 -14.32 -11.93
N GLY A 10 -6.11 -13.21 -11.51
CA GLY A 10 -7.48 -12.89 -11.82
C GLY A 10 -8.03 -11.85 -10.90
N CYS A 11 -7.37 -10.70 -10.85
CA CYS A 11 -7.83 -9.61 -10.02
C CYS A 11 -9.08 -8.98 -10.58
N THR A 12 -9.77 -8.28 -9.74
CA THR A 12 -10.97 -7.59 -10.11
C THR A 12 -10.62 -6.26 -10.75
N ASP A 13 -11.57 -5.64 -11.39
CA ASP A 13 -11.37 -4.32 -11.97
C ASP A 13 -11.22 -3.31 -10.84
N VAL A 14 -11.90 -3.60 -9.75
CA VAL A 14 -11.91 -2.74 -8.59
C VAL A 14 -10.59 -2.83 -7.79
N CYS A 15 -9.77 -3.83 -8.12
CA CYS A 15 -8.47 -3.98 -7.46
C CYS A 15 -7.48 -2.96 -8.00
N LYS A 16 -7.73 -2.50 -9.22
CA LYS A 16 -6.87 -1.53 -9.85
C LYS A 16 -7.27 -0.11 -9.42
N GLN A 17 -8.12 -0.05 -8.41
CA GLN A 17 -8.54 1.23 -7.85
C GLN A 17 -7.47 1.80 -6.94
N THR A 18 -7.62 3.05 -6.59
CA THR A 18 -6.68 3.75 -5.73
C THR A 18 -7.39 4.91 -5.05
N PRO A 19 -7.73 4.77 -3.75
CA PRO A 19 -7.41 3.58 -2.94
C PRO A 19 -8.17 2.35 -3.43
N CYS A 20 -7.70 1.19 -3.01
CA CYS A 20 -8.28 -0.07 -3.43
C CYS A 20 -9.76 -0.10 -3.11
N GLY A 21 -10.55 -0.48 -4.08
CA GLY A 21 -11.97 -0.43 -3.92
C GLY A 21 -12.58 -1.75 -3.48
N CYS A 22 -11.78 -2.79 -3.39
CA CYS A 22 -12.29 -4.09 -2.96
C CYS A 22 -12.85 -4.02 -1.53
N ALA A 23 -12.45 -2.98 -0.81
CA ALA A 23 -12.90 -2.79 0.56
C ALA A 23 -14.30 -2.18 0.61
N THR A 24 -14.77 -1.68 -0.53
CA THR A 24 -16.09 -1.08 -0.59
C THR A 24 -16.98 -1.76 -1.65
N SER A 25 -16.34 -2.42 -2.61
CA SER A 25 -17.07 -3.09 -3.68
C SER A 25 -17.06 -4.61 -3.51
N GLY A 26 -16.21 -5.10 -2.62
CA GLY A 26 -16.10 -6.54 -2.42
C GLY A 26 -14.96 -7.15 -3.21
N CYS A 27 -14.17 -7.97 -2.55
CA CYS A 27 -13.03 -8.62 -3.18
C CYS A 27 -13.46 -9.91 -3.88
N ASN A 28 -12.87 -10.16 -5.05
CA ASN A 28 -13.16 -11.40 -5.83
C ASN A 28 -11.87 -11.91 -6.46
N CYS A 29 -10.74 -11.39 -6.00
CA CYS A 29 -9.45 -11.78 -6.56
C CYS A 29 -9.06 -13.18 -6.12
N THR A 30 -8.11 -13.76 -6.84
CA THR A 30 -7.62 -15.08 -6.54
C THR A 30 -6.53 -15.04 -5.47
N ASP A 31 -6.05 -16.21 -5.07
CA ASP A 31 -5.01 -16.31 -4.04
C ASP A 31 -3.67 -15.85 -4.57
N ASP A 32 -3.52 -15.81 -5.88
CA ASP A 32 -2.29 -15.35 -6.50
C ASP A 32 -2.17 -13.83 -6.40
N CYS A 33 -3.27 -13.18 -5.99
CA CYS A 33 -3.29 -11.74 -5.81
C CYS A 33 -2.26 -11.33 -4.77
N LYS A 34 -1.31 -10.52 -5.18
CA LYS A 34 -0.25 -10.11 -4.28
C LYS A 34 -0.41 -8.68 -3.81
N CYS A 35 -1.58 -8.11 -4.05
CA CYS A 35 -1.82 -6.75 -3.64
C CYS A 35 -1.98 -6.67 -2.13
N GLN A 36 -1.51 -5.60 -1.55
CA GLN A 36 -1.57 -5.43 -0.12
C GLN A 36 -2.60 -4.37 0.23
N SER A 37 -3.36 -3.95 -0.77
CA SER A 37 -4.33 -2.89 -0.58
C SER A 37 -5.76 -3.43 -0.43
N CYS A 38 -6.06 -4.56 -1.06
CA CYS A 38 -7.40 -5.12 -0.94
C CYS A 38 -7.41 -6.20 0.13
N LYS A 39 -6.24 -6.71 0.40
CA LYS A 39 -6.07 -7.79 1.32
C LYS A 39 -5.73 -7.30 2.73
N TYR A 40 -6.51 -6.33 3.21
CA TYR A 40 -6.35 -5.80 4.59
C TYR A 40 -6.30 -6.92 5.62
N GLY A 41 -5.29 -6.91 6.47
CA GLY A 41 -5.20 -7.93 7.50
C GLY A 41 -3.82 -7.99 8.14
N ALA A 42 -2.81 -8.25 7.34
CA ALA A 42 -1.46 -8.38 7.83
C ALA A 42 -0.72 -7.06 7.77
N GLY A 43 -1.42 -5.98 7.48
CA GLY A 43 -0.76 -4.71 7.37
C GLY A 43 -1.49 -3.55 8.01
N CYS A 44 -2.76 -3.71 8.28
CA CYS A 44 -3.55 -2.56 8.74
C CYS A 44 -4.20 -2.76 10.09
N THR A 45 -5.02 -1.78 10.45
CA THR A 45 -5.75 -1.75 11.67
C THR A 45 -7.06 -0.99 11.41
N ASP A 46 -7.94 -0.97 12.38
CA ASP A 46 -9.24 -0.30 12.23
C ASP A 46 -9.08 1.21 12.19
N THR A 47 -7.93 1.67 12.63
CA THR A 47 -7.64 3.09 12.68
C THR A 47 -7.23 3.64 11.30
N CYS A 48 -6.76 2.77 10.43
CA CYS A 48 -6.28 3.20 9.10
C CYS A 48 -7.45 3.29 8.11
N LYS A 49 -8.33 2.29 8.12
CA LYS A 49 -9.45 2.21 7.17
C LYS A 49 -10.58 3.19 7.50
N GLN A 50 -10.34 4.12 8.40
CA GLN A 50 -11.36 5.08 8.80
C GLN A 50 -11.74 6.02 7.65
N THR A 51 -10.75 6.38 6.83
CA THR A 51 -10.94 7.28 5.70
C THR A 51 -11.09 8.75 6.15
N PRO A 52 -10.09 9.61 5.84
CA PRO A 52 -8.90 9.20 5.08
C PRO A 52 -8.03 8.25 5.88
N CYS A 53 -7.81 8.59 7.13
CA CYS A 53 -7.01 7.80 8.02
C CYS A 53 -7.17 8.36 9.44
N GLY A 54 -7.38 7.47 10.40
CA GLY A 54 -7.58 7.94 11.76
C GLY A 54 -6.34 7.82 12.63
N CYS A 55 -5.26 7.25 12.08
CA CYS A 55 -4.03 7.11 12.84
C CYS A 55 -3.51 8.49 13.27
N GLY A 56 -3.22 9.34 12.30
CA GLY A 56 -2.74 10.70 12.58
C GLY A 56 -1.56 10.70 13.53
N SER A 57 -0.46 10.09 13.09
CA SER A 57 0.77 9.98 13.88
C SER A 57 0.63 8.93 15.01
N GLY A 58 -0.60 8.51 15.25
CA GLY A 58 -0.88 7.49 16.24
C GLY A 58 -1.34 6.22 15.56
N CYS A 59 -0.41 5.56 14.92
CA CYS A 59 -0.68 4.37 14.15
C CYS A 59 -0.66 3.09 15.00
N ASN A 60 -1.44 2.10 14.58
CA ASN A 60 -1.55 0.81 15.27
C ASN A 60 -1.63 -0.34 14.27
N CYS A 61 -1.12 -0.10 13.07
CA CYS A 61 -1.16 -1.11 12.01
C CYS A 61 -0.19 -2.26 12.27
N LYS A 62 -0.18 -3.21 11.35
CA LYS A 62 0.65 -4.39 11.46
C LYS A 62 2.06 -4.10 10.93
N GLU A 63 2.19 -4.03 9.61
CA GLU A 63 3.48 -3.77 8.97
C GLU A 63 3.35 -3.70 7.46
N ASP A 64 2.44 -4.48 6.92
CA ASP A 64 2.22 -4.53 5.48
C ASP A 64 1.25 -3.40 5.03
N CYS A 65 1.36 -2.23 5.66
CA CYS A 65 0.50 -1.09 5.36
C CYS A 65 1.04 -0.28 4.18
N ARG A 66 0.24 -0.18 3.11
CA ARG A 66 0.61 0.57 1.90
C ARG A 66 0.31 2.07 2.05
N CYS A 67 -0.10 2.46 3.24
CA CYS A 67 -0.43 3.84 3.49
C CYS A 67 0.77 4.59 3.99
N GLN A 68 1.05 5.70 3.36
CA GLN A 68 2.19 6.54 3.71
C GLN A 68 1.76 7.68 4.61
N SER A 69 0.49 7.71 4.96
CA SER A 69 -0.05 8.78 5.76
C SER A 69 0.29 8.55 7.21
N CYS A 70 0.12 7.33 7.67
CA CYS A 70 0.39 6.99 9.04
C CYS A 70 1.78 6.40 9.21
N SER A 71 2.21 5.58 8.24
CA SER A 71 3.53 4.96 8.27
C SER A 71 4.61 6.03 8.37
N THR A 72 5.77 5.67 8.89
CA THR A 72 6.81 6.65 9.12
C THR A 72 7.51 7.04 7.82
N ALA A 73 7.68 8.36 7.65
CA ALA A 73 8.28 8.94 6.46
C ALA A 73 9.57 8.27 6.07
N CYS A 74 9.60 7.79 4.84
CA CYS A 74 10.76 7.15 4.28
C CYS A 74 11.91 8.12 4.06
N LYS A 75 13.04 7.58 3.67
CA LYS A 75 14.25 8.34 3.46
C LYS A 75 14.55 8.51 1.98
N CYS A 76 13.60 8.14 1.15
CA CYS A 76 13.75 8.26 -0.30
C CYS A 76 14.02 9.70 -0.70
N ALA A 77 15.10 9.89 -1.43
CA ALA A 77 15.47 11.20 -1.90
C ALA A 77 16.58 11.08 -2.93
N ALA A 78 16.56 11.98 -3.92
CA ALA A 78 17.58 12.02 -4.98
C ALA A 78 17.69 10.69 -5.73
N GLY A 79 16.58 9.98 -5.84
CA GLY A 79 16.57 8.72 -6.55
C GLY A 79 16.99 7.55 -5.67
N SER A 80 16.50 7.51 -4.44
CA SER A 80 16.82 6.42 -3.53
C SER A 80 15.63 5.47 -3.36
N CYS A 81 14.59 5.67 -4.16
CA CYS A 81 13.44 4.81 -4.10
C CYS A 81 13.67 3.63 -5.02
N LYS A 82 14.52 2.71 -4.59
CA LYS A 82 14.99 1.58 -5.40
C LYS A 82 13.93 0.51 -5.66
N CYS A 83 12.70 0.79 -5.33
CA CYS A 83 11.63 -0.19 -5.54
C CYS A 83 11.13 -0.14 -6.97
N GLY A 84 11.26 1.02 -7.61
CA GLY A 84 10.83 1.15 -8.99
C GLY A 84 9.77 2.23 -9.16
N LYS A 85 9.19 2.67 -8.07
CA LYS A 85 8.18 3.73 -8.13
C LYS A 85 8.85 5.06 -8.37
N GLY A 86 9.97 5.25 -7.69
CA GLY A 86 10.74 6.47 -7.86
C GLY A 86 10.04 7.68 -7.30
N CYS A 87 9.31 7.48 -6.23
CA CYS A 87 8.59 8.57 -5.58
C CYS A 87 9.55 9.58 -4.99
N THR A 88 10.70 9.08 -4.52
CA THR A 88 11.76 9.90 -3.93
C THR A 88 11.21 10.87 -2.87
N GLY A 89 10.59 10.30 -1.87
CA GLY A 89 10.04 11.11 -0.79
C GLY A 89 8.67 10.63 -0.36
N PRO A 90 8.32 10.79 0.94
CA PRO A 90 7.04 10.32 1.49
C PRO A 90 5.82 11.00 0.85
N ASP A 91 6.02 12.22 0.38
CA ASP A 91 4.94 13.01 -0.23
C ASP A 91 4.35 12.32 -1.45
N SER A 92 5.20 11.79 -2.30
CA SER A 92 4.74 11.11 -3.50
C SER A 92 4.77 9.61 -3.31
N CYS A 93 5.30 9.19 -2.18
CA CYS A 93 5.43 7.79 -1.87
C CYS A 93 4.06 7.14 -1.78
N LYS A 94 3.93 5.98 -2.36
CA LYS A 94 2.67 5.25 -2.36
C LYS A 94 2.91 3.80 -2.00
N CYS A 95 4.06 3.57 -1.42
CA CYS A 95 4.48 2.24 -1.08
C CYS A 95 4.13 1.90 0.36
N ASP A 96 4.47 0.69 0.73
CA ASP A 96 4.24 0.21 2.07
C ASP A 96 5.53 0.26 2.85
N ARG A 97 5.42 0.08 4.14
CA ARG A 97 6.57 0.13 5.01
C ARG A 97 7.33 -1.19 5.02
N SER A 98 6.95 -2.08 4.14
CA SER A 98 7.61 -3.36 4.02
C SER A 98 8.18 -3.50 2.62
N CYS A 99 8.22 -2.37 1.90
CA CYS A 99 8.68 -2.35 0.53
C CYS A 99 10.21 -2.30 0.44
N SER A 100 10.71 -2.27 -0.79
CA SER A 100 12.14 -2.27 -1.05
C SER A 100 12.78 -0.92 -0.67
N CYS A 101 12.03 0.17 -0.80
CA CYS A 101 12.58 1.49 -0.48
C CYS A 101 12.84 1.62 1.03
N LYS A 102 12.09 0.87 1.82
CA LYS A 102 12.27 0.85 3.27
C LYS A 102 13.46 0.01 3.68
N GLY A 1 11.67 -3.47 -8.96
CA GLY A 1 12.88 -4.09 -9.59
C GLY A 1 12.54 -5.38 -10.31
N SER A 2 11.42 -5.98 -9.93
CA SER A 2 10.98 -7.21 -10.55
C SER A 2 9.47 -7.16 -10.79
N MET A 3 8.97 -8.10 -11.58
CA MET A 3 7.54 -8.14 -11.88
C MET A 3 6.75 -8.57 -10.65
N SER A 4 5.98 -7.65 -10.11
CA SER A 4 5.19 -7.90 -8.93
C SER A 4 3.95 -8.73 -9.28
N SER A 5 3.98 -10.01 -8.96
CA SER A 5 2.84 -10.88 -9.21
C SER A 5 1.79 -10.66 -8.13
N VAL A 6 1.17 -9.52 -8.20
CA VAL A 6 0.17 -9.11 -7.24
C VAL A 6 -1.19 -9.75 -7.56
N PHE A 7 -1.44 -9.98 -8.83
CA PHE A 7 -2.69 -10.56 -9.26
C PHE A 7 -2.70 -12.06 -9.04
N GLY A 8 -3.87 -12.61 -8.80
CA GLY A 8 -4.01 -14.03 -8.61
C GLY A 8 -4.32 -14.74 -9.91
N ALA A 9 -5.44 -15.43 -9.95
CA ALA A 9 -5.86 -16.15 -11.14
C ALA A 9 -7.21 -15.68 -11.61
N GLY A 10 -7.80 -14.79 -10.83
CA GLY A 10 -9.09 -14.27 -11.16
C GLY A 10 -9.40 -13.00 -10.42
N CYS A 11 -8.55 -12.00 -10.59
CA CYS A 11 -8.74 -10.73 -9.93
C CYS A 11 -9.74 -9.90 -10.69
N THR A 12 -10.27 -8.91 -10.04
CA THR A 12 -11.18 -8.00 -10.68
C THR A 12 -10.36 -6.96 -11.41
N ASP A 13 -11.00 -6.20 -12.26
CA ASP A 13 -10.31 -5.12 -12.94
C ASP A 13 -10.27 -3.92 -12.03
N VAL A 14 -10.92 -4.09 -10.88
CA VAL A 14 -10.99 -3.09 -9.86
C VAL A 14 -9.75 -3.21 -8.95
N CYS A 15 -9.19 -4.42 -8.91
CA CYS A 15 -8.00 -4.71 -8.12
C CYS A 15 -6.77 -4.05 -8.75
N LYS A 16 -6.78 -4.00 -10.09
CA LYS A 16 -5.67 -3.45 -10.85
C LYS A 16 -5.70 -1.93 -10.83
N GLN A 17 -6.71 -1.37 -10.18
CA GLN A 17 -6.80 0.08 -10.02
C GLN A 17 -5.69 0.58 -9.09
N THR A 18 -5.56 1.87 -9.01
CA THR A 18 -4.56 2.49 -8.15
C THR A 18 -5.03 3.88 -7.73
N PRO A 19 -5.43 4.04 -6.46
CA PRO A 19 -5.34 2.99 -5.43
C PRO A 19 -6.29 1.85 -5.72
N CYS A 20 -6.07 0.73 -5.06
CA CYS A 20 -6.88 -0.45 -5.26
C CYS A 20 -8.34 -0.12 -5.09
N GLY A 21 -9.08 -0.30 -6.16
CA GLY A 21 -10.45 0.07 -6.18
C GLY A 21 -11.33 -0.83 -5.33
N CYS A 22 -10.86 -2.03 -5.04
CA CYS A 22 -11.64 -2.99 -4.23
C CYS A 22 -12.00 -2.40 -2.87
N ALA A 23 -11.21 -1.44 -2.41
CA ALA A 23 -11.42 -0.81 -1.13
C ALA A 23 -12.64 0.11 -1.13
N THR A 24 -12.99 0.63 -2.30
CA THR A 24 -14.10 1.56 -2.41
C THR A 24 -15.19 1.05 -3.37
N SER A 25 -14.92 -0.03 -4.06
CA SER A 25 -15.85 -0.57 -5.03
C SER A 25 -16.19 -2.04 -4.73
N GLY A 26 -15.64 -2.56 -3.64
CA GLY A 26 -15.90 -3.93 -3.28
C GLY A 26 -14.91 -4.89 -3.89
N CYS A 27 -14.61 -5.95 -3.16
CA CYS A 27 -13.68 -6.97 -3.63
C CYS A 27 -14.45 -8.18 -4.17
N ASN A 28 -13.83 -8.90 -5.11
CA ASN A 28 -14.44 -10.09 -5.71
C ASN A 28 -13.35 -11.03 -6.25
N CYS A 29 -12.12 -10.81 -5.83
CA CYS A 29 -11.01 -11.62 -6.30
C CYS A 29 -11.04 -13.00 -5.66
N THR A 30 -10.34 -13.94 -6.27
CA THR A 30 -10.26 -15.27 -5.75
C THR A 30 -9.15 -15.35 -4.71
N ASP A 31 -9.01 -16.50 -4.05
CA ASP A 31 -8.00 -16.67 -3.01
C ASP A 31 -6.59 -16.65 -3.59
N ASP A 32 -6.50 -16.75 -4.90
CA ASP A 32 -5.23 -16.72 -5.59
C ASP A 32 -4.62 -15.34 -5.50
N CYS A 33 -5.47 -14.36 -5.22
CA CYS A 33 -5.07 -12.97 -5.11
C CYS A 33 -3.94 -12.79 -4.11
N LYS A 34 -2.86 -12.17 -4.56
CA LYS A 34 -1.70 -11.95 -3.73
C LYS A 34 -1.52 -10.44 -3.45
N CYS A 35 -2.62 -9.69 -3.51
CA CYS A 35 -2.54 -8.26 -3.32
C CYS A 35 -2.55 -7.91 -1.82
N GLN A 36 -1.91 -6.81 -1.48
CA GLN A 36 -1.85 -6.35 -0.09
C GLN A 36 -2.75 -5.13 0.08
N SER A 37 -3.61 -4.91 -0.89
CA SER A 37 -4.47 -3.75 -0.87
C SER A 37 -5.90 -4.11 -0.50
N CYS A 38 -6.50 -5.04 -1.24
CA CYS A 38 -7.89 -5.39 -1.04
C CYS A 38 -8.02 -6.40 0.07
N LYS A 39 -6.90 -6.87 0.54
CA LYS A 39 -6.87 -7.89 1.54
C LYS A 39 -6.48 -7.31 2.90
N TYR A 40 -7.10 -6.18 3.25
CA TYR A 40 -6.88 -5.53 4.55
C TYR A 40 -7.05 -6.53 5.69
N GLY A 41 -6.24 -6.38 6.73
CA GLY A 41 -6.33 -7.28 7.86
C GLY A 41 -4.97 -7.63 8.40
N ALA A 42 -3.94 -7.47 7.59
CA ALA A 42 -2.58 -7.80 8.00
C ALA A 42 -1.62 -6.65 7.74
N GLY A 43 -2.15 -5.45 7.58
CA GLY A 43 -1.31 -4.31 7.28
C GLY A 43 -1.76 -3.02 7.92
N CYS A 44 -3.03 -2.90 8.17
CA CYS A 44 -3.63 -1.66 8.67
C CYS A 44 -4.22 -1.85 10.06
N THR A 45 -4.87 -0.81 10.53
CA THR A 45 -5.55 -0.82 11.80
C THR A 45 -6.81 0.04 11.68
N ASP A 46 -7.66 0.02 12.69
CA ASP A 46 -8.91 0.77 12.66
C ASP A 46 -8.65 2.28 12.64
N THR A 47 -7.48 2.66 13.09
CA THR A 47 -7.08 4.04 13.15
C THR A 47 -6.75 4.57 11.75
N CYS A 48 -6.47 3.65 10.84
CA CYS A 48 -6.11 4.00 9.46
C CYS A 48 -7.34 3.97 8.57
N LYS A 49 -8.45 3.50 9.11
CA LYS A 49 -9.71 3.40 8.36
C LYS A 49 -10.46 4.72 8.39
N GLN A 50 -9.91 5.68 9.11
CA GLN A 50 -10.54 6.97 9.25
C GLN A 50 -10.31 7.82 8.01
N THR A 51 -10.74 9.06 8.08
CA THR A 51 -10.62 9.96 6.96
C THR A 51 -10.10 11.32 7.42
N PRO A 52 -8.90 11.74 6.96
CA PRO A 52 -8.03 10.92 6.08
C PRO A 52 -7.41 9.72 6.80
N CYS A 53 -6.99 9.95 8.04
CA CYS A 53 -6.40 8.91 8.87
C CYS A 53 -6.33 9.38 10.31
N GLY A 54 -6.35 8.46 11.23
CA GLY A 54 -6.25 8.82 12.63
C GLY A 54 -4.92 8.45 13.22
N CYS A 55 -4.11 7.71 12.47
CA CYS A 55 -2.82 7.29 12.93
C CYS A 55 -1.88 8.48 13.05
N GLY A 56 -1.40 8.98 11.91
CA GLY A 56 -0.45 10.06 11.91
C GLY A 56 0.82 9.69 12.63
N SER A 57 1.04 10.29 13.79
CA SER A 57 2.22 9.99 14.60
C SER A 57 1.87 8.95 15.66
N GLY A 58 0.60 8.59 15.72
CA GLY A 58 0.13 7.61 16.66
C GLY A 58 -0.44 6.42 15.94
N CYS A 59 0.40 5.78 15.17
CA CYS A 59 0.01 4.67 14.34
C CYS A 59 -0.07 3.36 15.12
N ASN A 60 -1.01 2.51 14.73
CA ASN A 60 -1.21 1.21 15.36
C ASN A 60 -1.40 0.14 14.30
N CYS A 61 -0.88 0.39 13.11
CA CYS A 61 -1.02 -0.55 11.99
C CYS A 61 -0.16 -1.80 12.17
N LYS A 62 -0.13 -2.61 11.13
CA LYS A 62 0.61 -3.85 11.16
C LYS A 62 1.94 -3.68 10.46
N GLU A 63 1.89 -3.55 9.14
CA GLU A 63 3.07 -3.32 8.31
C GLU A 63 2.66 -3.12 6.88
N ASP A 64 1.82 -4.00 6.40
CA ASP A 64 1.36 -3.98 5.03
C ASP A 64 0.37 -2.85 4.81
N CYS A 65 0.81 -1.66 5.15
CA CYS A 65 0.02 -0.47 5.00
C CYS A 65 0.53 0.34 3.82
N ARG A 66 -0.39 0.81 3.01
CA ARG A 66 -0.06 1.56 1.80
C ARG A 66 -0.34 3.03 1.99
N CYS A 67 -0.43 3.45 3.23
CA CYS A 67 -0.72 4.82 3.53
C CYS A 67 0.55 5.60 3.84
N GLN A 68 0.71 6.75 3.20
CA GLN A 68 1.90 7.59 3.38
C GLN A 68 1.70 8.56 4.54
N SER A 69 0.59 8.42 5.25
CA SER A 69 0.29 9.32 6.33
C SER A 69 0.88 8.81 7.63
N CYS A 70 0.74 7.51 7.87
CA CYS A 70 1.21 6.94 9.10
C CYS A 70 2.50 6.14 8.95
N SER A 71 2.78 5.65 7.74
CA SER A 71 4.03 4.94 7.50
C SER A 71 5.22 5.86 7.74
N THR A 72 6.32 5.31 8.21
CA THR A 72 7.50 6.10 8.55
C THR A 72 8.15 6.73 7.31
N ALA A 73 9.14 7.58 7.55
CA ALA A 73 9.82 8.30 6.49
C ALA A 73 10.65 7.36 5.64
N CYS A 74 10.24 7.21 4.39
CA CYS A 74 10.97 6.41 3.43
C CYS A 74 12.39 6.98 3.28
N LYS A 75 13.37 6.10 3.19
CA LYS A 75 14.80 6.51 3.16
C LYS A 75 15.26 7.08 1.81
N CYS A 76 14.38 7.76 1.13
CA CYS A 76 14.70 8.38 -0.13
C CYS A 76 14.67 9.89 0.02
N ALA A 77 15.32 10.60 -0.91
CA ALA A 77 15.36 12.06 -0.87
C ALA A 77 16.01 12.61 -2.12
N ALA A 78 15.42 13.66 -2.68
CA ALA A 78 15.98 14.34 -3.87
C ALA A 78 16.38 13.35 -4.97
N GLY A 79 15.41 12.59 -5.44
CA GLY A 79 15.67 11.64 -6.52
C GLY A 79 16.46 10.41 -6.09
N SER A 80 16.64 10.24 -4.79
CA SER A 80 17.41 9.12 -4.30
C SER A 80 16.50 7.97 -3.87
N CYS A 81 15.86 7.38 -4.83
CA CYS A 81 15.07 6.19 -4.62
C CYS A 81 15.67 5.10 -5.50
N LYS A 82 15.48 3.84 -5.16
CA LYS A 82 16.11 2.79 -5.95
C LYS A 82 15.15 1.70 -6.39
N CYS A 83 13.91 1.72 -5.92
CA CYS A 83 12.99 0.64 -6.29
C CYS A 83 12.50 0.84 -7.72
N GLY A 84 12.46 2.07 -8.16
CA GLY A 84 12.01 2.37 -9.50
C GLY A 84 10.80 3.27 -9.52
N LYS A 85 10.15 3.40 -8.39
CA LYS A 85 8.97 4.26 -8.29
C LYS A 85 9.39 5.71 -8.14
N GLY A 86 10.37 5.93 -7.29
CA GLY A 86 10.86 7.26 -7.06
C GLY A 86 10.12 7.96 -5.96
N CYS A 87 10.03 7.32 -4.79
CA CYS A 87 9.36 7.93 -3.64
C CYS A 87 10.04 9.23 -3.24
N THR A 88 11.38 9.20 -3.23
CA THR A 88 12.22 10.37 -2.92
C THR A 88 11.84 11.02 -1.58
N GLY A 89 11.31 10.21 -0.68
CA GLY A 89 10.88 10.73 0.61
C GLY A 89 9.42 10.48 0.85
N PRO A 90 8.93 10.76 2.07
CA PRO A 90 7.53 10.52 2.44
C PRO A 90 6.57 11.48 1.74
N ASP A 91 7.11 12.56 1.21
CA ASP A 91 6.31 13.57 0.55
C ASP A 91 5.80 13.09 -0.80
N SER A 92 6.61 12.32 -1.50
CA SER A 92 6.24 11.80 -2.80
C SER A 92 6.11 10.29 -2.73
N CYS A 93 6.12 9.79 -1.51
CA CYS A 93 5.98 8.37 -1.26
C CYS A 93 4.53 7.95 -1.40
N LYS A 94 4.33 6.81 -2.02
CA LYS A 94 3.01 6.26 -2.22
C LYS A 94 3.06 4.75 -2.22
N CYS A 95 3.97 4.20 -1.44
CA CYS A 95 4.13 2.75 -1.39
C CYS A 95 3.78 2.21 -0.01
N ASP A 96 4.11 0.96 0.21
CA ASP A 96 3.84 0.32 1.47
C ASP A 96 5.13 -0.03 2.18
N ARG A 97 5.01 -0.49 3.41
CA ARG A 97 6.20 -0.83 4.21
C ARG A 97 6.86 -2.09 3.68
N SER A 98 6.20 -2.73 2.75
CA SER A 98 6.68 -3.94 2.15
C SER A 98 7.17 -3.66 0.71
N CYS A 99 7.55 -2.40 0.44
CA CYS A 99 8.00 -2.01 -0.90
C CYS A 99 9.41 -2.55 -1.16
N SER A 100 9.88 -2.38 -2.38
CA SER A 100 11.18 -2.89 -2.79
C SER A 100 12.33 -2.24 -2.02
N CYS A 101 12.18 -0.96 -1.69
CA CYS A 101 13.21 -0.27 -0.95
C CYS A 101 12.93 -0.35 0.54
N LYS A 102 11.66 -0.28 0.92
CA LYS A 102 11.28 -0.37 2.28
C LYS A 102 11.27 -1.83 2.74
N GLY A 1 9.92 -15.57 -0.51
CA GLY A 1 8.67 -15.12 0.18
C GLY A 1 8.14 -13.82 -0.39
N SER A 2 8.86 -12.74 -0.17
CA SER A 2 8.47 -11.45 -0.69
C SER A 2 8.71 -11.40 -2.20
N MET A 3 7.67 -11.68 -2.95
CA MET A 3 7.75 -11.73 -4.39
C MET A 3 7.38 -10.39 -4.99
N SER A 4 7.83 -10.15 -6.21
CA SER A 4 7.53 -8.92 -6.92
C SER A 4 6.14 -8.99 -7.54
N SER A 5 5.63 -10.20 -7.68
CA SER A 5 4.33 -10.44 -8.24
C SER A 5 3.23 -10.11 -7.23
N VAL A 6 2.78 -8.87 -7.25
CA VAL A 6 1.75 -8.41 -6.34
C VAL A 6 0.36 -8.91 -6.78
N PHE A 7 0.23 -9.28 -8.04
CA PHE A 7 -1.03 -9.76 -8.56
C PHE A 7 -1.04 -11.28 -8.62
N GLY A 8 -2.21 -11.85 -8.50
CA GLY A 8 -2.36 -13.28 -8.56
C GLY A 8 -2.51 -13.76 -10.00
N ALA A 9 -3.58 -14.47 -10.26
CA ALA A 9 -3.83 -14.98 -11.60
C ALA A 9 -5.24 -14.68 -12.02
N GLY A 10 -5.90 -13.87 -11.22
CA GLY A 10 -7.26 -13.51 -11.49
C GLY A 10 -7.63 -12.21 -10.83
N CYS A 11 -6.78 -11.21 -10.99
CA CYS A 11 -7.05 -9.93 -10.42
C CYS A 11 -7.93 -9.10 -11.33
N THR A 12 -8.80 -8.32 -10.75
CA THR A 12 -9.67 -7.46 -11.53
C THR A 12 -8.91 -6.23 -11.98
N ASP A 13 -9.48 -5.48 -12.91
CA ASP A 13 -8.87 -4.22 -13.33
C ASP A 13 -9.09 -3.17 -12.27
N VAL A 14 -9.97 -3.50 -11.34
CA VAL A 14 -10.25 -2.65 -10.20
C VAL A 14 -9.07 -2.74 -9.23
N CYS A 15 -8.37 -3.88 -9.29
CA CYS A 15 -7.18 -4.12 -8.48
C CYS A 15 -5.99 -3.40 -9.12
N LYS A 16 -6.04 -3.28 -10.45
CA LYS A 16 -4.99 -2.59 -11.19
C LYS A 16 -5.11 -1.07 -11.00
N GLN A 17 -6.16 -0.62 -10.29
CA GLN A 17 -6.38 0.80 -10.01
C GLN A 17 -5.28 1.35 -9.09
N THR A 18 -5.32 2.64 -8.88
CA THR A 18 -4.35 3.31 -8.03
C THR A 18 -4.97 4.59 -7.46
N PRO A 19 -5.36 4.57 -6.18
CA PRO A 19 -5.22 3.41 -5.29
C PRO A 19 -6.14 2.27 -5.69
N CYS A 20 -5.92 1.10 -5.10
CA CYS A 20 -6.71 -0.07 -5.41
C CYS A 20 -8.17 0.22 -5.15
N GLY A 21 -8.99 0.00 -6.15
CA GLY A 21 -10.38 0.36 -6.06
C GLY A 21 -11.24 -0.72 -5.45
N CYS A 22 -10.68 -1.91 -5.26
CA CYS A 22 -11.44 -3.04 -4.70
C CYS A 22 -12.01 -2.73 -3.32
N ALA A 23 -11.39 -1.80 -2.61
CA ALA A 23 -11.82 -1.46 -1.27
C ALA A 23 -13.08 -0.59 -1.28
N THR A 24 -13.43 -0.05 -2.43
CA THR A 24 -14.61 0.80 -2.53
C THR A 24 -15.44 0.46 -3.79
N SER A 25 -15.06 -0.60 -4.48
CA SER A 25 -15.77 -1.00 -5.67
C SER A 25 -15.93 -2.52 -5.71
N GLY A 26 -15.54 -3.18 -4.63
CA GLY A 26 -15.70 -4.63 -4.55
C GLY A 26 -14.50 -5.40 -5.03
N CYS A 27 -14.14 -6.43 -4.30
CA CYS A 27 -13.03 -7.29 -4.63
C CYS A 27 -13.52 -8.62 -5.22
N ASN A 28 -12.81 -9.11 -6.24
CA ASN A 28 -13.17 -10.38 -6.88
C ASN A 28 -11.93 -11.20 -7.16
N CYS A 29 -10.81 -10.76 -6.62
CA CYS A 29 -9.56 -11.44 -6.85
C CYS A 29 -9.49 -12.74 -6.11
N THR A 30 -8.58 -13.59 -6.55
CA THR A 30 -8.39 -14.88 -5.93
C THR A 30 -7.52 -14.76 -4.68
N ASP A 31 -7.35 -15.85 -3.96
CA ASP A 31 -6.50 -15.85 -2.78
C ASP A 31 -5.04 -15.86 -3.19
N ASP A 32 -4.81 -15.97 -4.49
CA ASP A 32 -3.48 -15.95 -5.04
C ASP A 32 -3.03 -14.50 -5.23
N CYS A 33 -3.99 -13.57 -5.12
CA CYS A 33 -3.69 -12.16 -5.20
C CYS A 33 -2.86 -11.75 -3.99
N LYS A 34 -1.70 -11.20 -4.26
CA LYS A 34 -0.75 -10.86 -3.22
C LYS A 34 -0.80 -9.38 -2.89
N CYS A 35 -1.85 -8.71 -3.31
CA CYS A 35 -1.96 -7.30 -3.11
C CYS A 35 -2.24 -6.98 -1.65
N GLN A 36 -1.78 -5.83 -1.22
CA GLN A 36 -1.90 -5.41 0.16
C GLN A 36 -3.11 -4.52 0.36
N SER A 37 -3.71 -4.11 -0.73
CA SER A 37 -4.77 -3.13 -0.66
C SER A 37 -6.15 -3.77 -0.52
N CYS A 38 -6.46 -4.78 -1.33
CA CYS A 38 -7.76 -5.42 -1.24
C CYS A 38 -7.76 -6.48 -0.14
N LYS A 39 -6.59 -6.79 0.37
CA LYS A 39 -6.43 -7.73 1.48
C LYS A 39 -5.99 -6.96 2.72
N TYR A 40 -6.36 -5.69 2.78
CA TYR A 40 -5.97 -4.84 3.90
C TYR A 40 -6.43 -5.41 5.23
N GLY A 41 -5.48 -5.70 6.07
CA GLY A 41 -5.74 -6.27 7.37
C GLY A 41 -4.47 -6.47 8.12
N ALA A 42 -3.53 -7.15 7.47
CA ALA A 42 -2.22 -7.38 8.03
C ALA A 42 -1.31 -6.20 7.73
N GLY A 43 -1.93 -5.05 7.50
CA GLY A 43 -1.21 -3.87 7.16
C GLY A 43 -1.77 -2.61 7.77
N CYS A 44 -3.06 -2.61 8.00
CA CYS A 44 -3.76 -1.41 8.47
C CYS A 44 -4.42 -1.58 9.81
N THR A 45 -5.14 -0.55 10.20
CA THR A 45 -5.88 -0.50 11.42
C THR A 45 -7.15 0.33 11.18
N ASP A 46 -7.94 0.52 12.21
CA ASP A 46 -9.19 1.27 12.07
C ASP A 46 -8.96 2.78 12.20
N THR A 47 -7.72 3.15 12.46
CA THR A 47 -7.36 4.54 12.62
C THR A 47 -6.90 5.14 11.28
N CYS A 48 -6.39 4.28 10.40
CA CYS A 48 -5.87 4.72 9.12
C CYS A 48 -6.96 4.80 8.04
N LYS A 49 -8.00 4.02 8.21
CA LYS A 49 -9.09 3.96 7.23
C LYS A 49 -9.94 5.23 7.25
N GLN A 50 -9.52 6.21 8.02
CA GLN A 50 -10.23 7.46 8.11
C GLN A 50 -9.87 8.35 6.91
N THR A 51 -10.31 9.58 6.94
CA THR A 51 -10.02 10.53 5.88
C THR A 51 -9.72 11.92 6.44
N PRO A 52 -8.50 12.45 6.19
CA PRO A 52 -7.46 11.73 5.43
C PRO A 52 -6.94 10.51 6.17
N CYS A 53 -6.67 10.69 7.45
CA CYS A 53 -6.21 9.63 8.30
C CYS A 53 -6.32 10.06 9.75
N GLY A 54 -6.43 9.09 10.64
CA GLY A 54 -6.50 9.42 12.04
C GLY A 54 -5.30 8.96 12.81
N CYS A 55 -4.41 8.23 12.16
CA CYS A 55 -3.21 7.73 12.81
C CYS A 55 -2.27 8.86 13.16
N GLY A 56 -1.55 9.37 12.17
CA GLY A 56 -0.56 10.40 12.41
C GLY A 56 0.46 9.98 13.45
N SER A 57 0.40 10.60 14.61
CA SER A 57 1.31 10.30 15.71
C SER A 57 0.72 9.23 16.63
N GLY A 58 -0.47 8.76 16.28
CA GLY A 58 -1.14 7.73 17.03
C GLY A 58 -1.50 6.56 16.14
N CYS A 59 -0.51 6.07 15.42
CA CYS A 59 -0.69 4.98 14.49
C CYS A 59 -0.84 3.65 15.23
N ASN A 60 -1.54 2.73 14.61
CA ASN A 60 -1.78 1.42 15.19
C ASN A 60 -1.80 0.35 14.09
N CYS A 61 -1.23 0.72 12.95
CA CYS A 61 -1.21 -0.18 11.80
C CYS A 61 -0.32 -1.38 12.02
N LYS A 62 -0.24 -2.21 11.00
CA LYS A 62 0.52 -3.43 11.06
C LYS A 62 1.86 -3.26 10.36
N GLU A 63 1.85 -3.25 9.03
CA GLU A 63 3.06 -3.09 8.24
C GLU A 63 2.74 -2.92 6.77
N ASP A 64 1.84 -3.76 6.26
CA ASP A 64 1.44 -3.72 4.86
C ASP A 64 0.53 -2.50 4.56
N CYS A 65 0.96 -1.35 5.04
CA CYS A 65 0.26 -0.11 4.85
C CYS A 65 1.02 0.75 3.87
N ARG A 66 0.31 1.32 2.91
CA ARG A 66 0.94 2.17 1.92
C ARG A 66 0.44 3.59 2.01
N CYS A 67 0.14 3.99 3.22
CA CYS A 67 -0.26 5.34 3.49
C CYS A 67 0.97 6.18 3.76
N GLN A 68 0.96 7.41 3.33
CA GLN A 68 2.12 8.28 3.50
C GLN A 68 1.91 9.29 4.62
N SER A 69 0.89 9.09 5.42
CA SER A 69 0.60 10.01 6.50
C SER A 69 1.03 9.46 7.86
N CYS A 70 0.89 8.16 8.05
CA CYS A 70 1.23 7.57 9.34
C CYS A 70 2.47 6.69 9.25
N SER A 71 2.87 6.35 8.03
CA SER A 71 4.04 5.51 7.82
C SER A 71 5.31 6.32 8.07
N THR A 72 6.43 5.64 8.04
CA THR A 72 7.71 6.27 8.26
C THR A 72 8.22 6.91 6.96
N ALA A 73 9.14 7.85 7.07
CA ALA A 73 9.69 8.51 5.90
C ALA A 73 10.56 7.55 5.12
N CYS A 74 10.03 7.10 3.99
CA CYS A 74 10.75 6.19 3.12
C CYS A 74 12.05 6.80 2.65
N LYS A 75 13.00 5.94 2.34
CA LYS A 75 14.29 6.38 1.82
C LYS A 75 14.17 6.69 0.34
N CYS A 76 13.04 7.23 -0.04
CA CYS A 76 12.79 7.58 -1.38
C CYS A 76 12.91 9.08 -1.52
N ALA A 77 13.93 9.50 -2.21
CA ALA A 77 14.17 10.92 -2.44
C ALA A 77 15.10 11.09 -3.61
N ALA A 78 14.84 12.14 -4.41
CA ALA A 78 15.61 12.45 -5.62
C ALA A 78 15.42 11.39 -6.69
N GLY A 79 15.87 10.21 -6.39
CA GLY A 79 15.74 9.08 -7.30
C GLY A 79 15.96 7.78 -6.58
N SER A 80 15.85 7.82 -5.26
CA SER A 80 16.10 6.65 -4.43
C SER A 80 14.83 5.80 -4.25
N CYS A 81 13.81 6.08 -5.03
CA CYS A 81 12.59 5.29 -4.96
C CYS A 81 12.73 4.10 -5.91
N LYS A 82 13.70 3.22 -5.62
CA LYS A 82 14.03 2.11 -6.50
C LYS A 82 13.01 0.97 -6.43
N CYS A 83 11.83 1.26 -5.92
CA CYS A 83 10.77 0.27 -5.87
C CYS A 83 10.17 0.12 -7.26
N GLY A 84 10.06 1.26 -7.95
CA GLY A 84 9.48 1.25 -9.27
C GLY A 84 8.42 2.31 -9.42
N LYS A 85 7.96 2.86 -8.30
CA LYS A 85 6.95 3.92 -8.33
C LYS A 85 7.56 5.21 -8.84
N GLY A 86 8.73 5.55 -8.31
CA GLY A 86 9.40 6.77 -8.74
C GLY A 86 8.82 8.01 -8.09
N CYS A 87 8.36 7.86 -6.87
CA CYS A 87 7.76 8.96 -6.12
C CYS A 87 8.82 9.90 -5.63
N THR A 88 9.89 9.32 -5.08
CA THR A 88 11.02 10.07 -4.56
C THR A 88 10.59 11.13 -3.54
N GLY A 89 9.86 10.68 -2.53
CA GLY A 89 9.40 11.58 -1.50
C GLY A 89 8.26 10.98 -0.71
N PRO A 90 8.36 10.98 0.63
CA PRO A 90 7.36 10.31 1.50
C PRO A 90 5.99 10.98 1.48
N ASP A 91 5.89 12.10 0.80
CA ASP A 91 4.62 12.80 0.69
C ASP A 91 3.92 12.43 -0.62
N SER A 92 4.59 11.64 -1.44
CA SER A 92 4.04 11.24 -2.72
C SER A 92 4.30 9.75 -2.97
N CYS A 93 4.55 9.00 -1.91
CA CYS A 93 4.83 7.57 -2.04
C CYS A 93 3.56 6.76 -2.02
N LYS A 94 3.22 6.18 -3.15
CA LYS A 94 2.04 5.36 -3.27
C LYS A 94 2.40 3.88 -3.07
N CYS A 95 3.46 3.67 -2.31
CA CYS A 95 3.95 2.33 -2.01
C CYS A 95 3.91 2.09 -0.51
N ASP A 96 4.06 0.83 -0.12
CA ASP A 96 4.03 0.49 1.29
C ASP A 96 5.38 0.65 1.96
N ARG A 97 5.37 0.52 3.27
CA ARG A 97 6.56 0.72 4.09
C ARG A 97 7.45 -0.52 4.11
N SER A 98 6.99 -1.59 3.51
CA SER A 98 7.76 -2.80 3.42
C SER A 98 8.07 -3.08 1.95
N CYS A 99 7.91 -2.03 1.15
CA CYS A 99 8.14 -2.12 -0.28
C CYS A 99 9.61 -2.43 -0.59
N SER A 100 9.89 -2.66 -1.86
CA SER A 100 11.22 -3.04 -2.30
C SER A 100 12.29 -2.01 -1.91
N CYS A 101 11.91 -0.75 -1.89
CA CYS A 101 12.85 0.33 -1.59
C CYS A 101 13.09 0.48 -0.08
N LYS A 102 12.01 0.36 0.71
CA LYS A 102 12.09 0.50 2.16
C LYS A 102 12.91 -0.64 2.78
N GLY A 1 10.51 -5.56 -7.45
CA GLY A 1 11.53 -6.65 -7.32
C GLY A 1 10.89 -8.02 -7.19
N SER A 2 9.57 -8.05 -7.18
CA SER A 2 8.82 -9.28 -7.04
C SER A 2 8.89 -10.12 -8.32
N MET A 3 9.09 -11.42 -8.18
CA MET A 3 9.16 -12.32 -9.33
C MET A 3 7.76 -12.67 -9.81
N SER A 4 6.79 -12.48 -8.96
CA SER A 4 5.41 -12.73 -9.30
C SER A 4 4.64 -11.40 -9.27
N SER A 5 3.51 -11.37 -9.95
CA SER A 5 2.71 -10.15 -10.04
C SER A 5 1.65 -10.08 -8.93
N VAL A 6 2.04 -10.55 -7.73
CA VAL A 6 1.20 -10.54 -6.50
C VAL A 6 -0.29 -10.85 -6.79
N PHE A 7 -0.51 -11.96 -7.43
CA PHE A 7 -1.84 -12.40 -7.78
C PHE A 7 -2.19 -13.70 -7.06
N GLY A 8 -3.46 -14.07 -7.14
CA GLY A 8 -3.93 -15.31 -6.56
C GLY A 8 -3.99 -16.42 -7.57
N ALA A 9 -5.20 -16.76 -7.97
CA ALA A 9 -5.41 -17.79 -8.96
C ALA A 9 -6.07 -17.20 -10.19
N GLY A 10 -6.89 -16.19 -9.96
CA GLY A 10 -7.55 -15.52 -11.04
C GLY A 10 -7.90 -14.10 -10.68
N CYS A 11 -6.91 -13.24 -10.70
CA CYS A 11 -7.12 -11.85 -10.37
C CYS A 11 -7.56 -11.06 -11.56
N THR A 12 -8.45 -10.15 -11.29
CA THR A 12 -8.96 -9.27 -12.29
C THR A 12 -7.96 -8.16 -12.56
N ASP A 13 -8.04 -7.55 -13.72
CA ASP A 13 -7.11 -6.47 -14.08
C ASP A 13 -7.31 -5.28 -13.18
N VAL A 14 -8.47 -5.20 -12.55
CA VAL A 14 -8.79 -4.14 -11.63
C VAL A 14 -7.97 -4.30 -10.33
N CYS A 15 -7.49 -5.51 -10.08
CA CYS A 15 -6.69 -5.80 -8.91
C CYS A 15 -5.26 -5.34 -9.13
N LYS A 16 -4.83 -5.39 -10.38
CA LYS A 16 -3.48 -4.98 -10.76
C LYS A 16 -3.40 -3.47 -10.96
N GLN A 17 -4.47 -2.76 -10.58
CA GLN A 17 -4.52 -1.30 -10.70
C GLN A 17 -3.67 -0.62 -9.63
N THR A 18 -3.62 0.69 -9.67
CA THR A 18 -2.86 1.47 -8.70
C THR A 18 -3.51 2.86 -8.51
N PRO A 19 -4.18 3.08 -7.35
CA PRO A 19 -4.30 2.09 -6.28
C PRO A 19 -5.17 0.92 -6.69
N CYS A 20 -5.12 -0.13 -5.90
CA CYS A 20 -5.88 -1.33 -6.19
C CYS A 20 -7.35 -1.00 -6.42
N GLY A 21 -7.80 -1.28 -7.62
CA GLY A 21 -9.13 -0.93 -8.01
C GLY A 21 -10.17 -1.83 -7.38
N CYS A 22 -9.76 -2.98 -6.86
CA CYS A 22 -10.68 -3.90 -6.19
C CYS A 22 -11.42 -3.20 -5.05
N ALA A 23 -10.76 -2.25 -4.42
CA ALA A 23 -11.33 -1.58 -3.27
C ALA A 23 -12.30 -0.46 -3.63
N THR A 24 -12.29 -0.02 -4.88
CA THR A 24 -13.16 1.07 -5.29
C THR A 24 -14.10 0.67 -6.44
N SER A 25 -13.75 -0.38 -7.17
CA SER A 25 -14.56 -0.82 -8.29
C SER A 25 -15.31 -2.10 -7.96
N GLY A 26 -14.78 -2.88 -7.05
CA GLY A 26 -15.40 -4.13 -6.71
C GLY A 26 -14.43 -5.27 -6.79
N CYS A 27 -14.09 -5.81 -5.64
CA CYS A 27 -13.17 -6.92 -5.53
C CYS A 27 -13.76 -8.15 -6.25
N ASN A 28 -13.13 -8.57 -7.34
CA ASN A 28 -13.68 -9.66 -8.14
C ASN A 28 -12.63 -10.74 -8.46
N CYS A 29 -11.52 -10.73 -7.76
CA CYS A 29 -10.51 -11.75 -7.97
C CYS A 29 -10.79 -12.96 -7.10
N THR A 30 -9.89 -13.91 -7.14
CA THR A 30 -10.00 -15.09 -6.31
C THR A 30 -9.52 -14.76 -4.92
N ASP A 31 -10.08 -15.40 -3.92
CA ASP A 31 -9.67 -15.12 -2.55
C ASP A 31 -8.27 -15.67 -2.30
N ASP A 32 -7.79 -16.48 -3.24
CA ASP A 32 -6.42 -17.00 -3.22
C ASP A 32 -5.43 -15.85 -3.45
N CYS A 33 -5.98 -14.70 -3.82
CA CYS A 33 -5.21 -13.49 -4.02
C CYS A 33 -4.26 -13.21 -2.86
N LYS A 34 -3.01 -12.99 -3.18
CA LYS A 34 -1.98 -12.70 -2.19
C LYS A 34 -1.69 -11.21 -2.12
N CYS A 35 -2.66 -10.39 -2.49
CA CYS A 35 -2.47 -8.96 -2.44
C CYS A 35 -3.02 -8.49 -1.11
N GLN A 36 -2.68 -7.30 -0.71
CA GLN A 36 -3.21 -6.79 0.54
C GLN A 36 -3.88 -5.47 0.34
N SER A 37 -3.92 -5.05 -0.91
CA SER A 37 -4.51 -3.78 -1.24
C SER A 37 -6.02 -3.90 -1.28
N CYS A 38 -6.50 -5.10 -1.52
CA CYS A 38 -7.92 -5.39 -1.51
C CYS A 38 -8.27 -6.16 -0.27
N LYS A 39 -7.25 -6.58 0.45
CA LYS A 39 -7.40 -7.38 1.66
C LYS A 39 -6.91 -6.56 2.86
N TYR A 40 -7.06 -5.24 2.77
CA TYR A 40 -6.59 -4.31 3.80
C TYR A 40 -7.07 -4.71 5.19
N GLY A 41 -6.21 -4.55 6.17
CA GLY A 41 -6.52 -4.92 7.52
C GLY A 41 -5.28 -5.40 8.23
N ALA A 42 -4.39 -6.01 7.46
CA ALA A 42 -3.13 -6.50 7.97
C ALA A 42 -2.07 -5.40 7.85
N GLY A 43 -2.53 -4.18 7.70
CA GLY A 43 -1.64 -3.07 7.57
C GLY A 43 -2.11 -1.80 8.21
N CYS A 44 -3.34 -1.80 8.68
CA CYS A 44 -3.92 -0.57 9.22
C CYS A 44 -4.52 -0.73 10.59
N THR A 45 -5.03 0.36 11.11
CA THR A 45 -5.66 0.42 12.38
C THR A 45 -6.80 1.44 12.33
N ASP A 46 -7.58 1.49 13.37
CA ASP A 46 -8.72 2.41 13.43
C ASP A 46 -8.25 3.83 13.66
N THR A 47 -7.03 3.97 14.12
CA THR A 47 -6.44 5.24 14.40
C THR A 47 -6.00 5.95 13.10
N CYS A 48 -5.82 5.16 12.03
CA CYS A 48 -5.36 5.70 10.75
C CYS A 48 -6.54 6.13 9.88
N LYS A 49 -7.67 5.49 10.06
CA LYS A 49 -8.85 5.77 9.25
C LYS A 49 -9.55 7.06 9.70
N GLN A 50 -8.98 7.73 10.69
CA GLN A 50 -9.52 8.96 11.19
C GLN A 50 -9.25 10.10 10.20
N THR A 51 -9.69 11.29 10.54
CA THR A 51 -9.47 12.44 9.69
C THR A 51 -8.98 13.63 10.51
N PRO A 52 -7.78 14.18 10.18
CA PRO A 52 -6.96 13.69 9.06
C PRO A 52 -6.37 12.32 9.33
N CYS A 53 -5.85 12.14 10.53
CA CYS A 53 -5.29 10.87 10.97
C CYS A 53 -4.97 10.94 12.45
N GLY A 54 -5.22 9.86 13.16
CA GLY A 54 -4.90 9.83 14.57
C GLY A 54 -3.52 9.24 14.83
N CYS A 55 -3.02 8.48 13.86
CA CYS A 55 -1.73 7.82 13.99
C CYS A 55 -0.57 8.81 13.99
N GLY A 56 -0.85 10.05 13.63
CA GLY A 56 0.18 11.06 13.68
C GLY A 56 0.60 11.35 15.10
N SER A 57 -0.36 11.18 16.01
CA SER A 57 -0.12 11.38 17.42
C SER A 57 0.19 10.06 18.12
N GLY A 58 0.02 8.98 17.39
CA GLY A 58 0.25 7.68 17.95
C GLY A 58 -0.22 6.58 17.02
N CYS A 59 0.69 6.07 16.23
CA CYS A 59 0.38 5.03 15.27
C CYS A 59 0.18 3.68 15.96
N ASN A 60 -0.71 2.88 15.42
CA ASN A 60 -0.97 1.56 15.94
C ASN A 60 -1.31 0.60 14.80
N CYS A 61 -0.77 0.90 13.62
CA CYS A 61 -1.00 0.08 12.43
C CYS A 61 -0.23 -1.24 12.51
N LYS A 62 -0.31 -2.01 11.43
CA LYS A 62 0.32 -3.32 11.40
C LYS A 62 1.69 -3.25 10.72
N GLU A 63 1.68 -3.15 9.38
CA GLU A 63 2.91 -3.12 8.58
C GLU A 63 2.59 -2.78 7.12
N ASP A 64 1.41 -3.18 6.68
CA ASP A 64 0.94 -2.90 5.30
C ASP A 64 0.09 -1.61 5.26
N CYS A 65 0.67 -0.51 5.75
CA CYS A 65 -0.04 0.78 5.72
C CYS A 65 0.28 1.55 4.45
N ARG A 66 -0.74 2.21 3.90
CA ARG A 66 -0.60 2.96 2.65
C ARG A 66 -0.58 4.45 2.92
N CYS A 67 -0.38 4.82 4.17
CA CYS A 67 -0.39 6.20 4.55
C CYS A 67 1.01 6.70 4.86
N GLN A 68 1.37 7.81 4.25
CA GLN A 68 2.67 8.42 4.45
C GLN A 68 2.61 9.47 5.57
N SER A 69 1.55 9.42 6.36
CA SER A 69 1.38 10.36 7.45
C SER A 69 1.89 9.76 8.76
N CYS A 70 1.76 8.46 8.91
CA CYS A 70 2.19 7.80 10.14
C CYS A 70 3.29 6.76 9.91
N SER A 71 3.43 6.30 8.66
CA SER A 71 4.48 5.32 8.33
C SER A 71 5.87 5.99 8.39
N THR A 72 6.93 5.21 8.16
CA THR A 72 8.27 5.74 8.25
C THR A 72 8.71 6.23 6.88
N ALA A 73 9.81 6.97 6.85
CA ALA A 73 10.35 7.48 5.62
C ALA A 73 10.72 6.34 4.70
N CYS A 74 10.04 6.26 3.59
CA CYS A 74 10.29 5.25 2.59
C CYS A 74 11.67 5.43 1.96
N LYS A 75 12.04 4.51 1.09
CA LYS A 75 13.33 4.57 0.45
C LYS A 75 13.31 5.46 -0.77
N CYS A 76 12.31 6.30 -0.84
CA CYS A 76 12.25 7.25 -1.88
C CYS A 76 12.96 8.51 -1.43
N ALA A 77 14.09 8.78 -2.09
CA ALA A 77 14.92 9.96 -1.81
C ALA A 77 16.16 9.89 -2.69
N ALA A 78 16.66 11.04 -3.13
CA ALA A 78 17.88 11.12 -3.96
C ALA A 78 17.79 10.23 -5.21
N GLY A 79 16.58 10.10 -5.75
CA GLY A 79 16.37 9.27 -6.92
C GLY A 79 16.55 7.79 -6.60
N SER A 80 16.40 7.43 -5.34
CA SER A 80 16.60 6.06 -4.90
C SER A 80 15.30 5.28 -4.88
N CYS A 81 14.22 5.91 -5.31
CA CYS A 81 12.96 5.22 -5.33
C CYS A 81 13.02 4.13 -6.41
N LYS A 82 12.81 2.89 -6.03
CA LYS A 82 12.98 1.79 -6.99
C LYS A 82 11.70 1.02 -7.23
N CYS A 83 10.61 1.46 -6.66
CA CYS A 83 9.36 0.76 -6.83
C CYS A 83 8.73 1.14 -8.17
N GLY A 84 9.10 2.32 -8.68
CA GLY A 84 8.60 2.73 -9.97
C GLY A 84 7.70 3.94 -9.86
N LYS A 85 7.82 4.64 -8.76
CA LYS A 85 7.01 5.82 -8.53
C LYS A 85 7.81 7.09 -8.81
N GLY A 86 9.05 7.11 -8.35
CA GLY A 86 9.91 8.27 -8.56
C GLY A 86 9.54 9.42 -7.65
N CYS A 87 8.99 9.11 -6.49
CA CYS A 87 8.56 10.13 -5.54
C CYS A 87 9.75 10.84 -4.93
N THR A 88 10.74 10.04 -4.58
CA THR A 88 11.97 10.52 -3.96
C THR A 88 11.69 11.36 -2.72
N GLY A 89 10.86 10.83 -1.85
CA GLY A 89 10.52 11.52 -0.62
C GLY A 89 9.21 11.07 -0.04
N PRO A 90 9.09 11.03 1.30
CA PRO A 90 7.88 10.53 1.98
C PRO A 90 6.75 11.55 1.95
N ASP A 91 7.00 12.68 1.34
CA ASP A 91 6.03 13.75 1.25
C ASP A 91 5.27 13.67 -0.05
N SER A 92 5.85 13.02 -1.04
CA SER A 92 5.24 12.97 -2.36
C SER A 92 5.12 11.53 -2.86
N CYS A 93 5.11 10.59 -1.95
CA CYS A 93 5.02 9.20 -2.32
C CYS A 93 3.60 8.70 -2.24
N LYS A 94 3.29 7.76 -3.10
CA LYS A 94 1.97 7.16 -3.13
C LYS A 94 2.09 5.65 -2.94
N CYS A 95 3.15 5.26 -2.26
CA CYS A 95 3.42 3.85 -2.00
C CYS A 95 3.23 3.51 -0.52
N ASP A 96 3.17 2.22 -0.22
CA ASP A 96 3.01 1.76 1.16
C ASP A 96 4.36 1.36 1.77
N ARG A 97 4.35 1.02 3.05
CA ARG A 97 5.60 0.65 3.74
C ARG A 97 5.92 -0.82 3.60
N SER A 98 5.18 -1.48 2.76
CA SER A 98 5.44 -2.85 2.45
C SER A 98 5.64 -2.94 0.94
N CYS A 99 6.01 -1.78 0.39
CA CYS A 99 6.18 -1.61 -1.03
C CYS A 99 7.49 -2.22 -1.50
N SER A 100 7.74 -2.13 -2.79
CA SER A 100 8.93 -2.68 -3.40
C SER A 100 10.21 -1.98 -2.93
N CYS A 101 10.07 -0.81 -2.33
CA CYS A 101 11.23 -0.10 -1.81
C CYS A 101 11.32 -0.25 -0.28
N LYS A 102 10.17 -0.35 0.37
CA LYS A 102 10.11 -0.54 1.82
C LYS A 102 10.17 -2.03 2.16
N GLY A 1 1.37 -19.76 -6.56
CA GLY A 1 2.36 -20.87 -6.61
C GLY A 1 3.74 -20.44 -6.17
N SER A 2 3.92 -19.14 -6.09
CA SER A 2 5.19 -18.56 -5.69
C SER A 2 4.91 -17.31 -4.86
N MET A 3 5.93 -16.80 -4.19
CA MET A 3 5.76 -15.60 -3.36
C MET A 3 5.62 -14.35 -4.23
N SER A 4 5.83 -14.53 -5.53
CA SER A 4 5.68 -13.46 -6.47
C SER A 4 4.22 -13.38 -6.96
N SER A 5 3.46 -14.42 -6.67
CA SER A 5 2.07 -14.47 -7.09
C SER A 5 1.18 -13.73 -6.11
N VAL A 6 1.15 -12.42 -6.25
CA VAL A 6 0.32 -11.58 -5.40
C VAL A 6 -1.09 -11.50 -5.99
N PHE A 7 -1.19 -11.86 -7.25
CA PHE A 7 -2.44 -11.85 -7.96
C PHE A 7 -3.14 -13.20 -7.82
N GLY A 8 -4.38 -13.25 -8.22
CA GLY A 8 -5.14 -14.47 -8.15
C GLY A 8 -5.23 -15.17 -9.48
N ALA A 9 -6.45 -15.39 -9.94
CA ALA A 9 -6.68 -16.07 -11.20
C ALA A 9 -7.52 -15.22 -12.13
N GLY A 10 -7.81 -14.01 -11.69
CA GLY A 10 -8.62 -13.12 -12.48
C GLY A 10 -8.71 -11.75 -11.86
N CYS A 11 -7.57 -11.13 -11.66
CA CYS A 11 -7.53 -9.80 -11.07
C CYS A 11 -7.80 -8.75 -12.13
N THR A 12 -8.45 -7.68 -11.74
CA THR A 12 -8.77 -6.60 -12.65
C THR A 12 -7.56 -5.67 -12.83
N ASP A 13 -7.69 -4.72 -13.76
CA ASP A 13 -6.63 -3.72 -13.94
C ASP A 13 -6.66 -2.74 -12.79
N VAL A 14 -7.81 -2.68 -12.12
CA VAL A 14 -7.99 -1.83 -10.96
C VAL A 14 -7.08 -2.34 -9.84
N CYS A 15 -6.85 -3.64 -9.85
CA CYS A 15 -6.00 -4.30 -8.88
C CYS A 15 -4.54 -4.04 -9.22
N LYS A 16 -4.25 -3.88 -10.51
CA LYS A 16 -2.88 -3.65 -10.98
C LYS A 16 -2.50 -2.17 -10.83
N GLN A 17 -3.44 -1.37 -10.31
CA GLN A 17 -3.20 0.06 -10.09
C GLN A 17 -2.15 0.26 -9.00
N THR A 18 -1.76 1.49 -8.79
CA THR A 18 -0.79 1.84 -7.77
C THR A 18 -1.01 3.27 -7.30
N PRO A 19 -1.58 3.45 -6.09
CA PRO A 19 -1.93 2.35 -5.20
C PRO A 19 -3.10 1.57 -5.74
N CYS A 20 -3.25 0.34 -5.27
CA CYS A 20 -4.31 -0.54 -5.71
C CYS A 20 -5.65 0.18 -5.66
N GLY A 21 -6.27 0.31 -6.82
CA GLY A 21 -7.47 1.08 -6.94
C GLY A 21 -8.68 0.35 -6.44
N CYS A 22 -8.53 -0.92 -6.17
CA CYS A 22 -9.64 -1.70 -5.64
C CYS A 22 -10.04 -1.22 -4.25
N ALA A 23 -9.13 -0.53 -3.59
CA ALA A 23 -9.40 -0.02 -2.26
C ALA A 23 -9.92 1.42 -2.34
N THR A 24 -9.87 1.97 -3.54
CA THR A 24 -10.29 3.33 -3.76
C THR A 24 -11.56 3.39 -4.63
N SER A 25 -11.65 2.46 -5.57
CA SER A 25 -12.74 2.43 -6.52
C SER A 25 -13.70 1.26 -6.25
N GLY A 26 -13.15 0.16 -5.74
CA GLY A 26 -13.95 -1.02 -5.48
C GLY A 26 -13.29 -2.27 -6.00
N CYS A 27 -13.49 -3.38 -5.32
CA CYS A 27 -12.89 -4.64 -5.72
C CYS A 27 -13.81 -5.42 -6.66
N ASN A 28 -13.20 -6.21 -7.53
CA ASN A 28 -13.96 -6.99 -8.52
C ASN A 28 -13.21 -8.30 -8.84
N CYS A 29 -12.30 -8.70 -7.97
CA CYS A 29 -11.49 -9.91 -8.18
C CYS A 29 -12.17 -11.16 -7.66
N THR A 30 -11.51 -12.29 -7.87
CA THR A 30 -12.01 -13.57 -7.41
C THR A 30 -11.39 -13.92 -6.05
N ASP A 31 -11.81 -15.04 -5.48
CA ASP A 31 -11.31 -15.49 -4.17
C ASP A 31 -9.84 -15.90 -4.26
N ASP A 32 -9.38 -16.11 -5.48
CA ASP A 32 -8.00 -16.51 -5.73
C ASP A 32 -7.05 -15.36 -5.49
N CYS A 33 -7.59 -14.16 -5.43
CA CYS A 33 -6.77 -12.97 -5.25
C CYS A 33 -6.01 -12.99 -3.95
N LYS A 34 -4.69 -12.94 -4.06
CA LYS A 34 -3.81 -12.94 -2.92
C LYS A 34 -3.39 -11.52 -2.58
N CYS A 35 -4.06 -10.55 -3.17
CA CYS A 35 -3.63 -9.19 -2.99
C CYS A 35 -4.21 -8.58 -1.72
N GLN A 36 -3.29 -8.22 -0.87
CA GLN A 36 -3.60 -7.60 0.41
C GLN A 36 -4.02 -6.16 0.26
N SER A 37 -3.83 -5.63 -0.93
CA SER A 37 -4.13 -4.25 -1.21
C SER A 37 -5.64 -4.03 -1.29
N CYS A 38 -6.35 -4.91 -2.00
CA CYS A 38 -7.78 -4.79 -2.07
C CYS A 38 -8.45 -5.47 -0.90
N LYS A 39 -7.82 -6.50 -0.38
CA LYS A 39 -8.29 -7.19 0.80
C LYS A 39 -7.62 -6.58 2.02
N TYR A 40 -7.59 -5.25 2.05
CA TYR A 40 -6.92 -4.52 3.11
C TYR A 40 -7.54 -4.80 4.48
N GLY A 41 -6.70 -4.70 5.48
CA GLY A 41 -7.08 -5.00 6.84
C GLY A 41 -5.90 -5.53 7.58
N ALA A 42 -5.02 -6.20 6.84
CA ALA A 42 -3.77 -6.71 7.36
C ALA A 42 -2.66 -5.67 7.12
N GLY A 43 -3.07 -4.43 6.96
CA GLY A 43 -2.13 -3.37 6.73
C GLY A 43 -2.44 -2.10 7.48
N CYS A 44 -3.70 -1.94 7.83
CA CYS A 44 -4.18 -0.69 8.43
C CYS A 44 -4.81 -0.92 9.79
N THR A 45 -5.38 0.14 10.31
CA THR A 45 -6.06 0.14 11.58
C THR A 45 -7.18 1.16 11.53
N ASP A 46 -8.01 1.19 12.56
CA ASP A 46 -9.14 2.11 12.62
C ASP A 46 -8.66 3.53 12.91
N THR A 47 -7.42 3.64 13.34
CA THR A 47 -6.83 4.92 13.68
C THR A 47 -6.35 5.66 12.42
N CYS A 48 -6.11 4.92 11.34
CA CYS A 48 -5.60 5.50 10.10
C CYS A 48 -6.73 6.06 9.23
N LYS A 49 -7.89 5.43 9.33
CA LYS A 49 -9.04 5.81 8.51
C LYS A 49 -9.77 7.03 9.08
N GLN A 50 -9.20 7.65 10.10
CA GLN A 50 -9.81 8.81 10.71
C GLN A 50 -9.58 10.04 9.85
N THR A 51 -9.96 11.18 10.35
CA THR A 51 -9.80 12.41 9.60
C THR A 51 -9.18 13.49 10.49
N PRO A 52 -7.99 14.00 10.12
CA PRO A 52 -7.26 13.54 8.93
C PRO A 52 -6.66 12.14 9.11
N CYS A 53 -6.11 11.89 10.30
CA CYS A 53 -5.53 10.61 10.62
C CYS A 53 -5.18 10.57 12.10
N GLY A 54 -5.54 9.49 12.76
CA GLY A 54 -5.22 9.38 14.17
C GLY A 54 -3.84 8.81 14.38
N CYS A 55 -3.36 8.04 13.40
CA CYS A 55 -2.05 7.41 13.48
C CYS A 55 -0.93 8.46 13.40
N GLY A 56 -1.28 9.67 12.99
CA GLY A 56 -0.31 10.74 12.93
C GLY A 56 0.19 11.12 14.31
N SER A 57 -0.62 10.83 15.32
CA SER A 57 -0.25 11.10 16.70
C SER A 57 -0.10 9.79 17.49
N GLY A 58 -0.33 8.69 16.80
CA GLY A 58 -0.24 7.38 17.42
C GLY A 58 -0.72 6.30 16.48
N CYS A 59 0.21 5.62 15.83
CA CYS A 59 -0.10 4.62 14.84
C CYS A 59 -0.43 3.25 15.47
N ASN A 60 -1.33 2.52 14.82
CA ASN A 60 -1.73 1.19 15.28
C ASN A 60 -1.89 0.23 14.10
N CYS A 61 -1.31 0.59 12.97
CA CYS A 61 -1.45 -0.21 11.75
C CYS A 61 -0.70 -1.53 11.81
N LYS A 62 -0.74 -2.26 10.70
CA LYS A 62 -0.14 -3.59 10.63
C LYS A 62 1.24 -3.52 9.97
N GLU A 63 1.26 -3.37 8.65
CA GLU A 63 2.49 -3.31 7.87
C GLU A 63 2.16 -2.90 6.42
N ASP A 64 1.04 -3.41 5.91
CA ASP A 64 0.58 -3.09 4.54
C ASP A 64 -0.19 -1.75 4.50
N CYS A 65 0.44 -0.70 4.98
CA CYS A 65 -0.19 0.62 4.98
C CYS A 65 0.35 1.44 3.81
N ARG A 66 -0.56 2.14 3.13
CA ARG A 66 -0.20 2.94 1.97
C ARG A 66 -0.24 4.43 2.29
N CYS A 67 -0.38 4.74 3.57
CA CYS A 67 -0.41 6.10 4.01
C CYS A 67 1.00 6.59 4.28
N GLN A 68 1.24 7.86 4.06
CA GLN A 68 2.54 8.45 4.33
C GLN A 68 2.45 9.38 5.51
N SER A 69 1.29 9.42 6.15
CA SER A 69 1.06 10.30 7.27
C SER A 69 1.47 9.63 8.57
N CYS A 70 1.49 8.31 8.59
CA CYS A 70 1.89 7.60 9.79
C CYS A 70 3.01 6.59 9.53
N SER A 71 3.33 6.36 8.26
CA SER A 71 4.40 5.45 7.91
C SER A 71 5.77 6.13 8.07
N THR A 72 6.82 5.34 8.30
CA THR A 72 8.16 5.89 8.45
C THR A 72 8.76 6.21 7.09
N ALA A 73 9.59 7.25 7.08
CA ALA A 73 10.19 7.76 5.87
C ALA A 73 11.00 6.69 5.14
N CYS A 74 10.65 6.51 3.88
CA CYS A 74 11.34 5.59 3.00
C CYS A 74 12.77 6.04 2.73
N LYS A 75 13.55 5.16 2.11
CA LYS A 75 14.94 5.47 1.76
C LYS A 75 14.99 6.26 0.48
N CYS A 76 13.83 6.65 -0.01
CA CYS A 76 13.75 7.40 -1.21
C CYS A 76 14.25 8.82 -0.97
N ALA A 77 15.31 9.20 -1.65
CA ALA A 77 15.90 10.53 -1.52
C ALA A 77 16.99 10.72 -2.57
N ALA A 78 16.94 11.85 -3.28
CA ALA A 78 17.94 12.19 -4.30
C ALA A 78 18.06 11.11 -5.39
N GLY A 79 16.99 10.35 -5.60
CA GLY A 79 17.00 9.32 -6.63
C GLY A 79 17.18 7.92 -6.06
N SER A 80 17.08 7.79 -4.75
CA SER A 80 17.24 6.52 -4.08
C SER A 80 15.93 5.71 -4.07
N CYS A 81 15.02 6.00 -4.99
CA CYS A 81 13.81 5.21 -5.09
C CYS A 81 14.11 3.96 -5.90
N LYS A 82 13.84 2.79 -5.36
CA LYS A 82 14.15 1.56 -6.08
C LYS A 82 12.92 0.73 -6.39
N CYS A 83 11.74 1.32 -6.25
CA CYS A 83 10.52 0.60 -6.57
C CYS A 83 10.10 0.88 -8.01
N GLY A 84 10.39 2.10 -8.48
CA GLY A 84 10.04 2.48 -9.84
C GLY A 84 9.16 3.72 -9.90
N LYS A 85 8.62 4.14 -8.76
CA LYS A 85 7.74 5.31 -8.72
C LYS A 85 8.51 6.62 -8.73
N GLY A 86 9.72 6.60 -8.23
CA GLY A 86 10.53 7.80 -8.19
C GLY A 86 10.05 8.76 -7.13
N CYS A 87 9.68 8.21 -5.98
CA CYS A 87 9.20 9.01 -4.86
C CYS A 87 10.26 10.01 -4.43
N THR A 88 11.43 9.50 -4.11
CA THR A 88 12.57 10.29 -3.66
C THR A 88 12.18 11.18 -2.47
N GLY A 89 11.36 10.64 -1.59
CA GLY A 89 10.93 11.38 -0.42
C GLY A 89 9.62 10.86 0.14
N PRO A 90 9.46 10.88 1.48
CA PRO A 90 8.27 10.31 2.16
C PRO A 90 6.96 10.99 1.78
N ASP A 91 7.01 12.28 1.50
CA ASP A 91 5.80 13.02 1.15
C ASP A 91 5.48 12.83 -0.33
N SER A 92 6.46 12.34 -1.06
CA SER A 92 6.29 12.08 -2.47
C SER A 92 6.10 10.59 -2.71
N CYS A 93 5.98 9.85 -1.61
CA CYS A 93 5.78 8.41 -1.68
C CYS A 93 4.37 8.05 -2.04
N LYS A 94 4.26 7.13 -2.97
CA LYS A 94 2.99 6.63 -3.43
C LYS A 94 3.06 5.11 -3.44
N CYS A 95 3.73 4.60 -2.41
CA CYS A 95 3.93 3.18 -2.23
C CYS A 95 3.64 2.80 -0.77
N ASP A 96 3.59 1.50 -0.49
CA ASP A 96 3.28 1.05 0.86
C ASP A 96 4.53 0.70 1.66
N ARG A 97 4.34 0.31 2.92
CA ARG A 97 5.45 0.00 3.83
C ARG A 97 6.11 -1.33 3.50
N SER A 98 5.52 -2.06 2.60
CA SER A 98 6.04 -3.35 2.22
C SER A 98 6.65 -3.26 0.82
N CYS A 99 6.73 -2.05 0.30
CA CYS A 99 7.27 -1.82 -1.04
C CYS A 99 8.78 -2.09 -1.07
N SER A 100 9.34 -2.13 -2.26
CA SER A 100 10.77 -2.41 -2.45
C SER A 100 11.66 -1.33 -1.83
N CYS A 101 11.06 -0.20 -1.49
CA CYS A 101 11.77 0.90 -0.87
C CYS A 101 12.10 0.58 0.59
N LYS A 102 11.33 -0.34 1.18
CA LYS A 102 11.56 -0.75 2.55
C LYS A 102 12.37 -2.02 2.63
N GLY A 1 8.53 1.32 -19.85
CA GLY A 1 7.30 0.49 -19.77
C GLY A 1 7.32 -0.44 -18.56
N SER A 2 8.23 -0.16 -17.64
CA SER A 2 8.34 -0.95 -16.42
C SER A 2 7.16 -0.68 -15.50
N MET A 3 6.21 -1.60 -15.51
CA MET A 3 5.03 -1.48 -14.68
C MET A 3 4.90 -2.70 -13.80
N SER A 4 4.53 -2.48 -12.56
CA SER A 4 4.34 -3.57 -11.62
C SER A 4 3.01 -4.27 -11.90
N SER A 5 3.09 -5.50 -12.39
CA SER A 5 1.91 -6.29 -12.66
C SER A 5 1.22 -6.66 -11.34
N VAL A 6 0.20 -5.91 -11.01
CA VAL A 6 -0.48 -6.03 -9.73
C VAL A 6 -1.55 -7.15 -9.71
N PHE A 7 -2.11 -7.48 -10.85
CA PHE A 7 -3.15 -8.51 -10.88
C PHE A 7 -2.57 -9.88 -11.19
N GLY A 8 -3.21 -10.89 -10.66
CA GLY A 8 -2.77 -12.24 -10.88
C GLY A 8 -3.40 -12.83 -12.12
N ALA A 9 -4.28 -13.77 -11.91
CA ALA A 9 -4.99 -14.42 -12.98
C ALA A 9 -6.45 -14.59 -12.60
N GLY A 10 -6.70 -14.80 -11.32
CA GLY A 10 -8.04 -14.96 -10.86
C GLY A 10 -8.51 -13.82 -9.99
N CYS A 11 -8.20 -12.59 -10.38
CA CYS A 11 -8.69 -11.45 -9.66
C CYS A 11 -10.10 -11.15 -10.08
N THR A 12 -10.86 -10.54 -9.20
CA THR A 12 -12.21 -10.18 -9.51
C THR A 12 -12.23 -8.95 -10.38
N ASP A 13 -13.36 -8.66 -10.96
CA ASP A 13 -13.52 -7.45 -11.76
C ASP A 13 -13.58 -6.27 -10.82
N VAL A 14 -13.82 -6.57 -9.57
CA VAL A 14 -13.88 -5.60 -8.50
C VAL A 14 -12.48 -5.17 -8.11
N CYS A 15 -11.50 -6.03 -8.37
CA CYS A 15 -10.11 -5.71 -8.10
C CYS A 15 -9.58 -4.78 -9.18
N LYS A 16 -10.23 -4.82 -10.35
CA LYS A 16 -9.84 -3.97 -11.46
C LYS A 16 -10.49 -2.59 -11.31
N GLN A 17 -11.19 -2.40 -10.19
CA GLN A 17 -11.81 -1.11 -9.90
C GLN A 17 -10.73 -0.09 -9.54
N THR A 18 -11.15 1.13 -9.27
CA THR A 18 -10.24 2.21 -8.93
C THR A 18 -11.00 3.31 -8.20
N PRO A 19 -10.87 3.40 -6.86
CA PRO A 19 -10.01 2.49 -6.08
C PRO A 19 -10.56 1.08 -6.02
N CYS A 20 -9.72 0.13 -5.60
CA CYS A 20 -10.12 -1.26 -5.54
C CYS A 20 -11.38 -1.43 -4.73
N GLY A 21 -12.34 -2.08 -5.31
CA GLY A 21 -13.62 -2.23 -4.67
C GLY A 21 -13.67 -3.37 -3.69
N CYS A 22 -12.70 -4.29 -3.75
CA CYS A 22 -12.69 -5.46 -2.85
C CYS A 22 -12.66 -5.03 -1.38
N ALA A 23 -12.20 -3.83 -1.12
CA ALA A 23 -12.10 -3.32 0.23
C ALA A 23 -13.47 -3.01 0.83
N THR A 24 -14.45 -2.71 0.00
CA THR A 24 -15.78 -2.39 0.50
C THR A 24 -16.85 -3.34 -0.07
N SER A 25 -16.52 -4.01 -1.16
CA SER A 25 -17.45 -4.92 -1.80
C SER A 25 -17.19 -6.36 -1.37
N GLY A 26 -15.95 -6.64 -1.01
CA GLY A 26 -15.60 -7.97 -0.63
C GLY A 26 -14.62 -8.58 -1.60
N CYS A 27 -13.69 -9.36 -1.09
CA CYS A 27 -12.67 -9.96 -1.90
C CYS A 27 -13.02 -11.41 -2.28
N ASN A 28 -12.50 -11.86 -3.42
CA ASN A 28 -12.74 -13.23 -3.89
C ASN A 28 -11.61 -13.65 -4.85
N CYS A 29 -10.50 -12.91 -4.82
CA CYS A 29 -9.37 -13.18 -5.71
C CYS A 29 -8.64 -14.46 -5.34
N THR A 30 -7.82 -14.93 -6.26
CA THR A 30 -7.00 -16.08 -6.04
C THR A 30 -5.64 -15.63 -5.52
N ASP A 31 -4.79 -16.58 -5.16
CA ASP A 31 -3.46 -16.25 -4.61
C ASP A 31 -2.55 -15.58 -5.65
N ASP A 32 -2.98 -15.59 -6.92
CA ASP A 32 -2.22 -14.96 -7.99
C ASP A 32 -2.24 -13.46 -7.82
N CYS A 33 -3.27 -12.98 -7.11
CA CYS A 33 -3.45 -11.56 -6.85
C CYS A 33 -2.22 -10.97 -6.17
N LYS A 34 -1.81 -9.79 -6.60
CA LYS A 34 -0.66 -9.13 -6.02
C LYS A 34 -1.02 -7.70 -5.60
N CYS A 35 -2.31 -7.43 -5.46
CA CYS A 35 -2.78 -6.09 -5.10
C CYS A 35 -2.59 -5.85 -3.62
N GLN A 36 -2.17 -4.64 -3.28
CA GLN A 36 -1.96 -4.28 -1.90
C GLN A 36 -3.13 -3.45 -1.37
N SER A 37 -4.21 -3.40 -2.15
CA SER A 37 -5.38 -2.64 -1.76
C SER A 37 -6.49 -3.54 -1.23
N CYS A 38 -6.63 -4.75 -1.78
CA CYS A 38 -7.70 -5.64 -1.32
C CYS A 38 -7.18 -6.58 -0.27
N LYS A 39 -5.87 -6.63 -0.18
CA LYS A 39 -5.20 -7.48 0.78
C LYS A 39 -4.90 -6.72 2.06
N TYR A 40 -5.76 -5.76 2.37
CA TYR A 40 -5.63 -4.95 3.57
C TYR A 40 -5.87 -5.80 4.82
N GLY A 41 -5.57 -5.25 5.97
CA GLY A 41 -5.71 -5.99 7.21
C GLY A 41 -4.36 -6.48 7.67
N ALA A 42 -3.61 -7.06 6.76
CA ALA A 42 -2.27 -7.54 7.05
C ALA A 42 -1.27 -6.40 6.90
N GLY A 43 -1.80 -5.20 6.83
CA GLY A 43 -0.99 -4.03 6.66
C GLY A 43 -1.66 -2.77 7.16
N CYS A 44 -2.78 -2.90 7.83
CA CYS A 44 -3.53 -1.74 8.28
C CYS A 44 -4.15 -1.93 9.64
N THR A 45 -4.89 -0.93 10.05
CA THR A 45 -5.61 -0.92 11.27
C THR A 45 -6.87 -0.10 11.09
N ASP A 46 -7.76 -0.17 12.05
CA ASP A 46 -9.01 0.57 11.99
C ASP A 46 -8.75 2.06 12.12
N THR A 47 -7.61 2.39 12.68
CA THR A 47 -7.21 3.76 12.91
C THR A 47 -6.71 4.45 11.62
N CYS A 48 -6.35 3.66 10.63
CA CYS A 48 -5.85 4.22 9.37
C CYS A 48 -6.99 4.54 8.41
N LYS A 49 -8.02 3.69 8.42
CA LYS A 49 -9.15 3.84 7.52
C LYS A 49 -10.15 4.91 7.99
N GLN A 50 -9.79 5.62 9.05
CA GLN A 50 -10.69 6.63 9.62
C GLN A 50 -11.01 7.74 8.62
N THR A 51 -10.04 8.04 7.75
CA THR A 51 -10.19 9.07 6.71
C THR A 51 -10.16 10.49 7.30
N PRO A 52 -9.04 11.22 7.10
CA PRO A 52 -7.89 10.74 6.32
C PRO A 52 -7.15 9.61 7.05
N CYS A 53 -6.74 9.88 8.27
CA CYS A 53 -6.03 8.90 9.05
C CYS A 53 -6.02 9.33 10.51
N GLY A 54 -6.26 8.39 11.41
CA GLY A 54 -6.24 8.70 12.82
C GLY A 54 -5.01 8.15 13.53
N CYS A 55 -4.12 7.49 12.78
CA CYS A 55 -2.92 6.93 13.36
C CYS A 55 -1.95 8.04 13.77
N GLY A 56 -1.28 8.64 12.80
CA GLY A 56 -0.30 9.68 13.08
C GLY A 56 0.83 9.16 13.94
N SER A 57 0.86 9.58 15.19
CA SER A 57 1.87 9.14 16.14
C SER A 57 1.36 7.93 16.93
N GLY A 58 0.10 7.62 16.74
CA GLY A 58 -0.52 6.50 17.40
C GLY A 58 -0.97 5.48 16.40
N CYS A 59 -0.02 4.88 15.76
CA CYS A 59 -0.28 3.92 14.71
C CYS A 59 -0.40 2.50 15.25
N ASN A 60 -1.31 1.74 14.69
CA ASN A 60 -1.54 0.36 15.11
C ASN A 60 -1.66 -0.55 13.91
N CYS A 61 -1.04 -0.17 12.81
CA CYS A 61 -1.07 -0.98 11.60
C CYS A 61 -0.15 -2.19 11.72
N LYS A 62 -0.05 -2.94 10.65
CA LYS A 62 0.79 -4.13 10.65
C LYS A 62 2.15 -3.79 10.08
N GLU A 63 2.22 -3.69 8.76
CA GLU A 63 3.47 -3.37 8.07
C GLU A 63 3.20 -3.09 6.60
N ASP A 64 2.28 -3.85 6.01
CA ASP A 64 1.92 -3.71 4.60
C ASP A 64 0.97 -2.53 4.38
N CYS A 65 1.32 -1.38 4.93
CA CYS A 65 0.51 -0.19 4.79
C CYS A 65 0.99 0.65 3.61
N ARG A 66 0.05 1.29 2.94
CA ARG A 66 0.37 2.14 1.79
C ARG A 66 0.22 3.59 2.13
N CYS A 67 0.15 3.88 3.40
CA CYS A 67 -0.02 5.24 3.83
C CYS A 67 1.31 5.84 4.29
N GLN A 68 1.39 7.17 4.28
CA GLN A 68 2.62 7.86 4.66
C GLN A 68 2.38 8.73 5.88
N SER A 69 1.13 8.79 6.30
CA SER A 69 0.74 9.63 7.41
C SER A 69 1.13 8.98 8.72
N CYS A 70 1.14 7.66 8.73
CA CYS A 70 1.47 6.93 9.94
C CYS A 70 2.74 6.09 9.77
N SER A 71 3.07 5.76 8.54
CA SER A 71 4.27 4.96 8.27
C SER A 71 5.54 5.72 8.59
N THR A 72 6.60 4.98 8.87
CA THR A 72 7.89 5.56 9.21
C THR A 72 8.56 6.17 7.99
N ALA A 73 9.56 6.98 8.24
CA ALA A 73 10.29 7.67 7.21
C ALA A 73 11.03 6.69 6.31
N CYS A 74 10.66 6.67 5.03
CA CYS A 74 11.32 5.84 4.03
C CYS A 74 12.82 6.15 4.02
N LYS A 75 13.64 5.15 3.70
CA LYS A 75 15.09 5.30 3.73
C LYS A 75 15.61 5.95 2.46
N CYS A 76 14.92 6.94 1.99
CA CYS A 76 15.28 7.62 0.77
C CYS A 76 15.37 9.12 0.99
N ALA A 77 16.35 9.75 0.36
CA ALA A 77 16.55 11.20 0.47
C ALA A 77 17.60 11.69 -0.50
N ALA A 78 17.29 12.77 -1.21
CA ALA A 78 18.23 13.41 -2.16
C ALA A 78 18.82 12.39 -3.16
N GLY A 79 17.96 11.70 -3.88
CA GLY A 79 18.43 10.76 -4.90
C GLY A 79 18.76 9.38 -4.33
N SER A 80 18.65 9.21 -3.03
CA SER A 80 18.99 7.95 -2.38
C SER A 80 17.81 6.96 -2.37
N CYS A 81 16.94 7.09 -3.37
CA CYS A 81 15.81 6.17 -3.51
C CYS A 81 16.31 4.78 -3.90
N LYS A 82 15.83 3.76 -3.22
CA LYS A 82 16.34 2.41 -3.45
C LYS A 82 15.22 1.36 -3.52
N CYS A 83 14.02 1.81 -3.77
CA CYS A 83 12.88 0.90 -3.86
C CYS A 83 12.29 0.89 -5.27
N GLY A 84 12.74 1.82 -6.10
CA GLY A 84 12.26 1.88 -7.46
C GLY A 84 11.01 2.72 -7.55
N LYS A 85 10.72 3.42 -6.48
CA LYS A 85 9.55 4.27 -6.43
C LYS A 85 9.87 5.65 -7.00
N GLY A 86 11.11 6.05 -6.86
CA GLY A 86 11.53 7.35 -7.36
C GLY A 86 10.96 8.48 -6.56
N CYS A 87 10.99 8.35 -5.25
CA CYS A 87 10.41 9.34 -4.37
C CYS A 87 11.48 10.16 -3.67
N THR A 88 12.56 9.50 -3.28
CA THR A 88 13.74 10.12 -2.66
C THR A 88 13.41 10.96 -1.41
N GLY A 89 12.41 10.53 -0.65
CA GLY A 89 12.05 11.26 0.56
C GLY A 89 10.72 10.82 1.10
N PRO A 90 10.58 10.66 2.43
CA PRO A 90 9.33 10.18 3.04
C PRO A 90 8.16 11.17 2.89
N ASP A 91 8.48 12.39 2.49
CA ASP A 91 7.46 13.42 2.32
C ASP A 91 7.03 13.53 0.85
N SER A 92 7.72 12.80 0.00
CA SER A 92 7.44 12.86 -1.43
C SER A 92 6.93 11.52 -1.94
N CYS A 93 7.07 10.48 -1.14
CA CYS A 93 6.68 9.16 -1.54
C CYS A 93 5.23 8.88 -1.19
N LYS A 94 4.67 7.89 -1.85
CA LYS A 94 3.32 7.45 -1.62
C LYS A 94 3.24 5.94 -1.85
N CYS A 95 4.31 5.25 -1.43
CA CYS A 95 4.41 3.81 -1.62
C CYS A 95 4.02 3.05 -0.35
N ASP A 96 4.41 1.79 -0.27
CA ASP A 96 4.10 0.94 0.85
C ASP A 96 5.33 0.67 1.71
N ARG A 97 5.13 0.02 2.84
CA ARG A 97 6.21 -0.29 3.77
C ARG A 97 6.75 -1.68 3.52
N SER A 98 6.34 -2.26 2.45
CA SER A 98 6.75 -3.58 2.10
C SER A 98 7.63 -3.56 0.86
N CYS A 99 8.04 -2.35 0.46
CA CYS A 99 8.87 -2.17 -0.66
C CYS A 99 10.21 -2.86 -0.43
N SER A 100 10.92 -3.17 -1.51
CA SER A 100 12.20 -3.86 -1.43
C SER A 100 13.28 -2.96 -0.83
N CYS A 101 12.84 -1.92 -0.15
CA CYS A 101 13.70 -0.97 0.46
C CYS A 101 13.62 -1.06 1.99
N LYS A 102 12.41 -1.26 2.53
CA LYS A 102 12.23 -1.33 3.98
C LYS A 102 13.05 -2.48 4.57
#